data_3E3V
# 
_entry.id   3E3V 
# 
_audit_conform.dict_name       mmcif_pdbx.dic 
_audit_conform.dict_version    5.387 
_audit_conform.dict_location   http://mmcif.pdb.org/dictionaries/ascii/mmcif_pdbx.dic 
# 
loop_
_database_2.database_id 
_database_2.database_code 
_database_2.pdbx_database_accession 
_database_2.pdbx_DOI 
PDB   3E3V         pdb_00003e3v 10.2210/pdb3e3v/pdb 
RCSB  RCSB048841   ?            ?                   
WWPDB D_1000048841 ?            ?                   
# 
loop_
_pdbx_audit_revision_history.ordinal 
_pdbx_audit_revision_history.data_content_type 
_pdbx_audit_revision_history.major_revision 
_pdbx_audit_revision_history.minor_revision 
_pdbx_audit_revision_history.revision_date 
1 'Structure model' 1 0 2008-09-02 
2 'Structure model' 1 1 2011-07-13 
3 'Structure model' 1 2 2017-10-25 
4 'Structure model' 1 3 2021-02-10 
5 'Structure model' 1 4 2024-02-21 
# 
_pdbx_audit_revision_details.ordinal             1 
_pdbx_audit_revision_details.revision_ordinal    1 
_pdbx_audit_revision_details.data_content_type   'Structure model' 
_pdbx_audit_revision_details.provider            repository 
_pdbx_audit_revision_details.type                'Initial release' 
_pdbx_audit_revision_details.description         ? 
_pdbx_audit_revision_details.details             ? 
# 
loop_
_pdbx_audit_revision_group.ordinal 
_pdbx_audit_revision_group.revision_ordinal 
_pdbx_audit_revision_group.data_content_type 
_pdbx_audit_revision_group.group 
1 2 'Structure model' 'Source and taxonomy'       
2 2 'Structure model' 'Version format compliance' 
3 3 'Structure model' 'Refinement description'    
4 4 'Structure model' 'Database references'       
5 4 'Structure model' 'Structure summary'         
6 5 'Structure model' 'Data collection'           
7 5 'Structure model' 'Database references'       
# 
loop_
_pdbx_audit_revision_category.ordinal 
_pdbx_audit_revision_category.revision_ordinal 
_pdbx_audit_revision_category.data_content_type 
_pdbx_audit_revision_category.category 
1 3 'Structure model' software        
2 4 'Structure model' audit_author    
3 4 'Structure model' citation_author 
4 5 'Structure model' chem_comp_atom  
5 5 'Structure model' chem_comp_bond  
6 5 'Structure model' database_2      
# 
loop_
_pdbx_audit_revision_item.ordinal 
_pdbx_audit_revision_item.revision_ordinal 
_pdbx_audit_revision_item.data_content_type 
_pdbx_audit_revision_item.item 
1 3 'Structure model' '_software.classification'            
2 3 'Structure model' '_software.name'                      
3 4 'Structure model' '_audit_author.identifier_ORCID'      
4 4 'Structure model' '_citation_author.identifier_ORCID'   
5 5 'Structure model' '_database_2.pdbx_DOI'                
6 5 'Structure model' '_database_2.pdbx_database_accession' 
# 
_pdbx_database_status.status_code                     REL 
_pdbx_database_status.entry_id                        3E3V 
_pdbx_database_status.recvd_initial_deposition_date   2008-08-08 
_pdbx_database_status.deposit_site                    RCSB 
_pdbx_database_status.process_site                    RCSB 
_pdbx_database_status.status_code_sf                  REL 
_pdbx_database_status.status_code_mr                  ? 
_pdbx_database_status.SG_entry                        Y 
_pdbx_database_status.pdb_format_compatible           Y 
_pdbx_database_status.status_code_cs                  ? 
_pdbx_database_status.methods_development_category    ? 
_pdbx_database_status.status_code_nmr_data            ? 
# 
_pdbx_database_related.db_name        TargetDB 
_pdbx_database_related.db_id          NYSGXRC-10123p 
_pdbx_database_related.details        . 
_pdbx_database_related.content_type   unspecified 
# 
loop_
_audit_author.name 
_audit_author.pdbx_ordinal 
_audit_author.identifier_ORCID 
'Agarwal, R.'                                                    1 ?                   
'Burley, S.K.'                                                   2 0000-0002-2487-9713 
'Swaminathan, S.'                                                3 ?                   
'New York SGX Research Center for Structural Genomics (NYSGXRC)' 4 ?                   
# 
_citation.id                        primary 
_citation.title                     'Crystal structure of RecX' 
_citation.journal_abbrev            'To be Published' 
_citation.journal_volume            ? 
_citation.page_first                ? 
_citation.page_last                 ? 
_citation.year                      ? 
_citation.journal_id_ASTM           ? 
_citation.country                   ? 
_citation.journal_id_ISSN           ? 
_citation.journal_id_CSD            0353 
_citation.book_publisher            ? 
_citation.pdbx_database_id_PubMed   ? 
_citation.pdbx_database_id_DOI      ? 
# 
loop_
_citation_author.citation_id 
_citation_author.name 
_citation_author.ordinal 
_citation_author.identifier_ORCID 
primary 'Agarwal, R.'     1 ?                   
primary 'Burley, S.K.'    2 0000-0002-2487-9713 
primary 'Swaminathan, S.' 3 ?                   
# 
loop_
_entity.id 
_entity.type 
_entity.src_method 
_entity.pdbx_description 
_entity.formula_weight 
_entity.pdbx_number_of_molecules 
_entity.pdbx_ec 
_entity.pdbx_mutation 
_entity.pdbx_fragment 
_entity.details 
1 polymer man 'Regulatory protein recX' 20597.223 1  ? ? ? ? 
2 water   nat water                     18.015    50 ? ? ? ? 
# 
_entity_poly.entity_id                      1 
_entity_poly.type                           'polypeptide(L)' 
_entity_poly.nstd_linkage                   no 
_entity_poly.nstd_monomer                   no 
_entity_poly.pdbx_seq_one_letter_code       
;MSLDENLIEEIKLADDISKGYNAALNYLSYQLRTRKEVEDKLRSLDIHEDYISEIINKLIDLDLINDKNYAESYVRTMMN
TSDKGPKVIKLNLSKKGIDDNIAEDALILYTDKLQVEKGVTLAEKLANRYSHDSYRNKQNKIKQSLLTKGFSYDIIDTII
QELDLIFDDEGHHHHHH
;
_entity_poly.pdbx_seq_one_letter_code_can   
;MSLDENLIEEIKLADDISKGYNAALNYLSYQLRTRKEVEDKLRSLDIHEDYISEIINKLIDLDLINDKNYAESYVRTMMN
TSDKGPKVIKLNLSKKGIDDNIAEDALILYTDKLQVEKGVTLAEKLANRYSHDSYRNKQNKIKQSLLTKGFSYDIIDTII
QELDLIFDDEGHHHHHH
;
_entity_poly.pdbx_strand_id                 A 
_entity_poly.pdbx_target_identifier         NYSGXRC-10123p 
# 
_pdbx_entity_nonpoly.entity_id   2 
_pdbx_entity_nonpoly.name        water 
_pdbx_entity_nonpoly.comp_id     HOH 
# 
loop_
_entity_poly_seq.entity_id 
_entity_poly_seq.num 
_entity_poly_seq.mon_id 
_entity_poly_seq.hetero 
1 1   MET n 
1 2   SER n 
1 3   LEU n 
1 4   ASP n 
1 5   GLU n 
1 6   ASN n 
1 7   LEU n 
1 8   ILE n 
1 9   GLU n 
1 10  GLU n 
1 11  ILE n 
1 12  LYS n 
1 13  LEU n 
1 14  ALA n 
1 15  ASP n 
1 16  ASP n 
1 17  ILE n 
1 18  SER n 
1 19  LYS n 
1 20  GLY n 
1 21  TYR n 
1 22  ASN n 
1 23  ALA n 
1 24  ALA n 
1 25  LEU n 
1 26  ASN n 
1 27  TYR n 
1 28  LEU n 
1 29  SER n 
1 30  TYR n 
1 31  GLN n 
1 32  LEU n 
1 33  ARG n 
1 34  THR n 
1 35  ARG n 
1 36  LYS n 
1 37  GLU n 
1 38  VAL n 
1 39  GLU n 
1 40  ASP n 
1 41  LYS n 
1 42  LEU n 
1 43  ARG n 
1 44  SER n 
1 45  LEU n 
1 46  ASP n 
1 47  ILE n 
1 48  HIS n 
1 49  GLU n 
1 50  ASP n 
1 51  TYR n 
1 52  ILE n 
1 53  SER n 
1 54  GLU n 
1 55  ILE n 
1 56  ILE n 
1 57  ASN n 
1 58  LYS n 
1 59  LEU n 
1 60  ILE n 
1 61  ASP n 
1 62  LEU n 
1 63  ASP n 
1 64  LEU n 
1 65  ILE n 
1 66  ASN n 
1 67  ASP n 
1 68  LYS n 
1 69  ASN n 
1 70  TYR n 
1 71  ALA n 
1 72  GLU n 
1 73  SER n 
1 74  TYR n 
1 75  VAL n 
1 76  ARG n 
1 77  THR n 
1 78  MET n 
1 79  MET n 
1 80  ASN n 
1 81  THR n 
1 82  SER n 
1 83  ASP n 
1 84  LYS n 
1 85  GLY n 
1 86  PRO n 
1 87  LYS n 
1 88  VAL n 
1 89  ILE n 
1 90  LYS n 
1 91  LEU n 
1 92  ASN n 
1 93  LEU n 
1 94  SER n 
1 95  LYS n 
1 96  LYS n 
1 97  GLY n 
1 98  ILE n 
1 99  ASP n 
1 100 ASP n 
1 101 ASN n 
1 102 ILE n 
1 103 ALA n 
1 104 GLU n 
1 105 ASP n 
1 106 ALA n 
1 107 LEU n 
1 108 ILE n 
1 109 LEU n 
1 110 TYR n 
1 111 THR n 
1 112 ASP n 
1 113 LYS n 
1 114 LEU n 
1 115 GLN n 
1 116 VAL n 
1 117 GLU n 
1 118 LYS n 
1 119 GLY n 
1 120 VAL n 
1 121 THR n 
1 122 LEU n 
1 123 ALA n 
1 124 GLU n 
1 125 LYS n 
1 126 LEU n 
1 127 ALA n 
1 128 ASN n 
1 129 ARG n 
1 130 TYR n 
1 131 SER n 
1 132 HIS n 
1 133 ASP n 
1 134 SER n 
1 135 TYR n 
1 136 ARG n 
1 137 ASN n 
1 138 LYS n 
1 139 GLN n 
1 140 ASN n 
1 141 LYS n 
1 142 ILE n 
1 143 LYS n 
1 144 GLN n 
1 145 SER n 
1 146 LEU n 
1 147 LEU n 
1 148 THR n 
1 149 LYS n 
1 150 GLY n 
1 151 PHE n 
1 152 SER n 
1 153 TYR n 
1 154 ASP n 
1 155 ILE n 
1 156 ILE n 
1 157 ASP n 
1 158 THR n 
1 159 ILE n 
1 160 ILE n 
1 161 GLN n 
1 162 GLU n 
1 163 LEU n 
1 164 ASP n 
1 165 LEU n 
1 166 ILE n 
1 167 PHE n 
1 168 ASP n 
1 169 ASP n 
1 170 GLU n 
1 171 GLY n 
1 172 HIS n 
1 173 HIS n 
1 174 HIS n 
1 175 HIS n 
1 176 HIS n 
1 177 HIS n 
# 
_entity_src_gen.entity_id                          1 
_entity_src_gen.pdbx_src_id                        1 
_entity_src_gen.pdbx_alt_source_flag               sample 
_entity_src_gen.pdbx_seq_type                      ? 
_entity_src_gen.pdbx_beg_seq_num                   ? 
_entity_src_gen.pdbx_end_seq_num                   ? 
_entity_src_gen.gene_src_common_name               ? 
_entity_src_gen.gene_src_genus                     ? 
_entity_src_gen.pdbx_gene_src_gene                 LSL_0368 
_entity_src_gen.gene_src_species                   ? 
_entity_src_gen.gene_src_strain                    UCC118 
_entity_src_gen.gene_src_tissue                    ? 
_entity_src_gen.gene_src_tissue_fraction           ? 
_entity_src_gen.gene_src_details                   ? 
_entity_src_gen.pdbx_gene_src_fragment             ? 
_entity_src_gen.pdbx_gene_src_scientific_name      'Lactobacillus salivarius' 
_entity_src_gen.pdbx_gene_src_ncbi_taxonomy_id     362948 
_entity_src_gen.pdbx_gene_src_variant              ? 
_entity_src_gen.pdbx_gene_src_cell_line            ? 
_entity_src_gen.pdbx_gene_src_atcc                 ? 
_entity_src_gen.pdbx_gene_src_organ                ? 
_entity_src_gen.pdbx_gene_src_organelle            ? 
_entity_src_gen.pdbx_gene_src_cell                 ? 
_entity_src_gen.pdbx_gene_src_cellular_location    ? 
_entity_src_gen.host_org_common_name               ? 
_entity_src_gen.pdbx_host_org_scientific_name      'Escherichia coli' 
_entity_src_gen.pdbx_host_org_ncbi_taxonomy_id     562 
_entity_src_gen.host_org_genus                     ? 
_entity_src_gen.pdbx_host_org_gene                 ? 
_entity_src_gen.pdbx_host_org_organ                ? 
_entity_src_gen.host_org_species                   ? 
_entity_src_gen.pdbx_host_org_tissue               ? 
_entity_src_gen.pdbx_host_org_tissue_fraction      ? 
_entity_src_gen.pdbx_host_org_strain               'BL21 (DE3) RIPL' 
_entity_src_gen.pdbx_host_org_variant              ? 
_entity_src_gen.pdbx_host_org_cell_line            ? 
_entity_src_gen.pdbx_host_org_atcc                 ? 
_entity_src_gen.pdbx_host_org_culture_collection   ? 
_entity_src_gen.pdbx_host_org_cell                 ? 
_entity_src_gen.pdbx_host_org_organelle            ? 
_entity_src_gen.pdbx_host_org_cellular_location    ? 
_entity_src_gen.pdbx_host_org_vector_type          plasmid 
_entity_src_gen.pdbx_host_org_vector               ? 
_entity_src_gen.host_org_details                   ? 
_entity_src_gen.expression_system_id               ? 
_entity_src_gen.plasmid_name                       'pSGX3(BC)' 
_entity_src_gen.plasmid_details                    ? 
_entity_src_gen.pdbx_description                   ? 
# 
loop_
_chem_comp.id 
_chem_comp.type 
_chem_comp.mon_nstd_flag 
_chem_comp.name 
_chem_comp.pdbx_synonyms 
_chem_comp.formula 
_chem_comp.formula_weight 
ALA 'L-peptide linking' y ALANINE         ? 'C3 H7 N O2'     89.093  
ARG 'L-peptide linking' y ARGININE        ? 'C6 H15 N4 O2 1' 175.209 
ASN 'L-peptide linking' y ASPARAGINE      ? 'C4 H8 N2 O3'    132.118 
ASP 'L-peptide linking' y 'ASPARTIC ACID' ? 'C4 H7 N O4'     133.103 
GLN 'L-peptide linking' y GLUTAMINE       ? 'C5 H10 N2 O3'   146.144 
GLU 'L-peptide linking' y 'GLUTAMIC ACID' ? 'C5 H9 N O4'     147.129 
GLY 'peptide linking'   y GLYCINE         ? 'C2 H5 N O2'     75.067  
HIS 'L-peptide linking' y HISTIDINE       ? 'C6 H10 N3 O2 1' 156.162 
HOH non-polymer         . WATER           ? 'H2 O'           18.015  
ILE 'L-peptide linking' y ISOLEUCINE      ? 'C6 H13 N O2'    131.173 
LEU 'L-peptide linking' y LEUCINE         ? 'C6 H13 N O2'    131.173 
LYS 'L-peptide linking' y LYSINE          ? 'C6 H15 N2 O2 1' 147.195 
MET 'L-peptide linking' y METHIONINE      ? 'C5 H11 N O2 S'  149.211 
PHE 'L-peptide linking' y PHENYLALANINE   ? 'C9 H11 N O2'    165.189 
PRO 'L-peptide linking' y PROLINE         ? 'C5 H9 N O2'     115.130 
SER 'L-peptide linking' y SERINE          ? 'C3 H7 N O3'     105.093 
THR 'L-peptide linking' y THREONINE       ? 'C4 H9 N O3'     119.119 
TYR 'L-peptide linking' y TYROSINE        ? 'C9 H11 N O3'    181.189 
VAL 'L-peptide linking' y VALINE          ? 'C5 H11 N O2'    117.146 
# 
loop_
_pdbx_poly_seq_scheme.asym_id 
_pdbx_poly_seq_scheme.entity_id 
_pdbx_poly_seq_scheme.seq_id 
_pdbx_poly_seq_scheme.mon_id 
_pdbx_poly_seq_scheme.ndb_seq_num 
_pdbx_poly_seq_scheme.pdb_seq_num 
_pdbx_poly_seq_scheme.auth_seq_num 
_pdbx_poly_seq_scheme.pdb_mon_id 
_pdbx_poly_seq_scheme.auth_mon_id 
_pdbx_poly_seq_scheme.pdb_strand_id 
_pdbx_poly_seq_scheme.pdb_ins_code 
_pdbx_poly_seq_scheme.hetero 
A 1 1   MET 1   43  ?   ?   ?   A . n 
A 1 2   SER 2   44  ?   ?   ?   A . n 
A 1 3   LEU 3   45  ?   ?   ?   A . n 
A 1 4   ASP 4   46  ?   ?   ?   A . n 
A 1 5   GLU 5   47  ?   ?   ?   A . n 
A 1 6   ASN 6   48  ?   ?   ?   A . n 
A 1 7   LEU 7   49  ?   ?   ?   A . n 
A 1 8   ILE 8   50  ?   ?   ?   A . n 
A 1 9   GLU 9   51  ?   ?   ?   A . n 
A 1 10  GLU 10  52  ?   ?   ?   A . n 
A 1 11  ILE 11  53  ?   ?   ?   A . n 
A 1 12  LYS 12  54  ?   ?   ?   A . n 
A 1 13  LEU 13  55  55  LEU LEU A . n 
A 1 14  ALA 14  56  56  ALA ALA A . n 
A 1 15  ASP 15  57  57  ASP ASP A . n 
A 1 16  ASP 16  58  58  ASP ASP A . n 
A 1 17  ILE 17  59  59  ILE ILE A . n 
A 1 18  SER 18  60  60  SER SER A . n 
A 1 19  LYS 19  61  61  LYS LYS A . n 
A 1 20  GLY 20  62  62  GLY GLY A . n 
A 1 21  TYR 21  63  63  TYR TYR A . n 
A 1 22  ASN 22  64  64  ASN ASN A . n 
A 1 23  ALA 23  65  65  ALA ALA A . n 
A 1 24  ALA 24  66  66  ALA ALA A . n 
A 1 25  LEU 25  67  67  LEU LEU A . n 
A 1 26  ASN 26  68  68  ASN ASN A . n 
A 1 27  TYR 27  69  69  TYR TYR A . n 
A 1 28  LEU 28  70  70  LEU LEU A . n 
A 1 29  SER 29  71  71  SER SER A . n 
A 1 30  TYR 30  72  72  TYR ALA A . n 
A 1 31  GLN 31  73  73  GLN GLN A . n 
A 1 32  LEU 32  74  74  LEU LEU A . n 
A 1 33  ARG 33  75  75  ARG ARG A . n 
A 1 34  THR 34  76  76  THR THR A . n 
A 1 35  ARG 35  77  77  ARG ARG A . n 
A 1 36  LYS 36  78  78  LYS LYS A . n 
A 1 37  GLU 37  79  79  GLU GLU A . n 
A 1 38  VAL 38  80  80  VAL VAL A . n 
A 1 39  GLU 39  81  81  GLU GLU A . n 
A 1 40  ASP 40  82  82  ASP ASP A . n 
A 1 41  LYS 41  83  83  LYS LYS A . n 
A 1 42  LEU 42  84  84  LEU LEU A . n 
A 1 43  ARG 43  85  85  ARG ARG A . n 
A 1 44  SER 44  86  86  SER SER A . n 
A 1 45  LEU 45  87  87  LEU LEU A . n 
A 1 46  ASP 46  88  88  ASP ASP A . n 
A 1 47  ILE 47  89  89  ILE ILE A . n 
A 1 48  HIS 48  90  90  HIS HIS A . n 
A 1 49  GLU 49  91  91  GLU GLU A . n 
A 1 50  ASP 50  92  92  ASP ASP A . n 
A 1 51  TYR 51  93  93  TYR TYR A . n 
A 1 52  ILE 52  94  94  ILE ILE A . n 
A 1 53  SER 53  95  95  SER SER A . n 
A 1 54  GLU 54  96  96  GLU GLU A . n 
A 1 55  ILE 55  97  97  ILE ILE A . n 
A 1 56  ILE 56  98  98  ILE ILE A . n 
A 1 57  ASN 57  99  99  ASN ASN A . n 
A 1 58  LYS 58  100 100 LYS LYS A . n 
A 1 59  LEU 59  101 101 LEU LEU A . n 
A 1 60  ILE 60  102 102 ILE ILE A . n 
A 1 61  ASP 61  103 103 ASP ASP A . n 
A 1 62  LEU 62  104 104 LEU LEU A . n 
A 1 63  ASP 63  105 105 ASP ASP A . n 
A 1 64  LEU 64  106 106 LEU LEU A . n 
A 1 65  ILE 65  107 107 ILE ILE A . n 
A 1 66  ASN 66  108 108 ASN ASN A . n 
A 1 67  ASP 67  109 109 ASP ASP A . n 
A 1 68  LYS 68  110 110 LYS LYS A . n 
A 1 69  ASN 69  111 111 ASN ASN A . n 
A 1 70  TYR 70  112 112 TYR TYR A . n 
A 1 71  ALA 71  113 113 ALA ALA A . n 
A 1 72  GLU 72  114 114 GLU GLU A . n 
A 1 73  SER 73  115 115 SER SER A . n 
A 1 74  TYR 74  116 116 TYR TYR A . n 
A 1 75  VAL 75  117 117 VAL VAL A . n 
A 1 76  ARG 76  118 118 ARG ARG A . n 
A 1 77  THR 77  119 119 THR THR A . n 
A 1 78  MET 78  120 120 MET MET A . n 
A 1 79  MET 79  121 121 MET MET A . n 
A 1 80  ASN 80  122 122 ASN ASN A . n 
A 1 81  THR 81  123 123 THR THR A . n 
A 1 82  SER 82  124 124 SER SER A . n 
A 1 83  ASP 83  125 125 ASP ASP A . n 
A 1 84  LYS 84  126 126 LYS LYS A . n 
A 1 85  GLY 85  127 127 GLY GLY A . n 
A 1 86  PRO 86  128 128 PRO PRO A . n 
A 1 87  LYS 87  129 129 LYS LYS A . n 
A 1 88  VAL 88  130 130 VAL VAL A . n 
A 1 89  ILE 89  131 131 ILE ILE A . n 
A 1 90  LYS 90  132 132 LYS LYS A . n 
A 1 91  LEU 91  133 133 LEU LEU A . n 
A 1 92  ASN 92  134 134 ASN ASN A . n 
A 1 93  LEU 93  135 135 LEU LEU A . n 
A 1 94  SER 94  136 136 SER SER A . n 
A 1 95  LYS 95  137 137 LYS LYS A . n 
A 1 96  LYS 96  138 138 LYS LYS A . n 
A 1 97  GLY 97  139 139 GLY GLY A . n 
A 1 98  ILE 98  140 140 ILE ILE A . n 
A 1 99  ASP 99  141 141 ASP ASP A . n 
A 1 100 ASP 100 142 142 ASP ASP A . n 
A 1 101 ASN 101 143 143 ASN ASN A . n 
A 1 102 ILE 102 144 144 ILE ILE A . n 
A 1 103 ALA 103 145 145 ALA ALA A . n 
A 1 104 GLU 104 146 146 GLU GLU A . n 
A 1 105 ASP 105 147 147 ASP ASP A . n 
A 1 106 ALA 106 148 148 ALA ALA A . n 
A 1 107 LEU 107 149 149 LEU LEU A . n 
A 1 108 ILE 108 150 150 ILE ILE A . n 
A 1 109 LEU 109 151 151 LEU LEU A . n 
A 1 110 TYR 110 152 152 TYR TYR A . n 
A 1 111 THR 111 153 153 THR THR A . n 
A 1 112 ASP 112 154 154 ASP ASP A . n 
A 1 113 LYS 113 155 155 LYS LYS A . n 
A 1 114 LEU 114 156 156 LEU LEU A . n 
A 1 115 GLN 115 157 157 GLN GLN A . n 
A 1 116 VAL 116 158 158 VAL VAL A . n 
A 1 117 GLU 117 159 159 GLU GLU A . n 
A 1 118 LYS 118 160 160 LYS LYS A . n 
A 1 119 GLY 119 161 161 GLY GLY A . n 
A 1 120 VAL 120 162 162 VAL VAL A . n 
A 1 121 THR 121 163 163 THR THR A . n 
A 1 122 LEU 122 164 164 LEU LEU A . n 
A 1 123 ALA 123 165 165 ALA ALA A . n 
A 1 124 GLU 124 166 166 GLU GLU A . n 
A 1 125 LYS 125 167 167 LYS LYS A . n 
A 1 126 LEU 126 168 168 LEU LEU A . n 
A 1 127 ALA 127 169 169 ALA ALA A . n 
A 1 128 ASN 128 170 170 ASN ASN A . n 
A 1 129 ARG 129 171 171 ARG ARG A . n 
A 1 130 TYR 130 172 172 TYR TYR A . n 
A 1 131 SER 131 173 173 SER SER A . n 
A 1 132 HIS 132 174 174 HIS HIS A . n 
A 1 133 ASP 133 175 175 ASP ASP A . n 
A 1 134 SER 134 176 176 SER SER A . n 
A 1 135 TYR 135 177 177 TYR TYR A . n 
A 1 136 ARG 136 178 178 ARG ARG A . n 
A 1 137 ASN 137 179 179 ASN ASN A . n 
A 1 138 LYS 138 180 180 LYS LYS A . n 
A 1 139 GLN 139 181 181 GLN GLN A . n 
A 1 140 ASN 140 182 182 ASN ASN A . n 
A 1 141 LYS 141 183 183 LYS LYS A . n 
A 1 142 ILE 142 184 184 ILE ILE A . n 
A 1 143 LYS 143 185 185 LYS LYS A . n 
A 1 144 GLN 144 186 186 GLN GLN A . n 
A 1 145 SER 145 187 187 SER SER A . n 
A 1 146 LEU 146 188 188 LEU LEU A . n 
A 1 147 LEU 147 189 189 LEU LEU A . n 
A 1 148 THR 148 190 190 THR THR A . n 
A 1 149 LYS 149 191 191 LYS LYS A . n 
A 1 150 GLY 150 192 192 GLY GLY A . n 
A 1 151 PHE 151 193 193 PHE PHE A . n 
A 1 152 SER 152 194 194 SER SER A . n 
A 1 153 TYR 153 195 195 TYR TYR A . n 
A 1 154 ASP 154 196 196 ASP ASP A . n 
A 1 155 ILE 155 197 197 ILE ILE A . n 
A 1 156 ILE 156 198 198 ILE ILE A . n 
A 1 157 ASP 157 199 199 ASP ASP A . n 
A 1 158 THR 158 200 200 THR THR A . n 
A 1 159 ILE 159 201 201 ILE ILE A . n 
A 1 160 ILE 160 202 202 ILE ILE A . n 
A 1 161 GLN 161 203 203 GLN GLN A . n 
A 1 162 GLU 162 204 204 GLU GLU A . n 
A 1 163 LEU 163 205 205 LEU LEU A . n 
A 1 164 ASP 164 206 206 ASP ASP A . n 
A 1 165 LEU 165 207 207 LEU LEU A . n 
A 1 166 ILE 166 208 208 ILE ALA A . n 
A 1 167 PHE 167 209 ?   ?   ?   A . n 
A 1 168 ASP 168 210 ?   ?   ?   A . n 
A 1 169 ASP 169 211 ?   ?   ?   A . n 
A 1 170 GLU 170 212 ?   ?   ?   A . n 
A 1 171 GLY 171 213 ?   ?   ?   A . n 
A 1 172 HIS 172 214 ?   ?   ?   A . n 
A 1 173 HIS 173 215 ?   ?   ?   A . n 
A 1 174 HIS 174 216 ?   ?   ?   A . n 
A 1 175 HIS 175 217 ?   ?   ?   A . n 
A 1 176 HIS 176 218 ?   ?   ?   A . n 
A 1 177 HIS 177 219 ?   ?   ?   A . n 
# 
loop_
_pdbx_nonpoly_scheme.asym_id 
_pdbx_nonpoly_scheme.entity_id 
_pdbx_nonpoly_scheme.mon_id 
_pdbx_nonpoly_scheme.ndb_seq_num 
_pdbx_nonpoly_scheme.pdb_seq_num 
_pdbx_nonpoly_scheme.auth_seq_num 
_pdbx_nonpoly_scheme.pdb_mon_id 
_pdbx_nonpoly_scheme.auth_mon_id 
_pdbx_nonpoly_scheme.pdb_strand_id 
_pdbx_nonpoly_scheme.pdb_ins_code 
B 2 HOH 1  220 1  HOH TIP A . 
B 2 HOH 2  221 2  HOH TIP A . 
B 2 HOH 3  222 3  HOH TIP A . 
B 2 HOH 4  223 4  HOH TIP A . 
B 2 HOH 5  224 5  HOH TIP A . 
B 2 HOH 6  225 6  HOH TIP A . 
B 2 HOH 7  226 7  HOH TIP A . 
B 2 HOH 8  227 8  HOH TIP A . 
B 2 HOH 9  228 9  HOH TIP A . 
B 2 HOH 10 229 11 HOH TIP A . 
B 2 HOH 11 230 12 HOH TIP A . 
B 2 HOH 12 231 13 HOH TIP A . 
B 2 HOH 13 232 14 HOH TIP A . 
B 2 HOH 14 233 15 HOH TIP A . 
B 2 HOH 15 234 16 HOH TIP A . 
B 2 HOH 16 235 17 HOH TIP A . 
B 2 HOH 17 236 18 HOH TIP A . 
B 2 HOH 18 237 19 HOH TIP A . 
B 2 HOH 19 238 20 HOH TIP A . 
B 2 HOH 20 239 21 HOH TIP A . 
B 2 HOH 21 240 22 HOH TIP A . 
B 2 HOH 22 241 24 HOH TIP A . 
B 2 HOH 23 242 25 HOH TIP A . 
B 2 HOH 24 243 26 HOH TIP A . 
B 2 HOH 25 244 28 HOH TIP A . 
B 2 HOH 26 245 29 HOH TIP A . 
B 2 HOH 27 246 30 HOH TIP A . 
B 2 HOH 28 247 32 HOH TIP A . 
B 2 HOH 29 248 33 HOH TIP A . 
B 2 HOH 30 249 35 HOH TIP A . 
B 2 HOH 31 250 37 HOH TIP A . 
B 2 HOH 32 251 38 HOH TIP A . 
B 2 HOH 33 252 40 HOH TIP A . 
B 2 HOH 34 253 42 HOH TIP A . 
B 2 HOH 35 254 43 HOH TIP A . 
B 2 HOH 36 255 45 HOH TIP A . 
B 2 HOH 37 256 47 HOH TIP A . 
B 2 HOH 38 257 48 HOH TIP A . 
B 2 HOH 39 258 50 HOH TIP A . 
B 2 HOH 40 259 51 HOH TIP A . 
B 2 HOH 41 260 52 HOH TIP A . 
B 2 HOH 42 261 57 HOH TIP A . 
B 2 HOH 43 262 59 HOH TIP A . 
B 2 HOH 44 263 60 HOH TIP A . 
B 2 HOH 45 264 61 HOH TIP A . 
B 2 HOH 46 265 62 HOH TIP A . 
B 2 HOH 47 266 64 HOH TIP A . 
B 2 HOH 48 267 65 HOH TIP A . 
B 2 HOH 49 268 69 HOH TIP A . 
B 2 HOH 50 269 70 HOH TIP A . 
# 
loop_
_pdbx_unobs_or_zero_occ_atoms.id 
_pdbx_unobs_or_zero_occ_atoms.PDB_model_num 
_pdbx_unobs_or_zero_occ_atoms.polymer_flag 
_pdbx_unobs_or_zero_occ_atoms.occupancy_flag 
_pdbx_unobs_or_zero_occ_atoms.auth_asym_id 
_pdbx_unobs_or_zero_occ_atoms.auth_comp_id 
_pdbx_unobs_or_zero_occ_atoms.auth_seq_id 
_pdbx_unobs_or_zero_occ_atoms.PDB_ins_code 
_pdbx_unobs_or_zero_occ_atoms.auth_atom_id 
_pdbx_unobs_or_zero_occ_atoms.label_alt_id 
_pdbx_unobs_or_zero_occ_atoms.label_asym_id 
_pdbx_unobs_or_zero_occ_atoms.label_comp_id 
_pdbx_unobs_or_zero_occ_atoms.label_seq_id 
_pdbx_unobs_or_zero_occ_atoms.label_atom_id 
1  1 Y 1 A TYR 72  ? CG  ? A TYR 30  CG  
2  1 Y 1 A TYR 72  ? CD1 ? A TYR 30  CD1 
3  1 Y 1 A TYR 72  ? CD2 ? A TYR 30  CD2 
4  1 Y 1 A TYR 72  ? CE1 ? A TYR 30  CE1 
5  1 Y 1 A TYR 72  ? CE2 ? A TYR 30  CE2 
6  1 Y 1 A TYR 72  ? CZ  ? A TYR 30  CZ  
7  1 Y 1 A TYR 72  ? OH  ? A TYR 30  OH  
8  1 Y 1 A ILE 208 ? CG1 ? A ILE 166 CG1 
9  1 Y 1 A ILE 208 ? CG2 ? A ILE 166 CG2 
10 1 Y 1 A ILE 208 ? CD1 ? A ILE 166 CD1 
# 
loop_
_software.name 
_software.classification 
_software.version 
_software.citation_id 
_software.pdbx_ordinal 
CNS      refinement        1.1 ? 1 
CBASS    'data collection' .   ? 2 
HKL-2000 'data reduction'  .   ? 3 
HKL-2000 'data scaling'    .   ? 4 
SHELXD   phasing           .   ? 5 
SHARP    phasing           .   ? 6 
ARP/wARP 'model building'  .   ? 7 
# 
_cell.entry_id           3E3V 
_cell.length_a           164.910 
_cell.length_b           42.712 
_cell.length_c           24.185 
_cell.angle_alpha        90.00 
_cell.angle_beta         91.50 
_cell.angle_gamma        90.00 
_cell.Z_PDB              4 
_cell.pdbx_unique_axis   ? 
_cell.length_a_esd       ? 
_cell.length_b_esd       ? 
_cell.length_c_esd       ? 
_cell.angle_alpha_esd    ? 
_cell.angle_beta_esd     ? 
_cell.angle_gamma_esd    ? 
# 
_symmetry.entry_id                         3E3V 
_symmetry.space_group_name_H-M             'C 1 2 1' 
_symmetry.pdbx_full_space_group_name_H-M   ? 
_symmetry.cell_setting                     ? 
_symmetry.Int_Tables_number                5 
_symmetry.space_group_name_Hall            ? 
# 
_exptl.entry_id          3E3V 
_exptl.method            'X-RAY DIFFRACTION' 
_exptl.crystals_number   1 
# 
_exptl_crystal.id                    1 
_exptl_crystal.density_meas          ? 
_exptl_crystal.density_Matthews      2.07 
_exptl_crystal.density_percent_sol   40.49 
_exptl_crystal.description           ? 
_exptl_crystal.F_000                 ? 
_exptl_crystal.preparation           ? 
# 
_exptl_crystal_grow.crystal_id      1 
_exptl_crystal_grow.method          'VAPOR DIFFUSION, SITTING DROP' 
_exptl_crystal_grow.temp            298 
_exptl_crystal_grow.temp_details    ? 
_exptl_crystal_grow.pH              4.6 
_exptl_crystal_grow.pdbx_details    '2M Ammonium sulfate, 0.1M Na-citrate, pH 4.6, VAPOR DIFFUSION, SITTING DROP, temperature 298K' 
_exptl_crystal_grow.pdbx_pH_range   ? 
# 
_diffrn.id                     1 
_diffrn.ambient_temp           100 
_diffrn.ambient_temp_details   ? 
_diffrn.crystal_id             1 
# 
_diffrn_detector.diffrn_id              1 
_diffrn_detector.detector               CCD 
_diffrn_detector.type                   'ADSC QUANTUM 210' 
_diffrn_detector.pdbx_collection_date   2008-07-28 
_diffrn_detector.details                mirrors 
# 
_diffrn_radiation.diffrn_id                        1 
_diffrn_radiation.wavelength_id                    1 
_diffrn_radiation.pdbx_monochromatic_or_laue_m_l   M 
_diffrn_radiation.monochromator                    Si-III 
_diffrn_radiation.pdbx_diffrn_protocol             'SINGLE WAVELENGTH' 
_diffrn_radiation.pdbx_scattering_type             x-ray 
# 
_diffrn_radiation_wavelength.id           1 
_diffrn_radiation_wavelength.wavelength   0.9791 
_diffrn_radiation_wavelength.wt           1.0 
# 
_diffrn_source.diffrn_id                   1 
_diffrn_source.source                      SYNCHROTRON 
_diffrn_source.type                        'NSLS BEAMLINE X12C' 
_diffrn_source.pdbx_synchrotron_site       NSLS 
_diffrn_source.pdbx_synchrotron_beamline   X12C 
_diffrn_source.pdbx_wavelength             ? 
_diffrn_source.pdbx_wavelength_list        0.9791 
# 
_reflns.entry_id                     3E3V 
_reflns.observed_criterion_sigma_I   0 
_reflns.observed_criterion_sigma_F   0 
_reflns.d_resolution_low             50 
_reflns.d_resolution_high            2.04 
_reflns.number_obs                   10853 
_reflns.number_all                   10853 
_reflns.percent_possible_obs         99.9 
_reflns.pdbx_Rmerge_I_obs            0.06 
_reflns.pdbx_Rsym_value              ? 
_reflns.pdbx_netI_over_sigmaI        11.3 
_reflns.B_iso_Wilson_estimate        18.3 
_reflns.pdbx_redundancy              9.9 
_reflns.R_free_details               ? 
_reflns.limit_h_max                  ? 
_reflns.limit_h_min                  ? 
_reflns.limit_k_max                  ? 
_reflns.limit_k_min                  ? 
_reflns.limit_l_max                  ? 
_reflns.limit_l_min                  ? 
_reflns.observed_criterion_F_max     ? 
_reflns.observed_criterion_F_min     ? 
_reflns.pdbx_chi_squared             ? 
_reflns.pdbx_scaling_rejects         ? 
_reflns.pdbx_ordinal                 1 
_reflns.pdbx_diffrn_id               1 
# 
_reflns_shell.d_res_high             2.04 
_reflns_shell.d_res_low              2.11 
_reflns_shell.percent_possible_all   99.9 
_reflns_shell.Rmerge_I_obs           0.5 
_reflns_shell.pdbx_Rsym_value        ? 
_reflns_shell.meanI_over_sigI_obs    2 
_reflns_shell.pdbx_redundancy        7.5 
_reflns_shell.percent_possible_obs   ? 
_reflns_shell.number_unique_all      1050 
_reflns_shell.number_measured_all    ? 
_reflns_shell.number_measured_obs    ? 
_reflns_shell.number_unique_obs      ? 
_reflns_shell.pdbx_chi_squared       ? 
_reflns_shell.pdbx_ordinal           1 
_reflns_shell.pdbx_diffrn_id         1 
# 
_refine.entry_id                                 3E3V 
_refine.ls_number_reflns_obs                     10468 
_refine.ls_number_reflns_all                     10852 
_refine.pdbx_ls_sigma_I                          ? 
_refine.pdbx_ls_sigma_F                          0.0 
_refine.pdbx_data_cutoff_high_absF               91775.84 
_refine.pdbx_data_cutoff_low_absF                0.000000 
_refine.pdbx_data_cutoff_high_rms_absF           ? 
_refine.ls_d_res_low                             33.72 
_refine.ls_d_res_high                            2.04 
_refine.ls_percent_reflns_obs                    96.2 
_refine.ls_R_factor_obs                          0.247 
_refine.ls_R_factor_all                          ? 
_refine.ls_R_factor_R_work                       0.247 
_refine.ls_R_factor_R_free                       0.258 
_refine.ls_R_factor_R_free_error                 0.014 
_refine.ls_R_factor_R_free_error_details         ? 
_refine.ls_percent_reflns_R_free                 3.1 
_refine.ls_number_reflns_R_free                  320 
_refine.ls_number_parameters                     ? 
_refine.ls_number_restraints                     ? 
_refine.occupancy_min                            ? 
_refine.occupancy_max                            ? 
_refine.correlation_coeff_Fo_to_Fc               ? 
_refine.correlation_coeff_Fo_to_Fc_free          ? 
_refine.B_iso_mean                               35.0 
_refine.aniso_B[1][1]                            -6.78 
_refine.aniso_B[2][2]                            9.02 
_refine.aniso_B[3][3]                            -2.24 
_refine.aniso_B[1][2]                            0.00 
_refine.aniso_B[1][3]                            0.21 
_refine.aniso_B[2][3]                            0.00 
_refine.solvent_model_details                    'FLAT MODEL' 
_refine.solvent_model_param_ksol                 0.377931 
_refine.solvent_model_param_bsol                 49.0591 
_refine.pdbx_solvent_vdw_probe_radii             ? 
_refine.pdbx_solvent_ion_probe_radii             ? 
_refine.pdbx_solvent_shrinkage_radii             ? 
_refine.pdbx_ls_cross_valid_method               THROUGHOUT 
_refine.details                                  ? 
_refine.pdbx_starting_model                      None 
_refine.pdbx_method_to_determine_struct          SAD 
_refine.pdbx_isotropic_thermal_model             RESTRAINED 
_refine.pdbx_stereochemistry_target_values       'Engh & Huber' 
_refine.pdbx_stereochem_target_val_spec_case     ? 
_refine.pdbx_R_Free_selection_details            RANDOM 
_refine.pdbx_overall_ESU_R                       ? 
_refine.pdbx_overall_ESU_R_Free                  ? 
_refine.overall_SU_ML                            ? 
_refine.overall_SU_B                             ? 
_refine.ls_redundancy_reflns_obs                 ? 
_refine.B_iso_min                                ? 
_refine.B_iso_max                                ? 
_refine.overall_SU_R_Cruickshank_DPI             ? 
_refine.overall_SU_R_free                        ? 
_refine.ls_wR_factor_R_free                      ? 
_refine.ls_wR_factor_R_work                      ? 
_refine.overall_FOM_free_R_set                   ? 
_refine.overall_FOM_work_R_set                   ? 
_refine.pdbx_overall_phase_error                 ? 
_refine.pdbx_refine_id                           'X-RAY DIFFRACTION' 
_refine.pdbx_diffrn_id                           1 
_refine.pdbx_TLS_residual_ADP_flag               ? 
_refine.pdbx_overall_SU_R_free_Cruickshank_DPI   ? 
_refine.pdbx_overall_SU_R_Blow_DPI               ? 
_refine.pdbx_overall_SU_R_free_Blow_DPI          ? 
# 
_refine_analyze.entry_id                        3E3V 
_refine_analyze.Luzzati_coordinate_error_obs    0.29 
_refine_analyze.Luzzati_sigma_a_obs             0.22 
_refine_analyze.Luzzati_d_res_low_obs           5.00 
_refine_analyze.Luzzati_coordinate_error_free   0.34 
_refine_analyze.Luzzati_sigma_a_free            0.26 
_refine_analyze.Luzzati_d_res_low_free          ? 
_refine_analyze.number_disordered_residues      ? 
_refine_analyze.occupancy_sum_hydrogen          ? 
_refine_analyze.occupancy_sum_non_hydrogen      ? 
_refine_analyze.pdbx_Luzzati_d_res_high_obs     ? 
_refine_analyze.pdbx_refine_id                  'X-RAY DIFFRACTION' 
# 
_refine_hist.pdbx_refine_id                   'X-RAY DIFFRACTION' 
_refine_hist.cycle_id                         LAST 
_refine_hist.pdbx_number_atoms_protein        1239 
_refine_hist.pdbx_number_atoms_nucleic_acid   0 
_refine_hist.pdbx_number_atoms_ligand         0 
_refine_hist.number_atoms_solvent             50 
_refine_hist.number_atoms_total               1289 
_refine_hist.d_res_high                       2.04 
_refine_hist.d_res_low                        33.72 
# 
loop_
_refine_ls_restr.type 
_refine_ls_restr.dev_ideal 
_refine_ls_restr.dev_ideal_target 
_refine_ls_restr.weight 
_refine_ls_restr.number 
_refine_ls_restr.pdbx_refine_id 
_refine_ls_restr.pdbx_restraint_function 
c_bond_d           0.006 ? ? ? 'X-RAY DIFFRACTION' ? 
c_angle_deg        1.2   ? ? ? 'X-RAY DIFFRACTION' ? 
c_dihedral_angle_d 17.7  ? ? ? 'X-RAY DIFFRACTION' ? 
c_improper_angle_d 0.69  ? ? ? 'X-RAY DIFFRACTION' ? 
# 
_refine_ls_shell.pdbx_total_number_of_bins_used   6 
_refine_ls_shell.d_res_high                       2.04 
_refine_ls_shell.d_res_low                        2.17 
_refine_ls_shell.number_reflns_R_work             1540 
_refine_ls_shell.R_factor_R_work                  0.291 
_refine_ls_shell.percent_reflns_obs               88.7 
_refine_ls_shell.R_factor_R_free                  0.354 
_refine_ls_shell.R_factor_R_free_error            0.055 
_refine_ls_shell.percent_reflns_R_free            2.7 
_refine_ls_shell.number_reflns_R_free             42 
_refine_ls_shell.number_reflns_all                ? 
_refine_ls_shell.R_factor_all                     ? 
_refine_ls_shell.number_reflns_obs                10852 
_refine_ls_shell.redundancy_reflns_obs            ? 
_refine_ls_shell.pdbx_refine_id                   'X-RAY DIFFRACTION' 
# 
loop_
_pdbx_xplor_file.serial_no 
_pdbx_xplor_file.param_file 
_pdbx_xplor_file.topol_file 
_pdbx_xplor_file.pdbx_refine_id 
1 protein_rep.param protein.top 'X-RAY DIFFRACTION' 
2 ion.param         ?           'X-RAY DIFFRACTION' 
3 water_rep.param   ?           'X-RAY DIFFRACTION' 
# 
_struct.entry_id                  3E3V 
_struct.title                     'Crystal structure of RecX from Lactobacillus salivarius' 
_struct.pdbx_model_details        ? 
_struct.pdbx_CASP_flag            ? 
_struct.pdbx_model_type_details   ? 
# 
_struct_keywords.entry_id        3E3V 
_struct_keywords.pdbx_keywords   RECOMBINATION 
_struct_keywords.text            
;PSI-II, NYSGXRC, RecX, 10123p, Structural Genomics, Protein Structure Initiative, New York SGX Research Center for Structural Genomics, RECOMBINATION
;
# 
loop_
_struct_asym.id 
_struct_asym.pdbx_blank_PDB_chainid_flag 
_struct_asym.pdbx_modified 
_struct_asym.entity_id 
_struct_asym.details 
A N N 1 ? 
B N N 2 ? 
# 
_struct_ref.id                         1 
_struct_ref.db_name                    UNP 
_struct_ref.db_code                    Q1WV04_LACS1 
_struct_ref.pdbx_db_accession          Q1WV04 
_struct_ref.entity_id                  1 
_struct_ref.pdbx_seq_one_letter_code   
;LDENLIEEIKLADDISKGYNAALNYLSYQLRTRKEVEDKLRSLDIHEDYISEIINKLIDLDLINDKNYAESYVRTMMNTS
DKGPKVIKLNLSKKGIDDNIAEDALILYTDKLQVEKGVTLAEKLANRYSHDSYRNKQNKIKQSLLTKGFSYDIIDTIIQE
LDLIFDD
;
_struct_ref.pdbx_align_begin           45 
_struct_ref.pdbx_db_isoform            ? 
# 
_struct_ref_seq.align_id                      1 
_struct_ref_seq.ref_id                        1 
_struct_ref_seq.pdbx_PDB_id_code              3E3V 
_struct_ref_seq.pdbx_strand_id                A 
_struct_ref_seq.seq_align_beg                 3 
_struct_ref_seq.pdbx_seq_align_beg_ins_code   ? 
_struct_ref_seq.seq_align_end                 169 
_struct_ref_seq.pdbx_seq_align_end_ins_code   ? 
_struct_ref_seq.pdbx_db_accession             Q1WV04 
_struct_ref_seq.db_align_beg                  45 
_struct_ref_seq.pdbx_db_align_beg_ins_code    ? 
_struct_ref_seq.db_align_end                  211 
_struct_ref_seq.pdbx_db_align_end_ins_code    ? 
_struct_ref_seq.pdbx_auth_seq_align_beg       45 
_struct_ref_seq.pdbx_auth_seq_align_end       211 
# 
loop_
_struct_ref_seq_dif.align_id 
_struct_ref_seq_dif.pdbx_pdb_id_code 
_struct_ref_seq_dif.mon_id 
_struct_ref_seq_dif.pdbx_pdb_strand_id 
_struct_ref_seq_dif.seq_num 
_struct_ref_seq_dif.pdbx_pdb_ins_code 
_struct_ref_seq_dif.pdbx_seq_db_name 
_struct_ref_seq_dif.pdbx_seq_db_accession_code 
_struct_ref_seq_dif.db_mon_id 
_struct_ref_seq_dif.pdbx_seq_db_seq_num 
_struct_ref_seq_dif.details 
_struct_ref_seq_dif.pdbx_auth_seq_num 
_struct_ref_seq_dif.pdbx_ordinal 
1 3E3V MET A 1   ? UNP Q1WV04 ? ? 'expression tag' 43  1  
1 3E3V SER A 2   ? UNP Q1WV04 ? ? 'expression tag' 44  2  
1 3E3V GLU A 170 ? UNP Q1WV04 ? ? 'expression tag' 212 3  
1 3E3V GLY A 171 ? UNP Q1WV04 ? ? 'expression tag' 213 4  
1 3E3V HIS A 172 ? UNP Q1WV04 ? ? 'expression tag' 214 5  
1 3E3V HIS A 173 ? UNP Q1WV04 ? ? 'expression tag' 215 6  
1 3E3V HIS A 174 ? UNP Q1WV04 ? ? 'expression tag' 216 7  
1 3E3V HIS A 175 ? UNP Q1WV04 ? ? 'expression tag' 217 8  
1 3E3V HIS A 176 ? UNP Q1WV04 ? ? 'expression tag' 218 9  
1 3E3V HIS A 177 ? UNP Q1WV04 ? ? 'expression tag' 219 10 
# 
_pdbx_struct_assembly.id                   1 
_pdbx_struct_assembly.details              author_and_software_defined_assembly 
_pdbx_struct_assembly.method_details       PISA 
_pdbx_struct_assembly.oligomeric_details   monomeric 
_pdbx_struct_assembly.oligomeric_count     1 
# 
_pdbx_struct_assembly_gen.assembly_id       1 
_pdbx_struct_assembly_gen.oper_expression   1 
_pdbx_struct_assembly_gen.asym_id_list      A,B 
# 
_pdbx_struct_oper_list.id                   1 
_pdbx_struct_oper_list.type                 'identity operation' 
_pdbx_struct_oper_list.name                 1_555 
_pdbx_struct_oper_list.symmetry_operation   x,y,z 
_pdbx_struct_oper_list.matrix[1][1]         1.0000000000 
_pdbx_struct_oper_list.matrix[1][2]         0.0000000000 
_pdbx_struct_oper_list.matrix[1][3]         0.0000000000 
_pdbx_struct_oper_list.vector[1]            0.0000000000 
_pdbx_struct_oper_list.matrix[2][1]         0.0000000000 
_pdbx_struct_oper_list.matrix[2][2]         1.0000000000 
_pdbx_struct_oper_list.matrix[2][3]         0.0000000000 
_pdbx_struct_oper_list.vector[2]            0.0000000000 
_pdbx_struct_oper_list.matrix[3][1]         0.0000000000 
_pdbx_struct_oper_list.matrix[3][2]         0.0000000000 
_pdbx_struct_oper_list.matrix[3][3]         1.0000000000 
_pdbx_struct_oper_list.vector[3]            0.0000000000 
# 
_struct_biol.id   1 
# 
loop_
_struct_conf.conf_type_id 
_struct_conf.id 
_struct_conf.pdbx_PDB_helix_id 
_struct_conf.beg_label_comp_id 
_struct_conf.beg_label_asym_id 
_struct_conf.beg_label_seq_id 
_struct_conf.pdbx_beg_PDB_ins_code 
_struct_conf.end_label_comp_id 
_struct_conf.end_label_asym_id 
_struct_conf.end_label_seq_id 
_struct_conf.pdbx_end_PDB_ins_code 
_struct_conf.beg_auth_comp_id 
_struct_conf.beg_auth_asym_id 
_struct_conf.beg_auth_seq_id 
_struct_conf.end_auth_comp_id 
_struct_conf.end_auth_asym_id 
_struct_conf.end_auth_seq_id 
_struct_conf.pdbx_PDB_helix_class 
_struct_conf.details 
_struct_conf.pdbx_PDB_helix_length 
HELX_P HELX_P1  1  LEU A 13  ? TYR A 30  ? LEU A 55  TYR A 72  1 ? 18 
HELX_P HELX_P2  2  THR A 34  ? ASP A 40  ? THR A 76  ASP A 82  1 ? 7  
HELX_P HELX_P3  3  LEU A 42  ? ASP A 46  ? LEU A 84  ASP A 88  5 ? 5  
HELX_P HELX_P4  4  HIS A 48  ? LEU A 62  ? HIS A 90  LEU A 104 1 ? 15 
HELX_P HELX_P5  5  ASN A 66  ? SER A 82  ? ASN A 108 SER A 124 1 ? 17 
HELX_P HELX_P6  6  GLY A 85  ? LYS A 95  ? GLY A 127 LYS A 137 1 ? 11 
HELX_P HELX_P7  7  ASP A 99  ? ILE A 108 ? ASP A 141 ILE A 150 1 ? 10 
HELX_P HELX_P8  8  THR A 111 ? TYR A 130 ? THR A 153 TYR A 172 1 ? 20 
HELX_P HELX_P9  9  SER A 134 ? LYS A 149 ? SER A 176 LYS A 191 1 ? 16 
HELX_P HELX_P10 10 SER A 152 ? ILE A 166 ? SER A 194 ILE A 208 1 ? 15 
# 
_struct_conf_type.id          HELX_P 
_struct_conf_type.criteria    ? 
_struct_conf_type.reference   ? 
# 
_pdbx_validate_torsion.id              1 
_pdbx_validate_torsion.PDB_model_num   1 
_pdbx_validate_torsion.auth_comp_id    TYR 
_pdbx_validate_torsion.auth_asym_id    A 
_pdbx_validate_torsion.auth_seq_id     72 
_pdbx_validate_torsion.PDB_ins_code    ? 
_pdbx_validate_torsion.label_alt_id    ? 
_pdbx_validate_torsion.phi             -75.69 
_pdbx_validate_torsion.psi             -90.59 
# 
_pdbx_SG_project.id                    1 
_pdbx_SG_project.project_name          'PSI, Protein Structure Initiative' 
_pdbx_SG_project.full_name_of_center   'New York SGX Research Center for Structural Genomics' 
_pdbx_SG_project.initial_of_center     NYSGXRC 
# 
loop_
_pdbx_unobs_or_zero_occ_residues.id 
_pdbx_unobs_or_zero_occ_residues.PDB_model_num 
_pdbx_unobs_or_zero_occ_residues.polymer_flag 
_pdbx_unobs_or_zero_occ_residues.occupancy_flag 
_pdbx_unobs_or_zero_occ_residues.auth_asym_id 
_pdbx_unobs_or_zero_occ_residues.auth_comp_id 
_pdbx_unobs_or_zero_occ_residues.auth_seq_id 
_pdbx_unobs_or_zero_occ_residues.PDB_ins_code 
_pdbx_unobs_or_zero_occ_residues.label_asym_id 
_pdbx_unobs_or_zero_occ_residues.label_comp_id 
_pdbx_unobs_or_zero_occ_residues.label_seq_id 
1  1 Y 1 A MET 43  ? A MET 1   
2  1 Y 1 A SER 44  ? A SER 2   
3  1 Y 1 A LEU 45  ? A LEU 3   
4  1 Y 1 A ASP 46  ? A ASP 4   
5  1 Y 1 A GLU 47  ? A GLU 5   
6  1 Y 1 A ASN 48  ? A ASN 6   
7  1 Y 1 A LEU 49  ? A LEU 7   
8  1 Y 1 A ILE 50  ? A ILE 8   
9  1 Y 1 A GLU 51  ? A GLU 9   
10 1 Y 1 A GLU 52  ? A GLU 10  
11 1 Y 1 A ILE 53  ? A ILE 11  
12 1 Y 1 A LYS 54  ? A LYS 12  
13 1 Y 1 A PHE 209 ? A PHE 167 
14 1 Y 1 A ASP 210 ? A ASP 168 
15 1 Y 1 A ASP 211 ? A ASP 169 
16 1 Y 1 A GLU 212 ? A GLU 170 
17 1 Y 1 A GLY 213 ? A GLY 171 
18 1 Y 1 A HIS 214 ? A HIS 172 
19 1 Y 1 A HIS 215 ? A HIS 173 
20 1 Y 1 A HIS 216 ? A HIS 174 
21 1 Y 1 A HIS 217 ? A HIS 175 
22 1 Y 1 A HIS 218 ? A HIS 176 
23 1 Y 1 A HIS 219 ? A HIS 177 
# 
loop_
_chem_comp_atom.comp_id 
_chem_comp_atom.atom_id 
_chem_comp_atom.type_symbol 
_chem_comp_atom.pdbx_aromatic_flag 
_chem_comp_atom.pdbx_stereo_config 
_chem_comp_atom.pdbx_ordinal 
ALA N    N N N 1   
ALA CA   C N S 2   
ALA C    C N N 3   
ALA O    O N N 4   
ALA CB   C N N 5   
ALA OXT  O N N 6   
ALA H    H N N 7   
ALA H2   H N N 8   
ALA HA   H N N 9   
ALA HB1  H N N 10  
ALA HB2  H N N 11  
ALA HB3  H N N 12  
ALA HXT  H N N 13  
ARG N    N N N 14  
ARG CA   C N S 15  
ARG C    C N N 16  
ARG O    O N N 17  
ARG CB   C N N 18  
ARG CG   C N N 19  
ARG CD   C N N 20  
ARG NE   N N N 21  
ARG CZ   C N N 22  
ARG NH1  N N N 23  
ARG NH2  N N N 24  
ARG OXT  O N N 25  
ARG H    H N N 26  
ARG H2   H N N 27  
ARG HA   H N N 28  
ARG HB2  H N N 29  
ARG HB3  H N N 30  
ARG HG2  H N N 31  
ARG HG3  H N N 32  
ARG HD2  H N N 33  
ARG HD3  H N N 34  
ARG HE   H N N 35  
ARG HH11 H N N 36  
ARG HH12 H N N 37  
ARG HH21 H N N 38  
ARG HH22 H N N 39  
ARG HXT  H N N 40  
ASN N    N N N 41  
ASN CA   C N S 42  
ASN C    C N N 43  
ASN O    O N N 44  
ASN CB   C N N 45  
ASN CG   C N N 46  
ASN OD1  O N N 47  
ASN ND2  N N N 48  
ASN OXT  O N N 49  
ASN H    H N N 50  
ASN H2   H N N 51  
ASN HA   H N N 52  
ASN HB2  H N N 53  
ASN HB3  H N N 54  
ASN HD21 H N N 55  
ASN HD22 H N N 56  
ASN HXT  H N N 57  
ASP N    N N N 58  
ASP CA   C N S 59  
ASP C    C N N 60  
ASP O    O N N 61  
ASP CB   C N N 62  
ASP CG   C N N 63  
ASP OD1  O N N 64  
ASP OD2  O N N 65  
ASP OXT  O N N 66  
ASP H    H N N 67  
ASP H2   H N N 68  
ASP HA   H N N 69  
ASP HB2  H N N 70  
ASP HB3  H N N 71  
ASP HD2  H N N 72  
ASP HXT  H N N 73  
GLN N    N N N 74  
GLN CA   C N S 75  
GLN C    C N N 76  
GLN O    O N N 77  
GLN CB   C N N 78  
GLN CG   C N N 79  
GLN CD   C N N 80  
GLN OE1  O N N 81  
GLN NE2  N N N 82  
GLN OXT  O N N 83  
GLN H    H N N 84  
GLN H2   H N N 85  
GLN HA   H N N 86  
GLN HB2  H N N 87  
GLN HB3  H N N 88  
GLN HG2  H N N 89  
GLN HG3  H N N 90  
GLN HE21 H N N 91  
GLN HE22 H N N 92  
GLN HXT  H N N 93  
GLU N    N N N 94  
GLU CA   C N S 95  
GLU C    C N N 96  
GLU O    O N N 97  
GLU CB   C N N 98  
GLU CG   C N N 99  
GLU CD   C N N 100 
GLU OE1  O N N 101 
GLU OE2  O N N 102 
GLU OXT  O N N 103 
GLU H    H N N 104 
GLU H2   H N N 105 
GLU HA   H N N 106 
GLU HB2  H N N 107 
GLU HB3  H N N 108 
GLU HG2  H N N 109 
GLU HG3  H N N 110 
GLU HE2  H N N 111 
GLU HXT  H N N 112 
GLY N    N N N 113 
GLY CA   C N N 114 
GLY C    C N N 115 
GLY O    O N N 116 
GLY OXT  O N N 117 
GLY H    H N N 118 
GLY H2   H N N 119 
GLY HA2  H N N 120 
GLY HA3  H N N 121 
GLY HXT  H N N 122 
HIS N    N N N 123 
HIS CA   C N S 124 
HIS C    C N N 125 
HIS O    O N N 126 
HIS CB   C N N 127 
HIS CG   C Y N 128 
HIS ND1  N Y N 129 
HIS CD2  C Y N 130 
HIS CE1  C Y N 131 
HIS NE2  N Y N 132 
HIS OXT  O N N 133 
HIS H    H N N 134 
HIS H2   H N N 135 
HIS HA   H N N 136 
HIS HB2  H N N 137 
HIS HB3  H N N 138 
HIS HD1  H N N 139 
HIS HD2  H N N 140 
HIS HE1  H N N 141 
HIS HE2  H N N 142 
HIS HXT  H N N 143 
HOH O    O N N 144 
HOH H1   H N N 145 
HOH H2   H N N 146 
ILE N    N N N 147 
ILE CA   C N S 148 
ILE C    C N N 149 
ILE O    O N N 150 
ILE CB   C N S 151 
ILE CG1  C N N 152 
ILE CG2  C N N 153 
ILE CD1  C N N 154 
ILE OXT  O N N 155 
ILE H    H N N 156 
ILE H2   H N N 157 
ILE HA   H N N 158 
ILE HB   H N N 159 
ILE HG12 H N N 160 
ILE HG13 H N N 161 
ILE HG21 H N N 162 
ILE HG22 H N N 163 
ILE HG23 H N N 164 
ILE HD11 H N N 165 
ILE HD12 H N N 166 
ILE HD13 H N N 167 
ILE HXT  H N N 168 
LEU N    N N N 169 
LEU CA   C N S 170 
LEU C    C N N 171 
LEU O    O N N 172 
LEU CB   C N N 173 
LEU CG   C N N 174 
LEU CD1  C N N 175 
LEU CD2  C N N 176 
LEU OXT  O N N 177 
LEU H    H N N 178 
LEU H2   H N N 179 
LEU HA   H N N 180 
LEU HB2  H N N 181 
LEU HB3  H N N 182 
LEU HG   H N N 183 
LEU HD11 H N N 184 
LEU HD12 H N N 185 
LEU HD13 H N N 186 
LEU HD21 H N N 187 
LEU HD22 H N N 188 
LEU HD23 H N N 189 
LEU HXT  H N N 190 
LYS N    N N N 191 
LYS CA   C N S 192 
LYS C    C N N 193 
LYS O    O N N 194 
LYS CB   C N N 195 
LYS CG   C N N 196 
LYS CD   C N N 197 
LYS CE   C N N 198 
LYS NZ   N N N 199 
LYS OXT  O N N 200 
LYS H    H N N 201 
LYS H2   H N N 202 
LYS HA   H N N 203 
LYS HB2  H N N 204 
LYS HB3  H N N 205 
LYS HG2  H N N 206 
LYS HG3  H N N 207 
LYS HD2  H N N 208 
LYS HD3  H N N 209 
LYS HE2  H N N 210 
LYS HE3  H N N 211 
LYS HZ1  H N N 212 
LYS HZ2  H N N 213 
LYS HZ3  H N N 214 
LYS HXT  H N N 215 
MET N    N N N 216 
MET CA   C N S 217 
MET C    C N N 218 
MET O    O N N 219 
MET CB   C N N 220 
MET CG   C N N 221 
MET SD   S N N 222 
MET CE   C N N 223 
MET OXT  O N N 224 
MET H    H N N 225 
MET H2   H N N 226 
MET HA   H N N 227 
MET HB2  H N N 228 
MET HB3  H N N 229 
MET HG2  H N N 230 
MET HG3  H N N 231 
MET HE1  H N N 232 
MET HE2  H N N 233 
MET HE3  H N N 234 
MET HXT  H N N 235 
PHE N    N N N 236 
PHE CA   C N S 237 
PHE C    C N N 238 
PHE O    O N N 239 
PHE CB   C N N 240 
PHE CG   C Y N 241 
PHE CD1  C Y N 242 
PHE CD2  C Y N 243 
PHE CE1  C Y N 244 
PHE CE2  C Y N 245 
PHE CZ   C Y N 246 
PHE OXT  O N N 247 
PHE H    H N N 248 
PHE H2   H N N 249 
PHE HA   H N N 250 
PHE HB2  H N N 251 
PHE HB3  H N N 252 
PHE HD1  H N N 253 
PHE HD2  H N N 254 
PHE HE1  H N N 255 
PHE HE2  H N N 256 
PHE HZ   H N N 257 
PHE HXT  H N N 258 
PRO N    N N N 259 
PRO CA   C N S 260 
PRO C    C N N 261 
PRO O    O N N 262 
PRO CB   C N N 263 
PRO CG   C N N 264 
PRO CD   C N N 265 
PRO OXT  O N N 266 
PRO H    H N N 267 
PRO HA   H N N 268 
PRO HB2  H N N 269 
PRO HB3  H N N 270 
PRO HG2  H N N 271 
PRO HG3  H N N 272 
PRO HD2  H N N 273 
PRO HD3  H N N 274 
PRO HXT  H N N 275 
SER N    N N N 276 
SER CA   C N S 277 
SER C    C N N 278 
SER O    O N N 279 
SER CB   C N N 280 
SER OG   O N N 281 
SER OXT  O N N 282 
SER H    H N N 283 
SER H2   H N N 284 
SER HA   H N N 285 
SER HB2  H N N 286 
SER HB3  H N N 287 
SER HG   H N N 288 
SER HXT  H N N 289 
THR N    N N N 290 
THR CA   C N S 291 
THR C    C N N 292 
THR O    O N N 293 
THR CB   C N R 294 
THR OG1  O N N 295 
THR CG2  C N N 296 
THR OXT  O N N 297 
THR H    H N N 298 
THR H2   H N N 299 
THR HA   H N N 300 
THR HB   H N N 301 
THR HG1  H N N 302 
THR HG21 H N N 303 
THR HG22 H N N 304 
THR HG23 H N N 305 
THR HXT  H N N 306 
TYR N    N N N 307 
TYR CA   C N S 308 
TYR C    C N N 309 
TYR O    O N N 310 
TYR CB   C N N 311 
TYR CG   C Y N 312 
TYR CD1  C Y N 313 
TYR CD2  C Y N 314 
TYR CE1  C Y N 315 
TYR CE2  C Y N 316 
TYR CZ   C Y N 317 
TYR OH   O N N 318 
TYR OXT  O N N 319 
TYR H    H N N 320 
TYR H2   H N N 321 
TYR HA   H N N 322 
TYR HB2  H N N 323 
TYR HB3  H N N 324 
TYR HD1  H N N 325 
TYR HD2  H N N 326 
TYR HE1  H N N 327 
TYR HE2  H N N 328 
TYR HH   H N N 329 
TYR HXT  H N N 330 
VAL N    N N N 331 
VAL CA   C N S 332 
VAL C    C N N 333 
VAL O    O N N 334 
VAL CB   C N N 335 
VAL CG1  C N N 336 
VAL CG2  C N N 337 
VAL OXT  O N N 338 
VAL H    H N N 339 
VAL H2   H N N 340 
VAL HA   H N N 341 
VAL HB   H N N 342 
VAL HG11 H N N 343 
VAL HG12 H N N 344 
VAL HG13 H N N 345 
VAL HG21 H N N 346 
VAL HG22 H N N 347 
VAL HG23 H N N 348 
VAL HXT  H N N 349 
# 
loop_
_chem_comp_bond.comp_id 
_chem_comp_bond.atom_id_1 
_chem_comp_bond.atom_id_2 
_chem_comp_bond.value_order 
_chem_comp_bond.pdbx_aromatic_flag 
_chem_comp_bond.pdbx_stereo_config 
_chem_comp_bond.pdbx_ordinal 
ALA N   CA   sing N N 1   
ALA N   H    sing N N 2   
ALA N   H2   sing N N 3   
ALA CA  C    sing N N 4   
ALA CA  CB   sing N N 5   
ALA CA  HA   sing N N 6   
ALA C   O    doub N N 7   
ALA C   OXT  sing N N 8   
ALA CB  HB1  sing N N 9   
ALA CB  HB2  sing N N 10  
ALA CB  HB3  sing N N 11  
ALA OXT HXT  sing N N 12  
ARG N   CA   sing N N 13  
ARG N   H    sing N N 14  
ARG N   H2   sing N N 15  
ARG CA  C    sing N N 16  
ARG CA  CB   sing N N 17  
ARG CA  HA   sing N N 18  
ARG C   O    doub N N 19  
ARG C   OXT  sing N N 20  
ARG CB  CG   sing N N 21  
ARG CB  HB2  sing N N 22  
ARG CB  HB3  sing N N 23  
ARG CG  CD   sing N N 24  
ARG CG  HG2  sing N N 25  
ARG CG  HG3  sing N N 26  
ARG CD  NE   sing N N 27  
ARG CD  HD2  sing N N 28  
ARG CD  HD3  sing N N 29  
ARG NE  CZ   sing N N 30  
ARG NE  HE   sing N N 31  
ARG CZ  NH1  sing N N 32  
ARG CZ  NH2  doub N N 33  
ARG NH1 HH11 sing N N 34  
ARG NH1 HH12 sing N N 35  
ARG NH2 HH21 sing N N 36  
ARG NH2 HH22 sing N N 37  
ARG OXT HXT  sing N N 38  
ASN N   CA   sing N N 39  
ASN N   H    sing N N 40  
ASN N   H2   sing N N 41  
ASN CA  C    sing N N 42  
ASN CA  CB   sing N N 43  
ASN CA  HA   sing N N 44  
ASN C   O    doub N N 45  
ASN C   OXT  sing N N 46  
ASN CB  CG   sing N N 47  
ASN CB  HB2  sing N N 48  
ASN CB  HB3  sing N N 49  
ASN CG  OD1  doub N N 50  
ASN CG  ND2  sing N N 51  
ASN ND2 HD21 sing N N 52  
ASN ND2 HD22 sing N N 53  
ASN OXT HXT  sing N N 54  
ASP N   CA   sing N N 55  
ASP N   H    sing N N 56  
ASP N   H2   sing N N 57  
ASP CA  C    sing N N 58  
ASP CA  CB   sing N N 59  
ASP CA  HA   sing N N 60  
ASP C   O    doub N N 61  
ASP C   OXT  sing N N 62  
ASP CB  CG   sing N N 63  
ASP CB  HB2  sing N N 64  
ASP CB  HB3  sing N N 65  
ASP CG  OD1  doub N N 66  
ASP CG  OD2  sing N N 67  
ASP OD2 HD2  sing N N 68  
ASP OXT HXT  sing N N 69  
GLN N   CA   sing N N 70  
GLN N   H    sing N N 71  
GLN N   H2   sing N N 72  
GLN CA  C    sing N N 73  
GLN CA  CB   sing N N 74  
GLN CA  HA   sing N N 75  
GLN C   O    doub N N 76  
GLN C   OXT  sing N N 77  
GLN CB  CG   sing N N 78  
GLN CB  HB2  sing N N 79  
GLN CB  HB3  sing N N 80  
GLN CG  CD   sing N N 81  
GLN CG  HG2  sing N N 82  
GLN CG  HG3  sing N N 83  
GLN CD  OE1  doub N N 84  
GLN CD  NE2  sing N N 85  
GLN NE2 HE21 sing N N 86  
GLN NE2 HE22 sing N N 87  
GLN OXT HXT  sing N N 88  
GLU N   CA   sing N N 89  
GLU N   H    sing N N 90  
GLU N   H2   sing N N 91  
GLU CA  C    sing N N 92  
GLU CA  CB   sing N N 93  
GLU CA  HA   sing N N 94  
GLU C   O    doub N N 95  
GLU C   OXT  sing N N 96  
GLU CB  CG   sing N N 97  
GLU CB  HB2  sing N N 98  
GLU CB  HB3  sing N N 99  
GLU CG  CD   sing N N 100 
GLU CG  HG2  sing N N 101 
GLU CG  HG3  sing N N 102 
GLU CD  OE1  doub N N 103 
GLU CD  OE2  sing N N 104 
GLU OE2 HE2  sing N N 105 
GLU OXT HXT  sing N N 106 
GLY N   CA   sing N N 107 
GLY N   H    sing N N 108 
GLY N   H2   sing N N 109 
GLY CA  C    sing N N 110 
GLY CA  HA2  sing N N 111 
GLY CA  HA3  sing N N 112 
GLY C   O    doub N N 113 
GLY C   OXT  sing N N 114 
GLY OXT HXT  sing N N 115 
HIS N   CA   sing N N 116 
HIS N   H    sing N N 117 
HIS N   H2   sing N N 118 
HIS CA  C    sing N N 119 
HIS CA  CB   sing N N 120 
HIS CA  HA   sing N N 121 
HIS C   O    doub N N 122 
HIS C   OXT  sing N N 123 
HIS CB  CG   sing N N 124 
HIS CB  HB2  sing N N 125 
HIS CB  HB3  sing N N 126 
HIS CG  ND1  sing Y N 127 
HIS CG  CD2  doub Y N 128 
HIS ND1 CE1  doub Y N 129 
HIS ND1 HD1  sing N N 130 
HIS CD2 NE2  sing Y N 131 
HIS CD2 HD2  sing N N 132 
HIS CE1 NE2  sing Y N 133 
HIS CE1 HE1  sing N N 134 
HIS NE2 HE2  sing N N 135 
HIS OXT HXT  sing N N 136 
HOH O   H1   sing N N 137 
HOH O   H2   sing N N 138 
ILE N   CA   sing N N 139 
ILE N   H    sing N N 140 
ILE N   H2   sing N N 141 
ILE CA  C    sing N N 142 
ILE CA  CB   sing N N 143 
ILE CA  HA   sing N N 144 
ILE C   O    doub N N 145 
ILE C   OXT  sing N N 146 
ILE CB  CG1  sing N N 147 
ILE CB  CG2  sing N N 148 
ILE CB  HB   sing N N 149 
ILE CG1 CD1  sing N N 150 
ILE CG1 HG12 sing N N 151 
ILE CG1 HG13 sing N N 152 
ILE CG2 HG21 sing N N 153 
ILE CG2 HG22 sing N N 154 
ILE CG2 HG23 sing N N 155 
ILE CD1 HD11 sing N N 156 
ILE CD1 HD12 sing N N 157 
ILE CD1 HD13 sing N N 158 
ILE OXT HXT  sing N N 159 
LEU N   CA   sing N N 160 
LEU N   H    sing N N 161 
LEU N   H2   sing N N 162 
LEU CA  C    sing N N 163 
LEU CA  CB   sing N N 164 
LEU CA  HA   sing N N 165 
LEU C   O    doub N N 166 
LEU C   OXT  sing N N 167 
LEU CB  CG   sing N N 168 
LEU CB  HB2  sing N N 169 
LEU CB  HB3  sing N N 170 
LEU CG  CD1  sing N N 171 
LEU CG  CD2  sing N N 172 
LEU CG  HG   sing N N 173 
LEU CD1 HD11 sing N N 174 
LEU CD1 HD12 sing N N 175 
LEU CD1 HD13 sing N N 176 
LEU CD2 HD21 sing N N 177 
LEU CD2 HD22 sing N N 178 
LEU CD2 HD23 sing N N 179 
LEU OXT HXT  sing N N 180 
LYS N   CA   sing N N 181 
LYS N   H    sing N N 182 
LYS N   H2   sing N N 183 
LYS CA  C    sing N N 184 
LYS CA  CB   sing N N 185 
LYS CA  HA   sing N N 186 
LYS C   O    doub N N 187 
LYS C   OXT  sing N N 188 
LYS CB  CG   sing N N 189 
LYS CB  HB2  sing N N 190 
LYS CB  HB3  sing N N 191 
LYS CG  CD   sing N N 192 
LYS CG  HG2  sing N N 193 
LYS CG  HG3  sing N N 194 
LYS CD  CE   sing N N 195 
LYS CD  HD2  sing N N 196 
LYS CD  HD3  sing N N 197 
LYS CE  NZ   sing N N 198 
LYS CE  HE2  sing N N 199 
LYS CE  HE3  sing N N 200 
LYS NZ  HZ1  sing N N 201 
LYS NZ  HZ2  sing N N 202 
LYS NZ  HZ3  sing N N 203 
LYS OXT HXT  sing N N 204 
MET N   CA   sing N N 205 
MET N   H    sing N N 206 
MET N   H2   sing N N 207 
MET CA  C    sing N N 208 
MET CA  CB   sing N N 209 
MET CA  HA   sing N N 210 
MET C   O    doub N N 211 
MET C   OXT  sing N N 212 
MET CB  CG   sing N N 213 
MET CB  HB2  sing N N 214 
MET CB  HB3  sing N N 215 
MET CG  SD   sing N N 216 
MET CG  HG2  sing N N 217 
MET CG  HG3  sing N N 218 
MET SD  CE   sing N N 219 
MET CE  HE1  sing N N 220 
MET CE  HE2  sing N N 221 
MET CE  HE3  sing N N 222 
MET OXT HXT  sing N N 223 
PHE N   CA   sing N N 224 
PHE N   H    sing N N 225 
PHE N   H2   sing N N 226 
PHE CA  C    sing N N 227 
PHE CA  CB   sing N N 228 
PHE CA  HA   sing N N 229 
PHE C   O    doub N N 230 
PHE C   OXT  sing N N 231 
PHE CB  CG   sing N N 232 
PHE CB  HB2  sing N N 233 
PHE CB  HB3  sing N N 234 
PHE CG  CD1  doub Y N 235 
PHE CG  CD2  sing Y N 236 
PHE CD1 CE1  sing Y N 237 
PHE CD1 HD1  sing N N 238 
PHE CD2 CE2  doub Y N 239 
PHE CD2 HD2  sing N N 240 
PHE CE1 CZ   doub Y N 241 
PHE CE1 HE1  sing N N 242 
PHE CE2 CZ   sing Y N 243 
PHE CE2 HE2  sing N N 244 
PHE CZ  HZ   sing N N 245 
PHE OXT HXT  sing N N 246 
PRO N   CA   sing N N 247 
PRO N   CD   sing N N 248 
PRO N   H    sing N N 249 
PRO CA  C    sing N N 250 
PRO CA  CB   sing N N 251 
PRO CA  HA   sing N N 252 
PRO C   O    doub N N 253 
PRO C   OXT  sing N N 254 
PRO CB  CG   sing N N 255 
PRO CB  HB2  sing N N 256 
PRO CB  HB3  sing N N 257 
PRO CG  CD   sing N N 258 
PRO CG  HG2  sing N N 259 
PRO CG  HG3  sing N N 260 
PRO CD  HD2  sing N N 261 
PRO CD  HD3  sing N N 262 
PRO OXT HXT  sing N N 263 
SER N   CA   sing N N 264 
SER N   H    sing N N 265 
SER N   H2   sing N N 266 
SER CA  C    sing N N 267 
SER CA  CB   sing N N 268 
SER CA  HA   sing N N 269 
SER C   O    doub N N 270 
SER C   OXT  sing N N 271 
SER CB  OG   sing N N 272 
SER CB  HB2  sing N N 273 
SER CB  HB3  sing N N 274 
SER OG  HG   sing N N 275 
SER OXT HXT  sing N N 276 
THR N   CA   sing N N 277 
THR N   H    sing N N 278 
THR N   H2   sing N N 279 
THR CA  C    sing N N 280 
THR CA  CB   sing N N 281 
THR CA  HA   sing N N 282 
THR C   O    doub N N 283 
THR C   OXT  sing N N 284 
THR CB  OG1  sing N N 285 
THR CB  CG2  sing N N 286 
THR CB  HB   sing N N 287 
THR OG1 HG1  sing N N 288 
THR CG2 HG21 sing N N 289 
THR CG2 HG22 sing N N 290 
THR CG2 HG23 sing N N 291 
THR OXT HXT  sing N N 292 
TYR N   CA   sing N N 293 
TYR N   H    sing N N 294 
TYR N   H2   sing N N 295 
TYR CA  C    sing N N 296 
TYR CA  CB   sing N N 297 
TYR CA  HA   sing N N 298 
TYR C   O    doub N N 299 
TYR C   OXT  sing N N 300 
TYR CB  CG   sing N N 301 
TYR CB  HB2  sing N N 302 
TYR CB  HB3  sing N N 303 
TYR CG  CD1  doub Y N 304 
TYR CG  CD2  sing Y N 305 
TYR CD1 CE1  sing Y N 306 
TYR CD1 HD1  sing N N 307 
TYR CD2 CE2  doub Y N 308 
TYR CD2 HD2  sing N N 309 
TYR CE1 CZ   doub Y N 310 
TYR CE1 HE1  sing N N 311 
TYR CE2 CZ   sing Y N 312 
TYR CE2 HE2  sing N N 313 
TYR CZ  OH   sing N N 314 
TYR OH  HH   sing N N 315 
TYR OXT HXT  sing N N 316 
VAL N   CA   sing N N 317 
VAL N   H    sing N N 318 
VAL N   H2   sing N N 319 
VAL CA  C    sing N N 320 
VAL CA  CB   sing N N 321 
VAL CA  HA   sing N N 322 
VAL C   O    doub N N 323 
VAL C   OXT  sing N N 324 
VAL CB  CG1  sing N N 325 
VAL CB  CG2  sing N N 326 
VAL CB  HB   sing N N 327 
VAL CG1 HG11 sing N N 328 
VAL CG1 HG12 sing N N 329 
VAL CG1 HG13 sing N N 330 
VAL CG2 HG21 sing N N 331 
VAL CG2 HG22 sing N N 332 
VAL CG2 HG23 sing N N 333 
VAL OXT HXT  sing N N 334 
# 
_atom_sites.entry_id                    3E3V 
_atom_sites.fract_transf_matrix[1][1]   0.00176494 
_atom_sites.fract_transf_matrix[1][2]   -0.00227376 
_atom_sites.fract_transf_matrix[1][3]   0.00533970 
_atom_sites.fract_transf_matrix[2][1]   0.00064390 
_atom_sites.fract_transf_matrix[2][2]   0.02160915 
_atom_sites.fract_transf_matrix[2][3]   0.00898881 
_atom_sites.fract_transf_matrix[3][1]   -0.03922721 
_atom_sites.fract_transf_matrix[3][2]   -0.00402409 
_atom_sites.fract_transf_matrix[3][3]   0.01248391 
_atom_sites.fract_transf_vector[1]      0.212363 
_atom_sites.fract_transf_vector[2]      0.278699 
_atom_sites.fract_transf_vector[3]      0.116445 
# 
loop_
_atom_type.symbol 
C 
N 
O 
S 
# 
loop_
_atom_site.group_PDB 
_atom_site.id 
_atom_site.type_symbol 
_atom_site.label_atom_id 
_atom_site.label_alt_id 
_atom_site.label_comp_id 
_atom_site.label_asym_id 
_atom_site.label_entity_id 
_atom_site.label_seq_id 
_atom_site.pdbx_PDB_ins_code 
_atom_site.Cartn_x 
_atom_site.Cartn_y 
_atom_site.Cartn_z 
_atom_site.occupancy 
_atom_site.B_iso_or_equiv 
_atom_site.pdbx_formal_charge 
_atom_site.auth_seq_id 
_atom_site.auth_comp_id 
_atom_site.auth_asym_id 
_atom_site.auth_atom_id 
_atom_site.pdbx_PDB_model_num 
ATOM   1    N N   . LEU A 1 13  ? 21.093  -13.235 28.693  1.00 60.61 ? 55  LEU A N   1 
ATOM   2    C CA  . LEU A 1 13  ? 20.151  -13.200 29.854  1.00 60.57 ? 55  LEU A CA  1 
ATOM   3    C C   . LEU A 1 13  ? 19.165  -12.045 29.640  1.00 60.31 ? 55  LEU A C   1 
ATOM   4    O O   . LEU A 1 13  ? 18.340  -12.080 28.721  1.00 59.98 ? 55  LEU A O   1 
ATOM   5    C CB  . LEU A 1 13  ? 20.942  -13.001 31.161  1.00 60.04 ? 55  LEU A CB  1 
ATOM   6    C CG  . LEU A 1 13  ? 20.448  -13.609 32.485  1.00 59.29 ? 55  LEU A CG  1 
ATOM   7    C CD1 . LEU A 1 13  ? 21.438  -13.251 33.584  1.00 59.42 ? 55  LEU A CD1 1 
ATOM   8    C CD2 . LEU A 1 13  ? 19.063  -13.098 32.842  1.00 59.38 ? 55  LEU A CD2 1 
ATOM   9    N N   . ALA A 1 14  ? 19.263  -11.024 30.488  1.00 60.06 ? 56  ALA A N   1 
ATOM   10   C CA  . ALA A 1 14  ? 18.399  -9.853  30.397  1.00 58.97 ? 56  ALA A CA  1 
ATOM   11   C C   . ALA A 1 14  ? 18.969  -8.845  29.402  1.00 58.37 ? 56  ALA A C   1 
ATOM   12   O O   . ALA A 1 14  ? 18.321  -7.855  29.068  1.00 58.98 ? 56  ALA A O   1 
ATOM   13   C CB  . ALA A 1 14  ? 18.255  -9.205  31.764  1.00 59.01 ? 56  ALA A CB  1 
ATOM   14   N N   . ASP A 1 15  ? 20.187  -9.095  28.937  1.00 57.55 ? 57  ASP A N   1 
ATOM   15   C CA  . ASP A 1 15  ? 20.829  -8.207  27.977  1.00 57.81 ? 57  ASP A CA  1 
ATOM   16   C C   . ASP A 1 15  ? 20.307  -8.549  26.590  1.00 57.37 ? 57  ASP A C   1 
ATOM   17   O O   . ASP A 1 15  ? 20.580  -7.847  25.616  1.00 57.41 ? 57  ASP A O   1 
ATOM   18   C CB  . ASP A 1 15  ? 22.343  -8.391  28.007  1.00 59.27 ? 57  ASP A CB  1 
ATOM   19   C CG  . ASP A 1 15  ? 22.771  -9.736  27.464  1.00 61.65 ? 57  ASP A CG  1 
ATOM   20   O OD1 . ASP A 1 15  ? 22.466  -10.770 28.104  1.00 62.72 ? 57  ASP A OD1 1 
ATOM   21   O OD2 . ASP A 1 15  ? 23.411  -9.763  26.387  1.00 63.06 ? 57  ASP A OD2 1 
ATOM   22   N N   . ASP A 1 16  ? 19.553  -9.639  26.517  1.00 56.36 ? 58  ASP A N   1 
ATOM   23   C CA  . ASP A 1 16  ? 18.977  -10.109 25.265  1.00 54.75 ? 58  ASP A CA  1 
ATOM   24   C C   . ASP A 1 16  ? 17.810  -9.200  24.900  1.00 52.63 ? 58  ASP A C   1 
ATOM   25   O O   . ASP A 1 16  ? 17.741  -8.664  23.800  1.00 51.70 ? 58  ASP A O   1 
ATOM   26   C CB  . ASP A 1 16  ? 18.470  -11.543 25.434  1.00 58.42 ? 58  ASP A CB  1 
ATOM   27   C CG  . ASP A 1 16  ? 18.454  -12.315 24.130  1.00 61.10 ? 58  ASP A CG  1 
ATOM   28   O OD1 . ASP A 1 16  ? 17.760  -13.355 24.059  1.00 63.08 ? 58  ASP A OD1 1 
ATOM   29   O OD2 . ASP A 1 16  ? 19.148  -11.888 23.180  1.00 62.23 ? 58  ASP A OD2 1 
ATOM   30   N N   . ILE A 1 17  ? 16.888  -9.039  25.841  1.00 49.78 ? 59  ILE A N   1 
ATOM   31   C CA  . ILE A 1 17  ? 15.719  -8.199  25.646  1.00 47.88 ? 59  ILE A CA  1 
ATOM   32   C C   . ILE A 1 17  ? 16.174  -6.756  25.405  1.00 46.06 ? 59  ILE A C   1 
ATOM   33   O O   . ILE A 1 17  ? 15.545  -5.998  24.664  1.00 45.60 ? 59  ILE A O   1 
ATOM   34   C CB  . ILE A 1 17  ? 14.802  -8.276  26.892  1.00 48.45 ? 59  ILE A CB  1 
ATOM   35   C CG1 . ILE A 1 17  ? 14.433  -9.740  27.156  1.00 49.08 ? 59  ILE A CG1 1 
ATOM   36   C CG2 . ILE A 1 17  ? 13.547  -7.456  26.685  1.00 48.28 ? 59  ILE A CG2 1 
ATOM   37   C CD1 . ILE A 1 17  ? 13.669  -9.975  28.443  1.00 49.90 ? 59  ILE A CD1 1 
ATOM   38   N N   . SER A 1 18  ? 17.291  -6.394  26.024  1.00 43.38 ? 60  SER A N   1 
ATOM   39   C CA  . SER A 1 18  ? 17.853  -5.060  25.897  1.00 40.43 ? 60  SER A CA  1 
ATOM   40   C C   . SER A 1 18  ? 18.356  -4.802  24.485  1.00 39.83 ? 60  SER A C   1 
ATOM   41   O O   . SER A 1 18  ? 18.052  -3.771  23.883  1.00 36.93 ? 60  SER A O   1 
ATOM   42   C CB  . SER A 1 18  ? 19.001  -4.888  26.890  1.00 40.50 ? 60  SER A CB  1 
ATOM   43   O OG  . SER A 1 18  ? 19.658  -3.654  26.686  1.00 40.44 ? 60  SER A OG  1 
ATOM   44   N N   . LYS A 1 19  ? 19.147  -5.732  23.961  1.00 39.23 ? 61  LYS A N   1 
ATOM   45   C CA  . LYS A 1 19  ? 19.664  -5.579  22.606  1.00 40.55 ? 61  LYS A CA  1 
ATOM   46   C C   . LYS A 1 19  ? 18.481  -5.555  21.638  1.00 38.35 ? 61  LYS A C   1 
ATOM   47   O O   . LYS A 1 19  ? 18.524  -4.891  20.605  1.00 38.72 ? 61  LYS A O   1 
ATOM   48   C CB  . LYS A 1 19  ? 20.610  -6.737  22.255  1.00 42.82 ? 61  LYS A CB  1 
ATOM   49   C CG  . LYS A 1 19  ? 21.847  -6.827  23.153  1.00 46.71 ? 61  LYS A CG  1 
ATOM   50   C CD  . LYS A 1 19  ? 22.754  -7.990  22.757  1.00 48.05 ? 61  LYS A CD  1 
ATOM   51   C CE  . LYS A 1 19  ? 23.800  -7.568  21.732  1.00 49.18 ? 61  LYS A CE  1 
ATOM   52   N NZ  . LYS A 1 19  ? 24.763  -6.582  22.316  1.00 48.43 ? 61  LYS A NZ  1 
ATOM   53   N N   . GLY A 1 20  ? 17.427  -6.286  21.991  1.00 36.57 ? 62  GLY A N   1 
ATOM   54   C CA  . GLY A 1 20  ? 16.241  -6.338  21.160  1.00 35.37 ? 62  GLY A CA  1 
ATOM   55   C C   . GLY A 1 20  ? 15.522  -5.002  21.096  1.00 34.66 ? 62  GLY A C   1 
ATOM   56   O O   . GLY A 1 20  ? 15.116  -4.570  20.018  1.00 37.04 ? 62  GLY A O   1 
ATOM   57   N N   . TYR A 1 21  ? 15.360  -4.348  22.244  1.00 32.65 ? 63  TYR A N   1 
ATOM   58   C CA  . TYR A 1 21  ? 14.698  -3.045  22.292  1.00 30.98 ? 63  TYR A CA  1 
ATOM   59   C C   . TYR A 1 21  ? 15.516  -1.980  21.580  1.00 30.09 ? 63  TYR A C   1 
ATOM   60   O O   . TYR A 1 21  ? 14.956  -1.063  20.977  1.00 29.49 ? 63  TYR A O   1 
ATOM   61   C CB  . TYR A 1 21  ? 14.461  -2.596  23.741  1.00 29.38 ? 63  TYR A CB  1 
ATOM   62   C CG  . TYR A 1 21  ? 13.181  -3.131  24.358  1.00 27.91 ? 63  TYR A CG  1 
ATOM   63   C CD1 . TYR A 1 21  ? 11.943  -2.846  23.791  1.00 25.96 ? 63  TYR A CD1 1 
ATOM   64   C CD2 . TYR A 1 21  ? 13.212  -3.918  25.513  1.00 27.62 ? 63  TYR A CD2 1 
ATOM   65   C CE1 . TYR A 1 21  ? 10.774  -3.325  24.353  1.00 26.62 ? 63  TYR A CE1 1 
ATOM   66   C CE2 . TYR A 1 21  ? 12.043  -4.402  26.080  1.00 24.29 ? 63  TYR A CE2 1 
ATOM   67   C CZ  . TYR A 1 21  ? 10.825  -4.099  25.496  1.00 24.32 ? 63  TYR A CZ  1 
ATOM   68   O OH  . TYR A 1 21  ? 9.649   -4.552  26.061  1.00 27.31 ? 63  TYR A OH  1 
ATOM   69   N N   . ASN A 1 22  ? 16.839  -2.094  21.663  1.00 28.90 ? 64  ASN A N   1 
ATOM   70   C CA  . ASN A 1 22  ? 17.726  -1.132  21.029  1.00 29.31 ? 64  ASN A CA  1 
ATOM   71   C C   . ASN A 1 22  ? 17.658  -1.196  19.505  1.00 30.90 ? 64  ASN A C   1 
ATOM   72   O O   . ASN A 1 22  ? 17.535  -0.169  18.837  1.00 30.38 ? 64  ASN A O   1 
ATOM   73   C CB  . ASN A 1 22  ? 19.167  -1.351  21.508  1.00 28.55 ? 64  ASN A CB  1 
ATOM   74   C CG  . ASN A 1 22  ? 20.160  -0.423  20.831  1.00 28.52 ? 64  ASN A CG  1 
ATOM   75   O OD1 . ASN A 1 22  ? 20.969  -0.861  20.007  1.00 31.67 ? 64  ASN A OD1 1 
ATOM   76   N ND2 . ASN A 1 22  ? 20.105  0.862   21.167  1.00 27.72 ? 64  ASN A ND2 1 
ATOM   77   N N   . ALA A 1 23  ? 17.735  -2.400  18.951  1.00 32.30 ? 65  ALA A N   1 
ATOM   78   C CA  . ALA A 1 23  ? 17.679  -2.554  17.504  1.00 33.99 ? 65  ALA A CA  1 
ATOM   79   C C   . ALA A 1 23  ? 16.319  -2.107  16.964  1.00 34.47 ? 65  ALA A C   1 
ATOM   80   O O   . ALA A 1 23  ? 16.224  -1.545  15.861  1.00 33.40 ? 65  ALA A O   1 
ATOM   81   C CB  . ALA A 1 23  ? 17.947  -4.008  17.130  1.00 33.59 ? 65  ALA A CB  1 
ATOM   82   N N   . ALA A 1 24  ? 15.269  -2.349  17.749  1.00 33.51 ? 66  ALA A N   1 
ATOM   83   C CA  . ALA A 1 24  ? 13.922  -1.983  17.345  1.00 32.91 ? 66  ALA A CA  1 
ATOM   84   C C   . ALA A 1 24  ? 13.774  -0.484  17.174  1.00 33.43 ? 66  ALA A C   1 
ATOM   85   O O   . ALA A 1 24  ? 13.227  -0.024  16.170  1.00 33.40 ? 66  ALA A O   1 
ATOM   86   C CB  . ALA A 1 24  ? 12.905  -2.493  18.363  1.00 32.47 ? 66  ALA A CB  1 
ATOM   87   N N   . LEU A 1 25  ? 14.247  0.288   18.148  1.00 32.87 ? 67  LEU A N   1 
ATOM   88   C CA  . LEU A 1 25  ? 14.127  1.738   18.046  1.00 33.63 ? 67  LEU A CA  1 
ATOM   89   C C   . LEU A 1 25  ? 15.038  2.360   16.992  1.00 35.29 ? 67  LEU A C   1 
ATOM   90   O O   . LEU A 1 25  ? 14.776  3.467   16.522  1.00 33.33 ? 67  LEU A O   1 
ATOM   91   C CB  . LEU A 1 25  ? 14.336  2.404   19.410  1.00 32.69 ? 67  LEU A CB  1 
ATOM   92   C CG  . LEU A 1 25  ? 13.010  2.459   20.180  1.00 34.10 ? 67  LEU A CG  1 
ATOM   93   C CD1 . LEU A 1 25  ? 12.752  1.122   20.872  1.00 32.80 ? 67  LEU A CD1 1 
ATOM   94   C CD2 . LEU A 1 25  ? 13.038  3.596   21.180  1.00 36.38 ? 67  LEU A CD2 1 
ATOM   95   N N   . ASN A 1 26  ? 16.105  1.659   16.618  1.00 38.49 ? 68  ASN A N   1 
ATOM   96   C CA  . ASN A 1 26  ? 17.006  2.166   15.582  1.00 41.07 ? 68  ASN A CA  1 
ATOM   97   C C   . ASN A 1 26  ? 16.243  2.052   14.265  1.00 42.04 ? 68  ASN A C   1 
ATOM   98   O O   . ASN A 1 26  ? 16.117  3.014   13.503  1.00 42.69 ? 68  ASN A O   1 
ATOM   99   C CB  . ASN A 1 26  ? 18.278  1.312   15.492  1.00 42.46 ? 68  ASN A CB  1 
ATOM   100  C CG  . ASN A 1 26  ? 19.266  1.594   16.609  1.00 44.95 ? 68  ASN A CG  1 
ATOM   101  O OD1 . ASN A 1 26  ? 20.302  0.929   16.714  1.00 47.14 ? 68  ASN A OD1 1 
ATOM   102  N ND2 . ASN A 1 26  ? 18.962  2.580   17.442  1.00 45.64 ? 68  ASN A ND2 1 
ATOM   103  N N   . TYR A 1 27  ? 15.741  0.844   14.035  1.00 42.24 ? 69  TYR A N   1 
ATOM   104  C CA  . TYR A 1 27  ? 14.973  0.452   12.859  1.00 43.20 ? 69  TYR A CA  1 
ATOM   105  C C   . TYR A 1 27  ? 13.693  1.280   12.648  1.00 43.31 ? 69  TYR A C   1 
ATOM   106  O O   . TYR A 1 27  ? 13.235  1.452   11.512  1.00 43.98 ? 69  TYR A O   1 
ATOM   107  C CB  . TYR A 1 27  ? 14.652  -1.041  13.014  1.00 43.92 ? 69  TYR A CB  1 
ATOM   108  C CG  . TYR A 1 27  ? 14.017  -1.756  11.840  1.00 45.67 ? 69  TYR A CG  1 
ATOM   109  C CD1 . TYR A 1 27  ? 14.583  -1.705  10.564  1.00 47.22 ? 69  TYR A CD1 1 
ATOM   110  C CD2 . TYR A 1 27  ? 12.893  -2.566  12.031  1.00 46.22 ? 69  TYR A CD2 1 
ATOM   111  C CE1 . TYR A 1 27  ? 14.048  -2.446  9.508   1.00 49.07 ? 69  TYR A CE1 1 
ATOM   112  C CE2 . TYR A 1 27  ? 12.352  -3.307  10.991  1.00 49.45 ? 69  TYR A CE2 1 
ATOM   113  C CZ  . TYR A 1 27  ? 12.935  -3.245  9.728   1.00 50.18 ? 69  TYR A CZ  1 
ATOM   114  O OH  . TYR A 1 27  ? 12.401  -3.986  8.695   1.00 52.71 ? 69  TYR A OH  1 
ATOM   115  N N   . LEU A 1 28  ? 13.126  1.801   13.733  1.00 41.50 ? 70  LEU A N   1 
ATOM   116  C CA  . LEU A 1 28  ? 11.900  2.594   13.659  1.00 39.88 ? 70  LEU A CA  1 
ATOM   117  C C   . LEU A 1 28  ? 12.098  4.116   13.617  1.00 41.69 ? 70  LEU A C   1 
ATOM   118  O O   . LEU A 1 28  ? 11.258  4.829   13.062  1.00 40.97 ? 70  LEU A O   1 
ATOM   119  C CB  . LEU A 1 28  ? 10.985  2.264   14.843  1.00 34.83 ? 70  LEU A CB  1 
ATOM   120  C CG  . LEU A 1 28  ? 10.360  0.875   14.968  1.00 31.64 ? 70  LEU A CG  1 
ATOM   121  C CD1 . LEU A 1 28  ? 9.796   0.719   16.367  1.00 30.59 ? 70  LEU A CD1 1 
ATOM   122  C CD2 . LEU A 1 28  ? 9.262   0.689   13.930  1.00 30.33 ? 70  LEU A CD2 1 
ATOM   123  N N   . SER A 1 29  ? 13.181  4.617   14.220  1.00 43.18 ? 71  SER A N   1 
ATOM   124  C CA  . SER A 1 29  ? 13.444  6.062   14.246  1.00 45.76 ? 71  SER A CA  1 
ATOM   125  C C   . SER A 1 29  ? 13.474  6.632   12.832  1.00 47.19 ? 71  SER A C   1 
ATOM   126  O O   . SER A 1 29  ? 13.011  7.750   12.580  1.00 46.85 ? 71  SER A O   1 
ATOM   127  C CB  . SER A 1 29  ? 14.770  6.369   14.957  1.00 44.37 ? 71  SER A CB  1 
ATOM   128  O OG  . SER A 1 29  ? 15.872  5.782   14.286  1.00 45.83 ? 71  SER A OG  1 
ATOM   129  N N   . TYR A 1 30  ? 14.011  5.849   11.906  1.00 49.15 ? 72  TYR A N   1 
ATOM   130  C CA  . TYR A 1 30  ? 14.078  6.271   10.523  1.00 50.53 ? 72  TYR A CA  1 
ATOM   131  C C   . TYR A 1 30  ? 12.687  6.146   9.901   1.00 51.52 ? 72  TYR A C   1 
ATOM   132  O O   . TYR A 1 30  ? 11.876  7.072   9.972   1.00 52.99 ? 72  TYR A O   1 
ATOM   133  C CB  . TYR A 1 30  ? 15.084  5.412   9.768   1.00 50.83 ? 72  TYR A CB  1 
ATOM   134  N N   . GLN A 1 31  ? 12.404  4.982   9.321   1.00 51.79 ? 73  GLN A N   1 
ATOM   135  C CA  . GLN A 1 31  ? 11.124  4.730   8.664   1.00 50.46 ? 73  GLN A CA  1 
ATOM   136  C C   . GLN A 1 31  ? 10.051  4.116   9.557   1.00 48.88 ? 73  GLN A C   1 
ATOM   137  O O   . GLN A 1 31  ? 10.294  3.771   10.713  1.00 49.68 ? 73  GLN A O   1 
ATOM   138  C CB  . GLN A 1 31  ? 11.346  3.820   7.449   1.00 50.96 ? 73  GLN A CB  1 
ATOM   139  C CG  . GLN A 1 31  ? 12.022  4.508   6.268   1.00 52.58 ? 73  GLN A CG  1 
ATOM   140  C CD  . GLN A 1 31  ? 12.407  3.541   5.159   1.00 52.71 ? 73  GLN A CD  1 
ATOM   141  O OE1 . GLN A 1 31  ? 13.410  2.832   5.254   1.00 52.57 ? 73  GLN A OE1 1 
ATOM   142  N NE2 . GLN A 1 31  ? 11.603  3.505   4.105   1.00 54.00 ? 73  GLN A NE2 1 
ATOM   143  N N   . LEU A 1 32  ? 8.857   3.990   8.994   1.00 45.51 ? 74  LEU A N   1 
ATOM   144  C CA  . LEU A 1 32  ? 7.726   3.393   9.683   1.00 41.69 ? 74  LEU A CA  1 
ATOM   145  C C   . LEU A 1 32  ? 7.840   1.905   9.322   1.00 39.22 ? 74  LEU A C   1 
ATOM   146  O O   . LEU A 1 32  ? 8.283   1.576   8.223   1.00 39.53 ? 74  LEU A O   1 
ATOM   147  C CB  . LEU A 1 32  ? 6.418   3.996   9.147   1.00 39.39 ? 74  LEU A CB  1 
ATOM   148  C CG  . LEU A 1 32  ? 5.232   4.174   10.104  1.00 38.71 ? 74  LEU A CG  1 
ATOM   149  C CD1 . LEU A 1 32  ? 5.592   5.159   11.210  1.00 35.15 ? 74  LEU A CD1 1 
ATOM   150  C CD2 . LEU A 1 32  ? 4.022   4.695   9.319   1.00 37.00 ? 74  LEU A CD2 1 
ATOM   151  N N   . ARG A 1 33  ? 7.472   1.007   10.234  1.00 36.36 ? 75  ARG A N   1 
ATOM   152  C CA  . ARG A 1 33  ? 7.580   -0.429  9.963   1.00 32.95 ? 75  ARG A CA  1 
ATOM   153  C C   . ARG A 1 33  ? 6.351   -1.205  10.425  1.00 31.59 ? 75  ARG A C   1 
ATOM   154  O O   . ARG A 1 33  ? 5.747   -0.868  11.448  1.00 28.56 ? 75  ARG A O   1 
ATOM   155  C CB  . ARG A 1 33  ? 8.818   -1.007  10.665  1.00 34.08 ? 75  ARG A CB  1 
ATOM   156  C CG  . ARG A 1 33  ? 10.137  -0.368  10.281  1.00 37.20 ? 75  ARG A CG  1 
ATOM   157  C CD  . ARG A 1 33  ? 10.480  -0.641  8.824   1.00 41.69 ? 75  ARG A CD  1 
ATOM   158  N NE  . ARG A 1 33  ? 11.764  -0.069  8.436   1.00 46.19 ? 75  ARG A NE  1 
ATOM   159  C CZ  . ARG A 1 33  ? 12.163  0.079   7.174   1.00 49.16 ? 75  ARG A CZ  1 
ATOM   160  N NH1 . ARG A 1 33  ? 11.375  -0.303  6.174   1.00 50.41 ? 75  ARG A NH1 1 
ATOM   161  N NH2 . ARG A 1 33  ? 13.349  0.613   6.909   1.00 48.65 ? 75  ARG A NH2 1 
ATOM   162  N N   . THR A 1 34  ? 5.979   -2.244  9.675   1.00 30.53 ? 76  THR A N   1 
ATOM   163  C CA  . THR A 1 34  ? 4.826   -3.059  10.040  1.00 30.28 ? 76  THR A CA  1 
ATOM   164  C C   . THR A 1 34  ? 5.283   -3.900  11.209  1.00 29.12 ? 76  THR A C   1 
ATOM   165  O O   . THR A 1 34  ? 6.481   -4.009  11.461  1.00 30.46 ? 76  THR A O   1 
ATOM   166  C CB  . THR A 1 34  ? 4.380   -4.050  8.923   1.00 29.74 ? 76  THR A CB  1 
ATOM   167  O OG1 . THR A 1 34  ? 5.373   -5.068  8.770   1.00 31.17 ? 76  THR A OG1 1 
ATOM   168  C CG2 . THR A 1 34  ? 4.166   -3.340  7.593   1.00 27.00 ? 76  THR A CG2 1 
ATOM   169  N N   . ARG A 1 35  ? 4.332   -4.493  11.919  1.00 29.56 ? 77  ARG A N   1 
ATOM   170  C CA  . ARG A 1 35  ? 4.662   -5.347  13.050  1.00 31.97 ? 77  ARG A CA  1 
ATOM   171  C C   . ARG A 1 35  ? 5.583   -6.473  12.588  1.00 33.94 ? 77  ARG A C   1 
ATOM   172  O O   . ARG A 1 35  ? 6.624   -6.724  13.192  1.00 31.74 ? 77  ARG A O   1 
ATOM   173  C CB  . ARG A 1 35  ? 3.386   -5.941  13.654  1.00 32.86 ? 77  ARG A CB  1 
ATOM   174  C CG  . ARG A 1 35  ? 3.645   -7.015  14.704  1.00 36.62 ? 77  ARG A CG  1 
ATOM   175  C CD  . ARG A 1 35  ? 2.356   -7.500  15.356  1.00 38.38 ? 77  ARG A CD  1 
ATOM   176  N NE  . ARG A 1 35  ? 2.614   -8.587  16.295  1.00 44.28 ? 77  ARG A NE  1 
ATOM   177  C CZ  . ARG A 1 35  ? 1.748   -9.021  17.206  1.00 45.84 ? 77  ARG A CZ  1 
ATOM   178  N NH1 . ARG A 1 35  ? 0.550   -8.459  17.317  1.00 49.06 ? 77  ARG A NH1 1 
ATOM   179  N NH2 . ARG A 1 35  ? 2.078   -10.026 18.005  1.00 48.76 ? 77  ARG A NH2 1 
ATOM   180  N N   . LYS A 1 36  ? 5.202   -7.134  11.498  1.00 36.88 ? 78  LYS A N   1 
ATOM   181  C CA  . LYS A 1 36  ? 5.987   -8.245  10.969  1.00 38.34 ? 78  LYS A CA  1 
ATOM   182  C C   . LYS A 1 36  ? 7.407   -7.846  10.552  1.00 38.96 ? 78  LYS A C   1 
ATOM   183  O O   . LYS A 1 36  ? 8.344   -8.635  10.705  1.00 39.91 ? 78  LYS A O   1 
ATOM   184  C CB  . LYS A 1 36  ? 5.253   -8.896  9.791   1.00 41.02 ? 78  LYS A CB  1 
ATOM   185  C CG  . LYS A 1 36  ? 5.663   -10.343 9.554   1.00 41.82 ? 78  LYS A CG  1 
ATOM   186  C CD  . LYS A 1 36  ? 5.248   -10.832 8.180   1.00 45.03 ? 78  LYS A CD  1 
ATOM   187  C CE  . LYS A 1 36  ? 5.768   -12.238 7.920   1.00 44.14 ? 78  LYS A CE  1 
ATOM   188  N NZ  . LYS A 1 36  ? 5.504   -12.662 6.515   1.00 47.08 ? 78  LYS A NZ  1 
ATOM   189  N N   . GLU A 1 37  ? 7.578   -6.636  10.022  1.00 39.38 ? 79  GLU A N   1 
ATOM   190  C CA  . GLU A 1 37  ? 8.909   -6.172  9.624   1.00 40.00 ? 79  GLU A CA  1 
ATOM   191  C C   . GLU A 1 37  ? 9.844   -6.137  10.829  1.00 41.30 ? 79  GLU A C   1 
ATOM   192  O O   . GLU A 1 37  ? 11.034  -6.445  10.721  1.00 42.67 ? 79  GLU A O   1 
ATOM   193  C CB  . GLU A 1 37  ? 8.847   -4.769  9.010   1.00 41.13 ? 79  GLU A CB  1 
ATOM   194  C CG  . GLU A 1 37  ? 8.513   -4.725  7.528   1.00 40.03 ? 79  GLU A CG  1 
ATOM   195  C CD  . GLU A 1 37  ? 8.568   -3.315  6.981   1.00 40.37 ? 79  GLU A CD  1 
ATOM   196  O OE1 . GLU A 1 37  ? 7.791   -2.463  7.458   1.00 38.41 ? 79  GLU A OE1 1 
ATOM   197  O OE2 . GLU A 1 37  ? 9.393   -3.049  6.081   1.00 41.28 ? 79  GLU A OE2 1 
ATOM   198  N N   . VAL A 1 38  ? 9.307   -5.733  11.978  1.00 40.19 ? 80  VAL A N   1 
ATOM   199  C CA  . VAL A 1 38  ? 10.091  -5.671  13.204  1.00 39.39 ? 80  VAL A CA  1 
ATOM   200  C C   . VAL A 1 38  ? 10.128  -7.071  13.802  1.00 40.66 ? 80  VAL A C   1 
ATOM   201  O O   . VAL A 1 38  ? 11.161  -7.533  14.268  1.00 41.48 ? 80  VAL A O   1 
ATOM   202  C CB  . VAL A 1 38  ? 9.455   -4.704  14.239  1.00 37.55 ? 80  VAL A CB  1 
ATOM   203  C CG1 . VAL A 1 38  ? 10.327  -4.622  15.485  1.00 36.49 ? 80  VAL A CG1 1 
ATOM   204  C CG2 . VAL A 1 38  ? 9.290   -3.325  13.636  1.00 34.61 ? 80  VAL A CG2 1 
ATOM   205  N N   . GLU A 1 39  ? 8.981   -7.739  13.763  1.00 43.00 ? 81  GLU A N   1 
ATOM   206  C CA  . GLU A 1 39  ? 8.815   -9.085  14.292  1.00 45.22 ? 81  GLU A CA  1 
ATOM   207  C C   . GLU A 1 39  ? 9.877   -10.039 13.751  1.00 47.87 ? 81  GLU A C   1 
ATOM   208  O O   . GLU A 1 39  ? 10.319  -10.949 14.456  1.00 48.45 ? 81  GLU A O   1 
ATOM   209  C CB  . GLU A 1 39  ? 7.415   -9.582  13.948  1.00 45.96 ? 81  GLU A CB  1 
ATOM   210  C CG  . GLU A 1 39  ? 6.795   -10.451 15.000  1.00 45.87 ? 81  GLU A CG  1 
ATOM   211  C CD  . GLU A 1 39  ? 5.287   -10.448 14.915  1.00 47.01 ? 81  GLU A CD  1 
ATOM   212  O OE1 . GLU A 1 39  ? 4.740   -10.714 13.815  1.00 47.38 ? 81  GLU A OE1 1 
ATOM   213  O OE2 . GLU A 1 39  ? 4.647   -10.180 15.953  1.00 46.46 ? 81  GLU A OE2 1 
ATOM   214  N N   . ASP A 1 40  ? 10.276  -9.856  12.496  1.00 50.04 ? 82  ASP A N   1 
ATOM   215  C CA  . ASP A 1 40  ? 11.335  -10.694 11.955  1.00 52.46 ? 82  ASP A CA  1 
ATOM   216  C C   . ASP A 1 40  ? 12.519  -9.854  11.480  1.00 52.89 ? 82  ASP A C   1 
ATOM   217  O O   . ASP A 1 40  ? 12.990  -9.966  10.349  1.00 54.44 ? 82  ASP A O   1 
ATOM   218  C CB  . ASP A 1 40  ? 10.832  -11.662 10.856  1.00 53.06 ? 82  ASP A CB  1 
ATOM   219  C CG  . ASP A 1 40  ? 10.076  -10.976 9.740   1.00 53.44 ? 82  ASP A CG  1 
ATOM   220  O OD1 . ASP A 1 40  ? 10.601  -10.004 9.157   1.00 55.75 ? 82  ASP A OD1 1 
ATOM   221  O OD2 . ASP A 1 40  ? 8.953   -11.435 9.429   1.00 54.11 ? 82  ASP A OD2 1 
ATOM   222  N N   . LYS A 1 41  ? 12.967  -8.986  12.379  1.00 53.11 ? 83  LYS A N   1 
ATOM   223  C CA  . LYS A 1 41  ? 14.134  -8.137  12.179  1.00 53.37 ? 83  LYS A CA  1 
ATOM   224  C C   . LYS A 1 41  ? 14.886  -8.374  13.479  1.00 54.30 ? 83  LYS A C   1 
ATOM   225  O O   . LYS A 1 41  ? 16.096  -8.142  13.580  1.00 54.26 ? 83  LYS A O   1 
ATOM   226  C CB  . LYS A 1 41  ? 13.757  -6.661  12.056  1.00 52.69 ? 83  LYS A CB  1 
ATOM   227  C CG  . LYS A 1 41  ? 14.929  -5.704  12.298  1.00 51.67 ? 83  LYS A CG  1 
ATOM   228  C CD  . LYS A 1 41  ? 16.128  -6.015  11.398  1.00 53.15 ? 83  LYS A CD  1 
ATOM   229  C CE  . LYS A 1 41  ? 17.329  -5.118  11.731  1.00 52.44 ? 83  LYS A CE  1 
ATOM   230  N NZ  . LYS A 1 41  ? 18.562  -5.448  10.941  1.00 52.99 ? 83  LYS A NZ  1 
ATOM   231  N N   . LEU A 1 42  ? 14.132  -8.844  14.472  1.00 53.18 ? 84  LEU A N   1 
ATOM   232  C CA  . LEU A 1 42  ? 14.673  -9.168  15.780  1.00 53.20 ? 84  LEU A CA  1 
ATOM   233  C C   . LEU A 1 42  ? 15.284  -10.554 15.619  1.00 53.98 ? 84  LEU A C   1 
ATOM   234  O O   . LEU A 1 42  ? 16.120  -10.985 16.416  1.00 54.50 ? 84  LEU A O   1 
ATOM   235  C CB  . LEU A 1 42  ? 13.556  -9.196  16.834  1.00 50.91 ? 84  LEU A CB  1 
ATOM   236  C CG  . LEU A 1 42  ? 12.794  -7.884  17.066  1.00 49.84 ? 84  LEU A CG  1 
ATOM   237  C CD1 . LEU A 1 42  ? 11.662  -8.101  18.065  1.00 48.47 ? 84  LEU A CD1 1 
ATOM   238  C CD2 . LEU A 1 42  ? 13.755  -6.818  17.566  1.00 48.09 ? 84  LEU A CD2 1 
ATOM   239  N N   . ARG A 1 43  ? 14.855  -11.242 14.565  1.00 54.78 ? 85  ARG A N   1 
ATOM   240  C CA  . ARG A 1 43  ? 15.347  -12.574 14.250  1.00 55.40 ? 85  ARG A CA  1 
ATOM   241  C C   . ARG A 1 43  ? 16.677  -12.463 13.506  1.00 56.76 ? 85  ARG A C   1 
ATOM   242  O O   . ARG A 1 43  ? 17.457  -13.417 13.458  1.00 55.75 ? 85  ARG A O   1 
ATOM   243  C CB  . ARG A 1 43  ? 14.310  -13.317 13.408  1.00 54.85 ? 85  ARG A CB  1 
ATOM   244  C CG  . ARG A 1 43  ? 13.092  -13.752 14.206  1.00 55.43 ? 85  ARG A CG  1 
ATOM   245  C CD  . ARG A 1 43  ? 11.876  -13.971 13.322  1.00 55.38 ? 85  ARG A CD  1 
ATOM   246  N NE  . ARG A 1 43  ? 10.795  -14.625 14.057  1.00 57.01 ? 85  ARG A NE  1 
ATOM   247  C CZ  . ARG A 1 43  ? 9.512   -14.581 13.706  1.00 57.49 ? 85  ARG A CZ  1 
ATOM   248  N NH1 . ARG A 1 43  ? 9.136   -13.907 12.625  1.00 57.81 ? 85  ARG A NH1 1 
ATOM   249  N NH2 . ARG A 1 43  ? 8.604   -15.214 14.438  1.00 58.27 ? 85  ARG A NH2 1 
ATOM   250  N N   . SER A 1 44  ? 16.923  -11.288 12.925  1.00 58.08 ? 86  SER A N   1 
ATOM   251  C CA  . SER A 1 44  ? 18.165  -11.022 12.201  1.00 60.38 ? 86  SER A CA  1 
ATOM   252  C C   . SER A 1 44  ? 19.269  -10.832 13.228  1.00 62.07 ? 86  SER A C   1 
ATOM   253  O O   . SER A 1 44  ? 20.437  -10.638 12.881  1.00 63.10 ? 86  SER A O   1 
ATOM   254  C CB  . SER A 1 44  ? 18.047  -9.738  11.375  1.00 59.42 ? 86  SER A CB  1 
ATOM   255  O OG  . SER A 1 44  ? 16.990  -9.818  10.441  1.00 62.26 ? 86  SER A OG  1 
ATOM   256  N N   . LEU A 1 45  ? 18.881  -10.884 14.497  1.00 63.28 ? 87  LEU A N   1 
ATOM   257  C CA  . LEU A 1 45  ? 19.814  -10.704 15.595  1.00 64.65 ? 87  LEU A CA  1 
ATOM   258  C C   . LEU A 1 45  ? 19.734  -11.897 16.543  1.00 65.52 ? 87  LEU A C   1 
ATOM   259  O O   . LEU A 1 45  ? 20.267  -11.865 17.654  1.00 66.03 ? 87  LEU A O   1 
ATOM   260  C CB  . LEU A 1 45  ? 19.466  -9.421  16.340  1.00 64.35 ? 87  LEU A CB  1 
ATOM   261  C CG  . LEU A 1 45  ? 18.850  -8.329  15.460  1.00 64.75 ? 87  LEU A CG  1 
ATOM   262  C CD1 . LEU A 1 45  ? 18.303  -7.224  16.347  1.00 65.29 ? 87  LEU A CD1 1 
ATOM   263  C CD2 . LEU A 1 45  ? 19.878  -7.790  14.476  1.00 64.28 ? 87  LEU A CD2 1 
ATOM   264  N N   . ASP A 1 46  ? 19.059  -12.948 16.098  1.00 66.44 ? 88  ASP A N   1 
ATOM   265  C CA  . ASP A 1 46  ? 18.909  -14.159 16.891  1.00 68.45 ? 88  ASP A CA  1 
ATOM   266  C C   . ASP A 1 46  ? 18.334  -13.886 18.275  1.00 68.31 ? 88  ASP A C   1 
ATOM   267  O O   . ASP A 1 46  ? 19.017  -14.034 19.289  1.00 68.12 ? 88  ASP A O   1 
ATOM   268  C CB  . ASP A 1 46  ? 20.257  -14.878 17.028  1.00 70.26 ? 88  ASP A CB  1 
ATOM   269  C CG  . ASP A 1 46  ? 20.115  -16.287 17.590  1.00 72.03 ? 88  ASP A CG  1 
ATOM   270  O OD1 . ASP A 1 46  ? 21.148  -16.969 17.769  1.00 73.45 ? 88  ASP A OD1 1 
ATOM   271  O OD2 . ASP A 1 46  ? 18.968  -16.713 17.848  1.00 72.73 ? 88  ASP A OD2 1 
ATOM   272  N N   . ILE A 1 47  ? 17.073  -13.477 18.306  1.00 68.39 ? 89  ILE A N   1 
ATOM   273  C CA  . ILE A 1 47  ? 16.382  -13.212 19.559  1.00 68.56 ? 89  ILE A CA  1 
ATOM   274  C C   . ILE A 1 47  ? 15.180  -14.147 19.558  1.00 69.27 ? 89  ILE A C   1 
ATOM   275  O O   . ILE A 1 47  ? 14.398  -14.164 18.610  1.00 69.57 ? 89  ILE A O   1 
ATOM   276  C CB  . ILE A 1 47  ? 15.922  -11.744 19.647  1.00 68.35 ? 89  ILE A CB  1 
ATOM   277  C CG1 . ILE A 1 47  ? 17.140  -10.822 19.540  1.00 67.96 ? 89  ILE A CG1 1 
ATOM   278  C CG2 . ILE A 1 47  ? 15.191  -11.504 20.961  1.00 67.26 ? 89  ILE A CG2 1 
ATOM   279  C CD1 . ILE A 1 47  ? 16.810  -9.349  19.449  1.00 67.34 ? 89  ILE A CD1 1 
ATOM   280  N N   . HIS A 1 48  ? 15.044  -14.932 20.618  1.00 70.36 ? 90  HIS A N   1 
ATOM   281  C CA  . HIS A 1 48  ? 13.965  -15.905 20.722  1.00 71.40 ? 90  HIS A CA  1 
ATOM   282  C C   . HIS A 1 48  ? 12.551  -15.331 20.736  1.00 71.21 ? 90  HIS A C   1 
ATOM   283  O O   . HIS A 1 48  ? 12.329  -14.201 21.170  1.00 70.99 ? 90  HIS A O   1 
ATOM   284  C CB  . HIS A 1 48  ? 14.201  -16.770 21.958  1.00 73.53 ? 90  HIS A CB  1 
ATOM   285  C CG  . HIS A 1 48  ? 15.559  -17.401 21.988  1.00 75.57 ? 90  HIS A CG  1 
ATOM   286  N ND1 . HIS A 1 48  ? 15.955  -18.359 21.078  1.00 76.78 ? 90  HIS A ND1 1 
ATOM   287  C CD2 . HIS A 1 48  ? 16.632  -17.174 22.783  1.00 76.60 ? 90  HIS A CD2 1 
ATOM   288  C CE1 . HIS A 1 48  ? 17.212  -18.693 21.310  1.00 77.38 ? 90  HIS A CE1 1 
ATOM   289  N NE2 . HIS A 1 48  ? 17.647  -17.987 22.340  1.00 76.77 ? 90  HIS A NE2 1 
ATOM   290  N N   . GLU A 1 49  ? 11.604  -16.131 20.247  1.00 70.90 ? 91  GLU A N   1 
ATOM   291  C CA  . GLU A 1 49  ? 10.194  -15.753 20.185  1.00 70.74 ? 91  GLU A CA  1 
ATOM   292  C C   . GLU A 1 49  ? 9.659   -15.387 21.560  1.00 70.17 ? 91  GLU A C   1 
ATOM   293  O O   . GLU A 1 49  ? 8.695   -14.631 21.687  1.00 69.52 ? 91  GLU A O   1 
ATOM   294  C CB  . GLU A 1 49  ? 9.366   -16.906 19.610  1.00 72.01 ? 91  GLU A CB  1 
ATOM   295  C CG  . GLU A 1 49  ? 8.903   -16.690 18.178  1.00 73.65 ? 91  GLU A CG  1 
ATOM   296  C CD  . GLU A 1 49  ? 10.049  -16.384 17.233  1.00 74.98 ? 91  GLU A CD  1 
ATOM   297  O OE1 . GLU A 1 49  ? 10.951  -17.237 17.094  1.00 75.89 ? 91  GLU A OE1 1 
ATOM   298  O OE2 . GLU A 1 49  ? 10.048  -15.289 16.631  1.00 75.51 ? 91  GLU A OE2 1 
ATOM   299  N N   . ASP A 1 50  ? 10.287  -15.941 22.590  1.00 69.74 ? 92  ASP A N   1 
ATOM   300  C CA  . ASP A 1 50  ? 9.891   -15.675 23.967  1.00 68.47 ? 92  ASP A CA  1 
ATOM   301  C C   . ASP A 1 50  ? 10.049  -14.181 24.231  1.00 66.34 ? 92  ASP A C   1 
ATOM   302  O O   . ASP A 1 50  ? 9.186   -13.542 24.834  1.00 65.77 ? 92  ASP A O   1 
ATOM   303  C CB  . ASP A 1 50  ? 10.796  -16.451 24.930  1.00 70.53 ? 92  ASP A CB  1 
ATOM   304  C CG  . ASP A 1 50  ? 11.105  -17.856 24.440  1.00 73.06 ? 92  ASP A CG  1 
ATOM   305  O OD1 . ASP A 1 50  ? 11.781  -17.992 23.397  1.00 73.99 ? 92  ASP A OD1 1 
ATOM   306  O OD2 . ASP A 1 50  ? 10.671  -18.825 25.099  1.00 75.34 ? 92  ASP A OD2 1 
ATOM   307  N N   . TYR A 1 51  ? 11.164  -13.637 23.752  1.00 64.08 ? 93  TYR A N   1 
ATOM   308  C CA  . TYR A 1 51  ? 11.500  -12.233 23.941  1.00 61.32 ? 93  TYR A CA  1 
ATOM   309  C C   . TYR A 1 51  ? 10.964  -11.277 22.870  1.00 57.47 ? 93  TYR A C   1 
ATOM   310  O O   . TYR A 1 51  ? 10.602  -10.141 23.176  1.00 55.12 ? 93  TYR A O   1 
ATOM   311  C CB  . TYR A 1 51  ? 13.019  -12.106 24.058  1.00 64.34 ? 93  TYR A CB  1 
ATOM   312  C CG  . TYR A 1 51  ? 13.608  -12.986 25.146  1.00 67.69 ? 93  TYR A CG  1 
ATOM   313  C CD1 . TYR A 1 51  ? 13.143  -12.902 26.460  1.00 69.15 ? 93  TYR A CD1 1 
ATOM   314  C CD2 . TYR A 1 51  ? 14.624  -13.901 24.863  1.00 69.31 ? 93  TYR A CD2 1 
ATOM   315  C CE1 . TYR A 1 51  ? 13.674  -13.702 27.465  1.00 71.37 ? 93  TYR A CE1 1 
ATOM   316  C CE2 . TYR A 1 51  ? 15.163  -14.708 25.861  1.00 71.32 ? 93  TYR A CE2 1 
ATOM   317  C CZ  . TYR A 1 51  ? 14.683  -14.603 27.162  1.00 71.81 ? 93  TYR A CZ  1 
ATOM   318  O OH  . TYR A 1 51  ? 15.205  -15.395 28.161  1.00 72.64 ? 93  TYR A OH  1 
ATOM   319  N N   . ILE A 1 52  ? 10.920  -11.730 21.621  1.00 53.50 ? 94  ILE A N   1 
ATOM   320  C CA  . ILE A 1 52  ? 10.412  -10.898 20.532  1.00 48.82 ? 94  ILE A CA  1 
ATOM   321  C C   . ILE A 1 52  ? 8.993   -10.450 20.849  1.00 45.52 ? 94  ILE A C   1 
ATOM   322  O O   . ILE A 1 52  ? 8.648   -9.276  20.697  1.00 44.81 ? 94  ILE A O   1 
ATOM   323  C CB  . ILE A 1 52  ? 10.405  -11.670 19.194  1.00 48.95 ? 94  ILE A CB  1 
ATOM   324  C CG1 . ILE A 1 52  ? 11.835  -11.814 18.674  1.00 49.90 ? 94  ILE A CG1 1 
ATOM   325  C CG2 . ILE A 1 52  ? 9.541   -10.947 18.175  1.00 49.98 ? 94  ILE A CG2 1 
ATOM   326  C CD1 . ILE A 1 52  ? 11.941  -12.539 17.349  1.00 50.36 ? 94  ILE A CD1 1 
ATOM   327  N N   . SER A 1 53  ? 8.180   -11.393 21.305  1.00 40.78 ? 95  SER A N   1 
ATOM   328  C CA  . SER A 1 53  ? 6.802   -11.109 21.650  1.00 39.35 ? 95  SER A CA  1 
ATOM   329  C C   . SER A 1 53  ? 6.681   -10.071 22.760  1.00 38.50 ? 95  SER A C   1 
ATOM   330  O O   . SER A 1 53  ? 5.776   -9.234  22.741  1.00 37.75 ? 95  SER A O   1 
ATOM   331  C CB  . SER A 1 53  ? 6.102   -12.390 22.087  1.00 39.07 ? 95  SER A CB  1 
ATOM   332  O OG  . SER A 1 53  ? 4.796   -12.098 22.547  1.00 41.83 ? 95  SER A OG  1 
ATOM   333  N N   . GLU A 1 54  ? 7.583   -10.137 23.737  1.00 36.10 ? 96  GLU A N   1 
ATOM   334  C CA  . GLU A 1 54  ? 7.558   -9.188  24.845  1.00 35.63 ? 96  GLU A CA  1 
ATOM   335  C C   . GLU A 1 54  ? 7.878   -7.795  24.305  1.00 31.54 ? 96  GLU A C   1 
ATOM   336  O O   . GLU A 1 54  ? 7.207   -6.817  24.629  1.00 31.86 ? 96  GLU A O   1 
ATOM   337  C CB  . GLU A 1 54  ? 8.586   -9.589  25.908  1.00 37.26 ? 96  GLU A CB  1 
ATOM   338  C CG  . GLU A 1 54  ? 8.548   -8.744  27.177  1.00 41.43 ? 96  GLU A CG  1 
ATOM   339  C CD  . GLU A 1 54  ? 9.722   -9.034  28.109  1.00 44.71 ? 96  GLU A CD  1 
ATOM   340  O OE1 . GLU A 1 54  ? 9.988   -10.226 28.381  1.00 46.86 ? 96  GLU A OE1 1 
ATOM   341  O OE2 . GLU A 1 54  ? 10.375  -8.069  28.565  1.00 44.05 ? 96  GLU A OE2 1 
ATOM   342  N N   . ILE A 1 55  ? 8.898   -7.723  23.461  1.00 30.03 ? 97  ILE A N   1 
ATOM   343  C CA  . ILE A 1 55  ? 9.328   -6.466  22.850  1.00 29.05 ? 97  ILE A CA  1 
ATOM   344  C C   . ILE A 1 55  ? 8.245   -5.873  21.951  1.00 27.77 ? 97  ILE A C   1 
ATOM   345  O O   . ILE A 1 55  ? 7.935   -4.685  22.036  1.00 26.03 ? 97  ILE A O   1 
ATOM   346  C CB  . ILE A 1 55  ? 10.617  -6.687  22.027  1.00 28.35 ? 97  ILE A CB  1 
ATOM   347  C CG1 . ILE A 1 55  ? 11.728  -7.166  22.961  1.00 28.78 ? 97  ILE A CG1 1 
ATOM   348  C CG2 . ILE A 1 55  ? 11.043  -5.391  21.327  1.00 28.52 ? 97  ILE A CG2 1 
ATOM   349  C CD1 . ILE A 1 55  ? 13.028  -7.493  22.260  1.00 29.67 ? 97  ILE A CD1 1 
ATOM   350  N N   . ILE A 1 56  ? 7.650   -6.714  21.108  1.00 28.11 ? 98  ILE A N   1 
ATOM   351  C CA  . ILE A 1 56  ? 6.602   -6.273  20.191  1.00 26.52 ? 98  ILE A CA  1 
ATOM   352  C C   . ILE A 1 56  ? 5.373   -5.698  20.902  1.00 26.20 ? 98  ILE A C   1 
ATOM   353  O O   . ILE A 1 56  ? 4.863   -4.655  20.509  1.00 25.43 ? 98  ILE A O   1 
ATOM   354  C CB  . ILE A 1 56  ? 6.142   -7.431  19.262  1.00 27.14 ? 98  ILE A CB  1 
ATOM   355  C CG1 . ILE A 1 56  ? 7.307   -7.888  18.376  1.00 23.63 ? 98  ILE A CG1 1 
ATOM   356  C CG2 . ILE A 1 56  ? 4.953   -6.981  18.399  1.00 25.46 ? 98  ILE A CG2 1 
ATOM   357  C CD1 . ILE A 1 56  ? 7.853   -6.819  17.453  1.00 24.13 ? 98  ILE A CD1 1 
ATOM   358  N N   . ASN A 1 57  ? 4.886   -6.383  21.932  1.00 28.02 ? 99  ASN A N   1 
ATOM   359  C CA  . ASN A 1 57  ? 3.722   -5.904  22.671  1.00 28.77 ? 99  ASN A CA  1 
ATOM   360  C C   . ASN A 1 57  ? 3.998   -4.566  23.337  1.00 26.87 ? 99  ASN A C   1 
ATOM   361  O O   . ASN A 1 57  ? 3.135   -3.689  23.380  1.00 30.67 ? 99  ASN A O   1 
ATOM   362  C CB  . ASN A 1 57  ? 3.302   -6.918  23.731  1.00 32.86 ? 99  ASN A CB  1 
ATOM   363  C CG  . ASN A 1 57  ? 2.658   -8.142  23.127  1.00 37.38 ? 99  ASN A CG  1 
ATOM   364  O OD1 . ASN A 1 57  ? 1.735   -8.034  22.320  1.00 38.81 ? 99  ASN A OD1 1 
ATOM   365  N ND2 . ASN A 1 57  ? 3.142   -9.317  23.511  1.00 39.78 ? 99  ASN A ND2 1 
ATOM   366  N N   . LYS A 1 58  ? 5.198   -4.424  23.878  1.00 25.88 ? 100 LYS A N   1 
ATOM   367  C CA  . LYS A 1 58  ? 5.591   -3.184  24.528  1.00 26.02 ? 100 LYS A CA  1 
ATOM   368  C C   . LYS A 1 58  ? 5.604   -2.074  23.480  1.00 24.04 ? 100 LYS A C   1 
ATOM   369  O O   . LYS A 1 58  ? 5.078   -0.984  23.710  1.00 24.35 ? 100 LYS A O   1 
ATOM   370  C CB  . LYS A 1 58  ? 6.980   -3.337  25.159  1.00 27.91 ? 100 LYS A CB  1 
ATOM   371  C CG  . LYS A 1 58  ? 7.513   -2.082  25.838  1.00 30.82 ? 100 LYS A CG  1 
ATOM   372  C CD  . LYS A 1 58  ? 6.522   -1.520  26.831  1.00 33.43 ? 100 LYS A CD  1 
ATOM   373  C CE  . LYS A 1 58  ? 7.237   -0.727  27.909  1.00 35.42 ? 100 LYS A CE  1 
ATOM   374  N NZ  . LYS A 1 58  ? 8.173   -1.598  28.674  1.00 37.76 ? 100 LYS A NZ  1 
ATOM   375  N N   . LEU A 1 59  ? 6.203   -2.352  22.325  1.00 21.86 ? 101 LEU A N   1 
ATOM   376  C CA  . LEU A 1 59  ? 6.257   -1.362  21.255  1.00 20.93 ? 101 LEU A CA  1 
ATOM   377  C C   . LEU A 1 59  ? 4.854   -0.987  20.782  1.00 22.67 ? 101 LEU A C   1 
ATOM   378  O O   . LEU A 1 59  ? 4.588   0.169   20.457  1.00 22.26 ? 101 LEU A O   1 
ATOM   379  C CB  . LEU A 1 59  ? 7.074   -1.890  20.077  1.00 22.89 ? 101 LEU A CB  1 
ATOM   380  C CG  . LEU A 1 59  ? 8.551   -2.151  20.364  1.00 22.86 ? 101 LEU A CG  1 
ATOM   381  C CD1 . LEU A 1 59  ? 9.241   -2.662  19.093  1.00 24.28 ? 101 LEU A CD1 1 
ATOM   382  C CD2 . LEU A 1 59  ? 9.213   -0.877  20.849  1.00 22.66 ? 101 LEU A CD2 1 
ATOM   383  N N   . ILE A 1 60  ? 3.953   -1.963  20.735  1.00 23.46 ? 102 ILE A N   1 
ATOM   384  C CA  . ILE A 1 60  ? 2.584   -1.682  20.316  1.00 25.07 ? 102 ILE A CA  1 
ATOM   385  C C   . ILE A 1 60  ? 1.927   -0.789  21.360  1.00 25.58 ? 102 ILE A C   1 
ATOM   386  O O   . ILE A 1 60  ? 1.210   0.154   21.030  1.00 25.95 ? 102 ILE A O   1 
ATOM   387  C CB  . ILE A 1 60  ? 1.763   -2.975  20.185  1.00 26.74 ? 102 ILE A CB  1 
ATOM   388  C CG1 . ILE A 1 60  ? 2.306   -3.821  19.028  1.00 26.73 ? 102 ILE A CG1 1 
ATOM   389  C CG2 . ILE A 1 60  ? 0.287   -2.633  20.003  1.00 26.72 ? 102 ILE A CG2 1 
ATOM   390  C CD1 . ILE A 1 60  ? 1.704   -5.212  18.968  1.00 28.38 ? 102 ILE A CD1 1 
ATOM   391  N N   . ASP A 1 61  ? 2.182   -1.095  22.628  1.00 26.70 ? 103 ASP A N   1 
ATOM   392  C CA  . ASP A 1 61  ? 1.623   -0.328  23.741  1.00 26.72 ? 103 ASP A CA  1 
ATOM   393  C C   . ASP A 1 61  ? 2.074   1.134   23.676  1.00 26.91 ? 103 ASP A C   1 
ATOM   394  O O   . ASP A 1 61  ? 1.280   2.045   23.904  1.00 26.17 ? 103 ASP A O   1 
ATOM   395  C CB  . ASP A 1 61  ? 2.059   -0.951  25.068  1.00 27.76 ? 103 ASP A CB  1 
ATOM   396  C CG  . ASP A 1 61  ? 1.404   -0.293  26.260  1.00 30.58 ? 103 ASP A CG  1 
ATOM   397  O OD1 . ASP A 1 61  ? 0.158   -0.246  26.287  1.00 29.67 ? 103 ASP A OD1 1 
ATOM   398  O OD2 . ASP A 1 61  ? 2.135   0.171   27.171  1.00 31.63 ? 103 ASP A OD2 1 
ATOM   399  N N   . LEU A 1 62  ? 3.348   1.343   23.352  1.00 26.75 ? 104 LEU A N   1 
ATOM   400  C CA  . LEU A 1 62  ? 3.919   2.682   23.235  1.00 27.00 ? 104 LEU A CA  1 
ATOM   401  C C   . LEU A 1 62  ? 3.564   3.300   21.883  1.00 28.41 ? 104 LEU A C   1 
ATOM   402  O O   . LEU A 1 62  ? 4.006   4.404   21.548  1.00 29.77 ? 104 LEU A O   1 
ATOM   403  C CB  . LEU A 1 62  ? 5.440   2.608   23.392  1.00 25.63 ? 104 LEU A CB  1 
ATOM   404  C CG  . LEU A 1 62  ? 5.933   2.092   24.748  1.00 26.20 ? 104 LEU A CG  1 
ATOM   405  C CD1 . LEU A 1 62  ? 7.434   1.815   24.705  1.00 22.31 ? 104 LEU A CD1 1 
ATOM   406  C CD2 . LEU A 1 62  ? 5.600   3.133   25.824  1.00 24.69 ? 104 LEU A CD2 1 
ATOM   407  N N   . ASP A 1 63  ? 2.763   2.575   21.110  1.00 29.29 ? 105 ASP A N   1 
ATOM   408  C CA  . ASP A 1 63  ? 2.326   3.021   19.793  1.00 29.62 ? 105 ASP A CA  1 
ATOM   409  C C   . ASP A 1 63  ? 3.500   3.249   18.839  1.00 28.26 ? 105 ASP A C   1 
ATOM   410  O O   . ASP A 1 63  ? 3.435   4.089   17.950  1.00 26.81 ? 105 ASP A O   1 
ATOM   411  C CB  . ASP A 1 63  ? 1.491   4.303   19.923  1.00 33.16 ? 105 ASP A CB  1 
ATOM   412  C CG  . ASP A 1 63  ? 0.733   4.650   18.644  1.00 35.37 ? 105 ASP A CG  1 
ATOM   413  O OD1 . ASP A 1 63  ? 0.121   3.742   18.047  1.00 37.99 ? 105 ASP A OD1 1 
ATOM   414  O OD2 . ASP A 1 63  ? 0.733   5.834   18.241  1.00 39.14 ? 105 ASP A OD2 1 
ATOM   415  N N   . LEU A 1 64  ? 4.575   2.495   19.035  1.00 27.80 ? 106 LEU A N   1 
ATOM   416  C CA  . LEU A 1 64  ? 5.743   2.594   18.173  1.00 26.64 ? 106 LEU A CA  1 
ATOM   417  C C   . LEU A 1 64  ? 5.544   1.630   16.995  1.00 27.24 ? 106 LEU A C   1 
ATOM   418  O O   . LEU A 1 64  ? 6.217   1.721   15.967  1.00 24.28 ? 106 LEU A O   1 
ATOM   419  C CB  . LEU A 1 64  ? 7.003   2.255   18.968  1.00 29.15 ? 106 LEU A CB  1 
ATOM   420  C CG  . LEU A 1 64  ? 7.255   3.235   20.121  1.00 27.27 ? 106 LEU A CG  1 
ATOM   421  C CD1 . LEU A 1 64  ? 8.439   2.777   20.952  1.00 28.76 ? 106 LEU A CD1 1 
ATOM   422  C CD2 . LEU A 1 64  ? 7.491   4.622   19.551  1.00 29.12 ? 106 LEU A CD2 1 
ATOM   423  N N   . ILE A 1 65  ? 4.614   0.695   17.175  1.00 26.47 ? 107 ILE A N   1 
ATOM   424  C CA  . ILE A 1 65  ? 4.232   -0.247  16.134  1.00 25.71 ? 107 ILE A CA  1 
ATOM   425  C C   . ILE A 1 65  ? 2.725   -0.069  16.076  1.00 27.09 ? 107 ILE A C   1 
ATOM   426  O O   . ILE A 1 65  ? 2.042   -0.161  17.100  1.00 27.13 ? 107 ILE A O   1 
ATOM   427  C CB  . ILE A 1 65  ? 4.550   -1.716  16.490  1.00 25.31 ? 107 ILE A CB  1 
ATOM   428  C CG1 . ILE A 1 65  ? 6.051   -1.973  16.364  1.00 24.66 ? 107 ILE A CG1 1 
ATOM   429  C CG2 . ILE A 1 65  ? 3.765   -2.659  15.556  1.00 25.72 ? 107 ILE A CG2 1 
ATOM   430  C CD1 . ILE A 1 65  ? 6.444   -3.403  16.669  1.00 24.49 ? 107 ILE A CD1 1 
ATOM   431  N N   . ASN A 1 66  ? 2.210   0.213   14.889  1.00 25.58 ? 108 ASN A N   1 
ATOM   432  C CA  . ASN A 1 66  ? 0.781   0.428   14.726  1.00 25.55 ? 108 ASN A CA  1 
ATOM   433  C C   . ASN A 1 66  ? 0.438   0.172   13.265  1.00 24.60 ? 108 ASN A C   1 
ATOM   434  O O   . ASN A 1 66  ? 0.555   1.064   12.425  1.00 22.42 ? 108 ASN A O   1 
ATOM   435  C CB  . ASN A 1 66  ? 0.426   1.871   15.096  1.00 26.70 ? 108 ASN A CB  1 
ATOM   436  C CG  . ASN A 1 66  ? -1.068  2.110   15.127  1.00 28.72 ? 108 ASN A CG  1 
ATOM   437  O OD1 . ASN A 1 66  ? -1.798  1.697   14.222  1.00 26.40 ? 108 ASN A OD1 1 
ATOM   438  N ND2 . ASN A 1 66  ? -1.535  2.798   16.167  1.00 31.99 ? 108 ASN A ND2 1 
ATOM   439  N N   . ASP A 1 67  ? 0.007   -1.050  12.971  1.00 24.28 ? 109 ASP A N   1 
ATOM   440  C CA  . ASP A 1 67  ? -0.320  -1.426  11.611  1.00 25.78 ? 109 ASP A CA  1 
ATOM   441  C C   . ASP A 1 67  ? -1.445  -0.625  10.952  1.00 26.88 ? 109 ASP A C   1 
ATOM   442  O O   . ASP A 1 67  ? -1.401  -0.382  9.743   1.00 26.94 ? 109 ASP A O   1 
ATOM   443  C CB  . ASP A 1 67  ? -0.591  -2.935  11.547  1.00 24.99 ? 109 ASP A CB  1 
ATOM   444  C CG  . ASP A 1 67  ? 0.699   -3.756  11.550  1.00 26.33 ? 109 ASP A CG  1 
ATOM   445  O OD1 . ASP A 1 67  ? 1.802   -3.155  11.573  1.00 26.42 ? 109 ASP A OD1 1 
ATOM   446  O OD2 . ASP A 1 67  ? 0.620   -5.006  11.522  1.00 27.90 ? 109 ASP A OD2 1 
ATOM   447  N N   . LYS A 1 68  ? -2.448  -0.202  11.718  1.00 28.04 ? 110 LYS A N   1 
ATOM   448  C CA  . LYS A 1 68  ? -3.533  0.594   11.134  1.00 27.75 ? 110 LYS A CA  1 
ATOM   449  C C   . LYS A 1 68  ? -2.951  1.903   10.602  1.00 27.67 ? 110 LYS A C   1 
ATOM   450  O O   . LYS A 1 68  ? -3.287  2.350   9.503   1.00 26.60 ? 110 LYS A O   1 
ATOM   451  C CB  . LYS A 1 68  ? -4.609  0.888   12.182  1.00 30.67 ? 110 LYS A CB  1 
ATOM   452  C CG  . LYS A 1 68  ? -5.641  1.924   11.755  1.00 32.54 ? 110 LYS A CG  1 
ATOM   453  C CD  . LYS A 1 68  ? -6.626  2.190   12.891  1.00 36.15 ? 110 LYS A CD  1 
ATOM   454  C CE  . LYS A 1 68  ? -7.041  3.662   12.949  1.00 34.76 ? 110 LYS A CE  1 
ATOM   455  N NZ  . LYS A 1 68  ? -7.750  4.091   11.722  1.00 36.84 ? 110 LYS A NZ  1 
ATOM   456  N N   . ASN A 1 69  ? -2.063  2.508   11.384  1.00 28.84 ? 111 ASN A N   1 
ATOM   457  C CA  . ASN A 1 69  ? -1.423  3.750   10.973  1.00 28.54 ? 111 ASN A CA  1 
ATOM   458  C C   . ASN A 1 69  ? -0.443  3.497   9.817   1.00 27.05 ? 111 ASN A C   1 
ATOM   459  O O   . ASN A 1 69  ? -0.328  4.308   8.904   1.00 24.89 ? 111 ASN A O   1 
ATOM   460  C CB  . ASN A 1 69  ? -0.684  4.378   12.149  1.00 32.28 ? 111 ASN A CB  1 
ATOM   461  C CG  . ASN A 1 69  ? 0.052   5.633   11.755  1.00 36.49 ? 111 ASN A CG  1 
ATOM   462  O OD1 . ASN A 1 69  ? -0.551  6.597   11.278  1.00 42.29 ? 111 ASN A OD1 1 
ATOM   463  N ND2 . ASN A 1 69  ? 1.363   5.633   11.944  1.00 41.28 ? 111 ASN A ND2 1 
ATOM   464  N N   . TYR A 1 70  ? 0.277   2.381   9.863   1.00 25.32 ? 112 TYR A N   1 
ATOM   465  C CA  . TYR A 1 70  ? 1.207   2.065   8.777   1.00 24.71 ? 112 TYR A CA  1 
ATOM   466  C C   . TYR A 1 70  ? 0.430   2.006   7.460   1.00 22.80 ? 112 TYR A C   1 
ATOM   467  O O   . TYR A 1 70  ? 0.740   2.711   6.503   1.00 22.71 ? 112 TYR A O   1 
ATOM   468  C CB  . TYR A 1 70  ? 1.873   0.703   8.993   1.00 25.11 ? 112 TYR A CB  1 
ATOM   469  C CG  . TYR A 1 70  ? 2.912   0.386   7.924   1.00 25.09 ? 112 TYR A CG  1 
ATOM   470  C CD1 . TYR A 1 70  ? 4.247   0.765   8.088   1.00 27.62 ? 112 TYR A CD1 1 
ATOM   471  C CD2 . TYR A 1 70  ? 2.548   -0.243  6.732   1.00 26.06 ? 112 TYR A CD2 1 
ATOM   472  C CE1 . TYR A 1 70  ? 5.201   0.527   7.087   1.00 29.79 ? 112 TYR A CE1 1 
ATOM   473  C CE2 . TYR A 1 70  ? 3.493   -0.483  5.724   1.00 29.46 ? 112 TYR A CE2 1 
ATOM   474  C CZ  . TYR A 1 70  ? 4.814   -0.097  5.909   1.00 30.40 ? 112 TYR A CZ  1 
ATOM   475  O OH  . TYR A 1 70  ? 5.753   -0.335  4.928   1.00 32.40 ? 112 TYR A OH  1 
ATOM   476  N N   . ALA A 1 71  ? -0.583  1.146   7.428   1.00 22.35 ? 113 ALA A N   1 
ATOM   477  C CA  . ALA A 1 71  ? -1.413  0.950   6.242   1.00 21.83 ? 113 ALA A CA  1 
ATOM   478  C C   . ALA A 1 71  ? -2.072  2.228   5.734   1.00 23.19 ? 113 ALA A C   1 
ATOM   479  O O   . ALA A 1 71  ? -2.136  2.462   4.530   1.00 19.97 ? 113 ALA A O   1 
ATOM   480  C CB  . ALA A 1 71  ? -2.479  -0.120  6.525   1.00 19.21 ? 113 ALA A CB  1 
ATOM   481  N N   . GLU A 1 72  ? -2.571  3.063   6.643   1.00 25.62 ? 114 GLU A N   1 
ATOM   482  C CA  . GLU A 1 72  ? -3.211  4.296   6.217   1.00 24.61 ? 114 GLU A CA  1 
ATOM   483  C C   . GLU A 1 72  ? -2.255  5.282   5.547   1.00 25.16 ? 114 GLU A C   1 
ATOM   484  O O   . GLU A 1 72  ? -2.597  5.900   4.541   1.00 25.21 ? 114 GLU A O   1 
ATOM   485  C CB  . GLU A 1 72  ? -3.927  4.962   7.396   1.00 25.58 ? 114 GLU A CB  1 
ATOM   486  C CG  . GLU A 1 72  ? -5.384  4.545   7.501   1.00 28.08 ? 114 GLU A CG  1 
ATOM   487  C CD  . GLU A 1 72  ? -6.076  5.104   8.731   1.00 31.93 ? 114 GLU A CD  1 
ATOM   488  O OE1 . GLU A 1 72  ? -5.831  6.282   9.068   1.00 30.89 ? 114 GLU A OE1 1 
ATOM   489  O OE2 . GLU A 1 72  ? -6.874  4.365   9.347   1.00 33.95 ? 114 GLU A OE2 1 
ATOM   490  N N   . SER A 1 73  ? -1.058  5.431   6.099   1.00 25.13 ? 115 SER A N   1 
ATOM   491  C CA  . SER A 1 73  ? -0.097  6.352   5.514   1.00 26.75 ? 115 SER A CA  1 
ATOM   492  C C   . SER A 1 73  ? 0.410   5.795   4.178   1.00 25.74 ? 115 SER A C   1 
ATOM   493  O O   . SER A 1 73  ? 0.653   6.552   3.232   1.00 24.97 ? 115 SER A O   1 
ATOM   494  C CB  . SER A 1 73  ? 1.063   6.577   6.477   1.00 27.80 ? 115 SER A CB  1 
ATOM   495  O OG  . SER A 1 73  ? 1.694   5.349   6.770   1.00 37.46 ? 115 SER A OG  1 
ATOM   496  N N   . TYR A 1 74  ? 0.559   4.477   4.092   1.00 24.32 ? 116 TYR A N   1 
ATOM   497  C CA  . TYR A 1 74  ? 1.006   3.881   2.840   1.00 22.25 ? 116 TYR A CA  1 
ATOM   498  C C   . TYR A 1 74  ? -0.026  4.209   1.766   1.00 21.27 ? 116 TYR A C   1 
ATOM   499  O O   . TYR A 1 74  ? 0.328   4.677   0.687   1.00 19.41 ? 116 TYR A O   1 
ATOM   500  C CB  . TYR A 1 74  ? 1.150   2.363   2.961   1.00 22.48 ? 116 TYR A CB  1 
ATOM   501  C CG  . TYR A 1 74  ? 1.655   1.725   1.672   1.00 23.76 ? 116 TYR A CG  1 
ATOM   502  C CD1 . TYR A 1 74  ? 2.948   1.983   1.205   1.00 25.81 ? 116 TYR A CD1 1 
ATOM   503  C CD2 . TYR A 1 74  ? 0.826   0.917   0.896   1.00 24.36 ? 116 TYR A CD2 1 
ATOM   504  C CE1 . TYR A 1 74  ? 3.400   1.458   -0.010  1.00 27.14 ? 116 TYR A CE1 1 
ATOM   505  C CE2 . TYR A 1 74  ? 1.267   0.384   -0.322  1.00 26.01 ? 116 TYR A CE2 1 
ATOM   506  C CZ  . TYR A 1 74  ? 2.552   0.662   -0.765  1.00 25.81 ? 116 TYR A CZ  1 
ATOM   507  O OH  . TYR A 1 74  ? 2.984   0.175   -1.973  1.00 27.30 ? 116 TYR A OH  1 
ATOM   508  N N   . VAL A 1 75  ? -1.302  3.977   2.077   1.00 20.33 ? 117 VAL A N   1 
ATOM   509  C CA  . VAL A 1 75  ? -2.400  4.253   1.148   1.00 19.60 ? 117 VAL A CA  1 
ATOM   510  C C   . VAL A 1 75  ? -2.422  5.720   0.720   1.00 21.24 ? 117 VAL A C   1 
ATOM   511  O O   . VAL A 1 75  ? -2.580  6.037   -0.460  1.00 20.55 ? 117 VAL A O   1 
ATOM   512  C CB  . VAL A 1 75  ? -3.777  3.879   1.786   1.00 21.94 ? 117 VAL A CB  1 
ATOM   513  C CG1 . VAL A 1 75  ? -4.937  4.527   1.010   1.00 19.27 ? 117 VAL A CG1 1 
ATOM   514  C CG2 . VAL A 1 75  ? -3.940  2.369   1.790   1.00 18.46 ? 117 VAL A CG2 1 
ATOM   515  N N   . ARG A 1 76  ? -2.246  6.625   1.671   1.00 22.25 ? 118 ARG A N   1 
ATOM   516  C CA  . ARG A 1 76  ? -2.236  8.050   1.340   1.00 22.45 ? 118 ARG A CA  1 
ATOM   517  C C   . ARG A 1 76  ? -1.038  8.347   0.430   1.00 21.01 ? 118 ARG A C   1 
ATOM   518  O O   . ARG A 1 76  ? -1.149  9.077   -0.554  1.00 19.25 ? 118 ARG A O   1 
ATOM   519  C CB  . ARG A 1 76  ? -2.154  8.884   2.628   1.00 24.40 ? 118 ARG A CB  1 
ATOM   520  C CG  . ARG A 1 76  ? -3.418  8.805   3.495   1.00 30.04 ? 118 ARG A CG  1 
ATOM   521  C CD  . ARG A 1 76  ? -3.502  9.971   4.487   1.00 33.67 ? 118 ARG A CD  1 
ATOM   522  N NE  . ARG A 1 76  ? -4.788  10.027  5.186   1.00 38.90 ? 118 ARG A NE  1 
ATOM   523  C CZ  . ARG A 1 76  ? -5.054  9.388   6.323   1.00 41.62 ? 118 ARG A CZ  1 
ATOM   524  N NH1 . ARG A 1 76  ? -4.115  8.646   6.900   1.00 43.35 ? 118 ARG A NH1 1 
ATOM   525  N NH2 . ARG A 1 76  ? -6.258  9.481   6.879   1.00 41.75 ? 118 ARG A NH2 1 
ATOM   526  N N   . THR A 1 77  ? 0.113   7.780   0.762   1.00 19.28 ? 119 THR A N   1 
ATOM   527  C CA  . THR A 1 77  ? 1.297   7.977   -0.053  1.00 23.41 ? 119 THR A CA  1 
ATOM   528  C C   . THR A 1 77  ? 1.069   7.524   -1.500  1.00 23.96 ? 119 THR A C   1 
ATOM   529  O O   . THR A 1 77  ? 1.296   8.298   -2.429  1.00 23.90 ? 119 THR A O   1 
ATOM   530  C CB  . THR A 1 77  ? 2.495   7.232   0.555   1.00 23.62 ? 119 THR A CB  1 
ATOM   531  O OG1 . THR A 1 77  ? 2.843   7.865   1.798   1.00 28.03 ? 119 THR A OG1 1 
ATOM   532  C CG2 . THR A 1 77  ? 3.708   7.270   -0.392  1.00 24.59 ? 119 THR A CG2 1 
ATOM   533  N N   . MET A 1 78  ? 0.595   6.288   -1.688  1.00 24.12 ? 120 MET A N   1 
ATOM   534  C CA  . MET A 1 78  ? 0.346   5.772   -3.029  1.00 23.11 ? 120 MET A CA  1 
ATOM   535  C C   . MET A 1 78  ? -0.721  6.570   -3.794  1.00 23.30 ? 120 MET A C   1 
ATOM   536  O O   . MET A 1 78  ? -0.592  6.770   -4.997  1.00 24.45 ? 120 MET A O   1 
ATOM   537  C CB  . MET A 1 78  ? -0.019  4.278   -2.968  1.00 22.06 ? 120 MET A CB  1 
ATOM   538  C CG  . MET A 1 78  ? 1.113   3.372   -2.456  1.00 20.97 ? 120 MET A CG  1 
ATOM   539  S SD  . MET A 1 78  ? 2.693   3.495   -3.339  1.00 17.26 ? 120 MET A SD  1 
ATOM   540  C CE  . MET A 1 78  ? 2.318   2.516   -4.757  1.00 18.83 ? 120 MET A CE  1 
ATOM   541  N N   . MET A 1 79  ? -1.761  7.034   -3.099  1.00 23.44 ? 121 MET A N   1 
ATOM   542  C CA  . MET A 1 79  ? -2.829  7.838   -3.708  1.00 22.28 ? 121 MET A CA  1 
ATOM   543  C C   . MET A 1 79  ? -2.226  9.128   -4.265  1.00 24.16 ? 121 MET A C   1 
ATOM   544  O O   . MET A 1 79  ? -2.578  9.600   -5.355  1.00 23.13 ? 121 MET A O   1 
ATOM   545  C CB  . MET A 1 79  ? -3.884  8.220   -2.651  1.00 22.31 ? 121 MET A CB  1 
ATOM   546  C CG  . MET A 1 79  ? -4.898  7.149   -2.270  1.00 20.41 ? 121 MET A CG  1 
ATOM   547  S SD  . MET A 1 79  ? -5.910  7.719   -0.856  1.00 15.93 ? 121 MET A SD  1 
ATOM   548  C CE  . MET A 1 79  ? -6.758  9.094   -1.544  1.00 21.03 ? 121 MET A CE  1 
ATOM   549  N N   . ASN A 1 80  ? -1.302  9.695   -3.501  1.00 26.59 ? 122 ASN A N   1 
ATOM   550  C CA  . ASN A 1 80  ? -0.667  10.944  -3.885  1.00 28.17 ? 122 ASN A CA  1 
ATOM   551  C C   . ASN A 1 80  ? 0.566   10.856  -4.781  1.00 29.92 ? 122 ASN A C   1 
ATOM   552  O O   . ASN A 1 80  ? 0.797   11.752  -5.591  1.00 31.18 ? 122 ASN A O   1 
ATOM   553  C CB  . ASN A 1 80  ? -0.317  11.743  -2.632  1.00 27.18 ? 122 ASN A CB  1 
ATOM   554  C CG  . ASN A 1 80  ? -1.548  12.169  -1.857  1.00 29.92 ? 122 ASN A CG  1 
ATOM   555  O OD1 . ASN A 1 80  ? -2.565  12.541  -2.448  1.00 31.40 ? 122 ASN A OD1 1 
ATOM   556  N ND2 . ASN A 1 80  ? -1.462  12.131  -0.528  1.00 29.52 ? 122 ASN A ND2 1 
ATOM   557  N N   . THR A 1 81  ? 1.349   9.788   -4.668  1.00 29.12 ? 123 THR A N   1 
ATOM   558  C CA  . THR A 1 81  ? 2.568   9.690   -5.472  1.00 29.04 ? 123 THR A CA  1 
ATOM   559  C C   . THR A 1 81  ? 2.612   8.599   -6.540  1.00 29.22 ? 123 THR A C   1 
ATOM   560  O O   . THR A 1 81  ? 3.597   8.504   -7.273  1.00 29.19 ? 123 THR A O   1 
ATOM   561  C CB  . THR A 1 81  ? 3.794   9.480   -4.568  1.00 27.01 ? 123 THR A CB  1 
ATOM   562  O OG1 . THR A 1 81  ? 3.670   8.225   -3.887  1.00 25.72 ? 123 THR A OG1 1 
ATOM   563  C CG2 . THR A 1 81  ? 3.897   10.589  -3.535  1.00 25.61 ? 123 THR A CG2 1 
ATOM   564  N N   . SER A 1 82  ? 1.569   7.777   -6.638  1.00 26.10 ? 124 SER A N   1 
ATOM   565  C CA  . SER A 1 82  ? 1.587   6.706   -7.625  1.00 25.17 ? 124 SER A CA  1 
ATOM   566  C C   . SER A 1 82  ? 0.356   6.660   -8.504  1.00 24.88 ? 124 SER A C   1 
ATOM   567  O O   . SER A 1 82  ? -0.632  7.361   -8.272  1.00 23.29 ? 124 SER A O   1 
ATOM   568  C CB  . SER A 1 82  ? 1.762   5.341   -6.937  1.00 25.27 ? 124 SER A CB  1 
ATOM   569  O OG  . SER A 1 82  ? 0.535   4.867   -6.403  1.00 24.22 ? 124 SER A OG  1 
ATOM   570  N N   . ASP A 1 83  ? 0.435   5.824   -9.528  1.00 24.42 ? 125 ASP A N   1 
ATOM   571  C CA  . ASP A 1 83  ? -0.665  5.651   -10.459 1.00 26.49 ? 125 ASP A CA  1 
ATOM   572  C C   . ASP A 1 83  ? -1.304  4.294   -10.200 1.00 22.02 ? 125 ASP A C   1 
ATOM   573  O O   . ASP A 1 83  ? -2.051  3.801   -11.033 1.00 22.56 ? 125 ASP A O   1 
ATOM   574  C CB  . ASP A 1 83  ? -0.145  5.714   -11.900 1.00 30.35 ? 125 ASP A CB  1 
ATOM   575  C CG  . ASP A 1 83  ? 1.014   4.753   -12.143 1.00 34.41 ? 125 ASP A CG  1 
ATOM   576  O OD1 . ASP A 1 83  ? 1.409   4.027   -11.200 1.00 37.37 ? 125 ASP A OD1 1 
ATOM   577  O OD2 . ASP A 1 83  ? 1.541   4.723   -13.275 1.00 39.16 ? 125 ASP A OD2 1 
ATOM   578  N N   . LYS A 1 84  ? -1.006  3.701   -9.045  1.00 21.02 ? 126 LYS A N   1 
ATOM   579  C CA  . LYS A 1 84  ? -1.543  2.376   -8.679  1.00 20.35 ? 126 LYS A CA  1 
ATOM   580  C C   . LYS A 1 84  ? -2.959  2.412   -8.078  1.00 20.51 ? 126 LYS A C   1 
ATOM   581  O O   . LYS A 1 84  ? -3.327  3.355   -7.379  1.00 19.12 ? 126 LYS A O   1 
ATOM   582  C CB  . LYS A 1 84  ? -0.590  1.671   -7.698  1.00 21.86 ? 126 LYS A CB  1 
ATOM   583  C CG  . LYS A 1 84  ? 0.829   1.453   -8.240  1.00 24.42 ? 126 LYS A CG  1 
ATOM   584  C CD  . LYS A 1 84  ? 0.795   0.822   -9.627  1.00 22.92 ? 126 LYS A CD  1 
ATOM   585  C CE  . LYS A 1 84  ? 2.197   0.519   -10.126 1.00 26.70 ? 126 LYS A CE  1 
ATOM   586  N NZ  . LYS A 1 84  ? 3.044   1.737   -10.071 1.00 30.64 ? 126 LYS A NZ  1 
ATOM   587  N N   . GLY A 1 85  ? -3.744  1.379   -8.378  1.00 19.30 ? 127 GLY A N   1 
ATOM   588  C CA  . GLY A 1 85  ? -5.100  1.278   -7.871  1.00 17.77 ? 127 GLY A CA  1 
ATOM   589  C C   . GLY A 1 85  ? -5.146  0.415   -6.626  1.00 16.72 ? 127 GLY A C   1 
ATOM   590  O O   . GLY A 1 85  ? -4.135  -0.176  -6.262  1.00 17.37 ? 127 GLY A O   1 
ATOM   591  N N   . PRO A 1 86  ? -6.312  0.296   -5.970  1.00 16.05 ? 128 PRO A N   1 
ATOM   592  C CA  . PRO A 1 86  ? -6.523  -0.489  -4.746  1.00 17.63 ? 128 PRO A CA  1 
ATOM   593  C C   . PRO A 1 86  ? -5.911  -1.871  -4.703  1.00 17.57 ? 128 PRO A C   1 
ATOM   594  O O   . PRO A 1 86  ? -5.280  -2.237  -3.710  1.00 16.91 ? 128 PRO A O   1 
ATOM   595  C CB  . PRO A 1 86  ? -8.053  -0.546  -4.625  1.00 15.44 ? 128 PRO A CB  1 
ATOM   596  C CG  . PRO A 1 86  ? -8.474  0.741   -5.255  1.00 16.96 ? 128 PRO A CG  1 
ATOM   597  C CD  . PRO A 1 86  ? -7.598  0.795   -6.485  1.00 15.31 ? 128 PRO A CD  1 
ATOM   598  N N   . LYS A 1 87  ? -6.091  -2.643  -5.771  1.00 19.35 ? 129 LYS A N   1 
ATOM   599  C CA  . LYS A 1 87  ? -5.576  -4.009  -5.783  1.00 19.95 ? 129 LYS A CA  1 
ATOM   600  C C   . LYS A 1 87  ? -4.064  -4.137  -5.670  1.00 20.27 ? 129 LYS A C   1 
ATOM   601  O O   . LYS A 1 87  ? -3.574  -5.045  -5.004  1.00 19.93 ? 129 LYS A O   1 
ATOM   602  C CB  . LYS A 1 87  ? -6.060  -4.747  -7.024  1.00 22.52 ? 129 LYS A CB  1 
ATOM   603  C CG  . LYS A 1 87  ? -7.574  -4.897  -7.101  1.00 28.40 ? 129 LYS A CG  1 
ATOM   604  C CD  . LYS A 1 87  ? -7.944  -5.736  -8.316  1.00 29.81 ? 129 LYS A CD  1 
ATOM   605  C CE  . LYS A 1 87  ? -9.414  -5.610  -8.671  1.00 28.55 ? 129 LYS A CE  1 
ATOM   606  N NZ  . LYS A 1 87  ? -9.650  -6.220  -10.019 1.00 33.24 ? 129 LYS A NZ  1 
ATOM   607  N N   . VAL A 1 88  ? -3.321  -3.245  -6.321  1.00 18.93 ? 130 VAL A N   1 
ATOM   608  C CA  . VAL A 1 88  ? -1.870  -3.315  -6.235  1.00 18.73 ? 130 VAL A CA  1 
ATOM   609  C C   . VAL A 1 88  ? -1.432  -2.746  -4.887  1.00 17.40 ? 130 VAL A C   1 
ATOM   610  O O   . VAL A 1 88  ? -0.517  -3.262  -4.245  1.00 19.57 ? 130 VAL A O   1 
ATOM   611  C CB  . VAL A 1 88  ? -1.188  -2.546  -7.403  1.00 17.09 ? 130 VAL A CB  1 
ATOM   612  C CG1 . VAL A 1 88  ? 0.324   -2.500  -7.190  1.00 14.01 ? 130 VAL A CG1 1 
ATOM   613  C CG2 . VAL A 1 88  ? -1.478  -3.271  -8.735  1.00 16.30 ? 130 VAL A CG2 1 
ATOM   614  N N   . ILE A 1 89  ? -2.097  -1.692  -4.443  1.00 18.76 ? 131 ILE A N   1 
ATOM   615  C CA  . ILE A 1 89  ? -1.759  -1.095  -3.152  1.00 19.24 ? 131 ILE A CA  1 
ATOM   616  C C   . ILE A 1 89  ? -1.922  -2.174  -2.079  1.00 21.05 ? 131 ILE A C   1 
ATOM   617  O O   . ILE A 1 89  ? -1.098  -2.302  -1.174  1.00 18.78 ? 131 ILE A O   1 
ATOM   618  C CB  . ILE A 1 89  ? -2.681  0.120   -2.850  1.00 19.13 ? 131 ILE A CB  1 
ATOM   619  C CG1 . ILE A 1 89  ? -2.346  1.262   -3.827  1.00 17.43 ? 131 ILE A CG1 1 
ATOM   620  C CG2 . ILE A 1 89  ? -2.500  0.591   -1.407  1.00 21.36 ? 131 ILE A CG2 1 
ATOM   621  C CD1 . ILE A 1 89  ? -3.359  2.408   -3.857  1.00 16.47 ? 131 ILE A CD1 1 
ATOM   622  N N   . LYS A 1 90  ? -2.975  -2.973  -2.215  1.00 23.54 ? 132 LYS A N   1 
ATOM   623  C CA  . LYS A 1 90  ? -3.265  -4.031  -1.262  1.00 26.69 ? 132 LYS A CA  1 
ATOM   624  C C   . LYS A 1 90  ? -2.220  -5.141  -1.244  1.00 27.51 ? 132 LYS A C   1 
ATOM   625  O O   . LYS A 1 90  ? -1.807  -5.584  -0.176  1.00 28.74 ? 132 LYS A O   1 
ATOM   626  C CB  . LYS A 1 90  ? -4.654  -4.636  -1.530  1.00 27.93 ? 132 LYS A CB  1 
ATOM   627  C CG  . LYS A 1 90  ? -5.091  -5.648  -0.451  1.00 34.76 ? 132 LYS A CG  1 
ATOM   628  C CD  . LYS A 1 90  ? -6.384  -6.397  -0.824  1.00 34.27 ? 132 LYS A CD  1 
ATOM   629  C CE  . LYS A 1 90  ? -6.763  -7.415  0.250   1.00 38.95 ? 132 LYS A CE  1 
ATOM   630  N NZ  . LYS A 1 90  ? -5.640  -8.373  0.548   1.00 39.58 ? 132 LYS A NZ  1 
ATOM   631  N N   . LEU A 1 91  ? -1.798  -5.607  -2.416  1.00 26.96 ? 133 LEU A N   1 
ATOM   632  C CA  . LEU A 1 91  ? -0.796  -6.655  -2.450  1.00 26.53 ? 133 LEU A CA  1 
ATOM   633  C C   . LEU A 1 91  ? 0.537   -6.111  -1.949  1.00 23.94 ? 133 LEU A C   1 
ATOM   634  O O   . LEU A 1 91  ? 1.348   -6.862  -1.420  1.00 23.46 ? 133 LEU A O   1 
ATOM   635  C CB  . LEU A 1 91  ? -0.660  -7.253  -3.860  1.00 30.05 ? 133 LEU A CB  1 
ATOM   636  C CG  . LEU A 1 91  ? 0.030   -6.535  -5.018  1.00 30.63 ? 133 LEU A CG  1 
ATOM   637  C CD1 . LEU A 1 91  ? 1.553   -6.621  -4.884  1.00 31.80 ? 133 LEU A CD1 1 
ATOM   638  C CD2 . LEU A 1 91  ? -0.405  -7.205  -6.322  1.00 33.52 ? 133 LEU A CD2 1 
ATOM   639  N N   . ASN A 1 92  ? 0.777   -4.810  -2.102  1.00 24.06 ? 134 ASN A N   1 
ATOM   640  C CA  . ASN A 1 92  ? 2.027   -4.242  -1.591  1.00 22.01 ? 134 ASN A CA  1 
ATOM   641  C C   . ASN A 1 92  ? 1.953   -4.312  -0.068  1.00 20.81 ? 134 ASN A C   1 
ATOM   642  O O   . ASN A 1 92  ? 2.922   -4.687  0.606   1.00 21.76 ? 134 ASN A O   1 
ATOM   643  C CB  . ASN A 1 92  ? 2.223   -2.791  -2.055  1.00 23.79 ? 134 ASN A CB  1 
ATOM   644  C CG  . ASN A 1 92  ? 2.579   -2.694  -3.528  1.00 26.28 ? 134 ASN A CG  1 
ATOM   645  O OD1 . ASN A 1 92  ? 3.089   -3.637  -4.109  1.00 26.91 ? 134 ASN A OD1 1 
ATOM   646  N ND2 . ASN A 1 92  ? 2.315   -1.548  -4.128  1.00 31.09 ? 134 ASN A ND2 1 
ATOM   647  N N   . LEU A 1 93  ? 0.791   -3.957  0.468   1.00 21.93 ? 135 LEU A N   1 
ATOM   648  C CA  . LEU A 1 93  ? 0.557   -4.018  1.908   1.00 22.50 ? 135 LEU A CA  1 
ATOM   649  C C   . LEU A 1 93  ? 0.712   -5.460  2.409   1.00 23.69 ? 135 LEU A C   1 
ATOM   650  O O   . LEU A 1 93  ? 1.318   -5.694  3.459   1.00 24.50 ? 135 LEU A O   1 
ATOM   651  C CB  . LEU A 1 93  ? -0.849  -3.497  2.236   1.00 19.44 ? 135 LEU A CB  1 
ATOM   652  C CG  . LEU A 1 93  ? -0.994  -1.975  2.097   1.00 22.53 ? 135 LEU A CG  1 
ATOM   653  C CD1 . LEU A 1 93  ? -2.460  -1.561  2.085   1.00 21.43 ? 135 LEU A CD1 1 
ATOM   654  C CD2 . LEU A 1 93  ? -0.256  -1.321  3.250   1.00 22.19 ? 135 LEU A CD2 1 
ATOM   655  N N   . SER A 1 94  ? 0.156   -6.423  1.672   1.00 25.02 ? 136 SER A N   1 
ATOM   656  C CA  . SER A 1 94  ? 0.267   -7.836  2.063   1.00 27.50 ? 136 SER A CA  1 
ATOM   657  C C   . SER A 1 94  ? 1.721   -8.291  2.072   1.00 27.11 ? 136 SER A C   1 
ATOM   658  O O   . SER A 1 94  ? 2.116   -9.106  2.906   1.00 29.07 ? 136 SER A O   1 
ATOM   659  C CB  . SER A 1 94  ? -0.510  -8.751  1.104   1.00 24.92 ? 136 SER A CB  1 
ATOM   660  O OG  . SER A 1 94  ? -1.895  -8.527  1.174   1.00 31.47 ? 136 SER A OG  1 
ATOM   661  N N   . LYS A 1 95  ? 2.505   -7.781  1.129   1.00 28.12 ? 137 LYS A N   1 
ATOM   662  C CA  . LYS A 1 95  ? 3.914   -8.143  1.034   1.00 31.40 ? 137 LYS A CA  1 
ATOM   663  C C   . LYS A 1 95  ? 4.739   -7.556  2.175   1.00 33.50 ? 137 LYS A C   1 
ATOM   664  O O   . LYS A 1 95  ? 5.905   -7.905  2.353   1.00 33.92 ? 137 LYS A O   1 
ATOM   665  C CB  . LYS A 1 95  ? 4.480   -7.688  -0.309  1.00 34.29 ? 137 LYS A CB  1 
ATOM   666  C CG  . LYS A 1 95  ? 4.091   -8.589  -1.474  1.00 38.64 ? 137 LYS A CG  1 
ATOM   667  C CD  . LYS A 1 95  ? 4.366   -7.918  -2.822  1.00 42.80 ? 137 LYS A CD  1 
ATOM   668  C CE  . LYS A 1 95  ? 5.813   -7.475  -2.963  1.00 45.44 ? 137 LYS A CE  1 
ATOM   669  N NZ  . LYS A 1 95  ? 6.769   -8.616  -2.896  1.00 49.14 ? 137 LYS A NZ  1 
ATOM   670  N N   . LYS A 1 96  ? 4.128   -6.660  2.945   1.00 33.89 ? 138 LYS A N   1 
ATOM   671  C CA  . LYS A 1 96  ? 4.791   -6.026  4.080   1.00 33.62 ? 138 LYS A CA  1 
ATOM   672  C C   . LYS A 1 96  ? 4.318   -6.641  5.395   1.00 32.78 ? 138 LYS A C   1 
ATOM   673  O O   . LYS A 1 96  ? 4.763   -6.249  6.470   1.00 32.40 ? 138 LYS A O   1 
ATOM   674  C CB  . LYS A 1 96  ? 4.497   -4.523  4.086   1.00 36.43 ? 138 LYS A CB  1 
ATOM   675  C CG  . LYS A 1 96  ? 5.276   -3.718  3.066   1.00 38.82 ? 138 LYS A CG  1 
ATOM   676  C CD  . LYS A 1 96  ? 6.731   -3.572  3.499   1.00 41.34 ? 138 LYS A CD  1 
ATOM   677  C CE  . LYS A 1 96  ? 7.524   -2.690  2.551   1.00 42.08 ? 138 LYS A CE  1 
ATOM   678  N NZ  . LYS A 1 96  ? 8.910   -2.463  3.053   1.00 43.93 ? 138 LYS A NZ  1 
ATOM   679  N N   . GLY A 1 97  ? 3.396   -7.590  5.312   1.00 31.51 ? 139 GLY A N   1 
ATOM   680  C CA  . GLY A 1 97  ? 2.899   -8.227  6.519   1.00 33.76 ? 139 GLY A CA  1 
ATOM   681  C C   . GLY A 1 97  ? 1.626   -7.634  7.110   1.00 34.11 ? 139 GLY A C   1 
ATOM   682  O O   . GLY A 1 97  ? 1.299   -7.909  8.264   1.00 33.76 ? 139 GLY A O   1 
ATOM   683  N N   . ILE A 1 98  ? 0.903   -6.830  6.337   1.00 33.82 ? 140 ILE A N   1 
ATOM   684  C CA  . ILE A 1 98  ? -0.337  -6.226  6.813   1.00 35.75 ? 140 ILE A CA  1 
ATOM   685  C C   . ILE A 1 98  ? -1.522  -7.179  6.630   1.00 39.59 ? 140 ILE A C   1 
ATOM   686  O O   . ILE A 1 98  ? -1.718  -7.741  5.550   1.00 41.30 ? 140 ILE A O   1 
ATOM   687  C CB  . ILE A 1 98  ? -0.633  -4.898  6.063   1.00 36.11 ? 140 ILE A CB  1 
ATOM   688  C CG1 . ILE A 1 98  ? 0.472   -3.876  6.350   1.00 34.71 ? 140 ILE A CG1 1 
ATOM   689  C CG2 . ILE A 1 98  ? -1.992  -4.343  6.479   1.00 33.03 ? 140 ILE A CG2 1 
ATOM   690  C CD1 . ILE A 1 98  ? 0.584   -3.467  7.812   1.00 32.86 ? 140 ILE A CD1 1 
ATOM   691  N N   . ASP A 1 99  ? -2.305  -7.356  7.690   1.00 41.07 ? 141 ASP A N   1 
ATOM   692  C CA  . ASP A 1 99  ? -3.473  -8.229  7.647   1.00 43.76 ? 141 ASP A CA  1 
ATOM   693  C C   . ASP A 1 99  ? -4.430  -7.740  6.572   1.00 43.75 ? 141 ASP A C   1 
ATOM   694  O O   . ASP A 1 99  ? -4.558  -6.537  6.355   1.00 42.20 ? 141 ASP A O   1 
ATOM   695  C CB  . ASP A 1 99  ? -4.191  -8.222  9.002   1.00 46.74 ? 141 ASP A CB  1 
ATOM   696  C CG  . ASP A 1 99  ? -3.299  -8.695  10.145  1.00 51.06 ? 141 ASP A CG  1 
ATOM   697  O OD1 . ASP A 1 99  ? -2.856  -9.866  10.110  1.00 51.68 ? 141 ASP A OD1 1 
ATOM   698  O OD2 . ASP A 1 99  ? -3.042  -7.891  11.076  1.00 52.67 ? 141 ASP A OD2 1 
ATOM   699  N N   . ASP A 1 100 ? -5.104  -8.671  5.901   1.00 44.47 ? 142 ASP A N   1 
ATOM   700  C CA  . ASP A 1 100 ? -6.045  -8.309  4.848   1.00 43.72 ? 142 ASP A CA  1 
ATOM   701  C C   . ASP A 1 100 ? -7.078  -7.339  5.397   1.00 43.43 ? 142 ASP A C   1 
ATOM   702  O O   . ASP A 1 100 ? -7.467  -6.379  4.723   1.00 42.71 ? 142 ASP A O   1 
ATOM   703  C CB  . ASP A 1 100 ? -6.764  -9.547  4.302   1.00 47.38 ? 142 ASP A CB  1 
ATOM   704  C CG  . ASP A 1 100 ? -5.845  -10.467 3.527   1.00 50.54 ? 142 ASP A CG  1 
ATOM   705  O OD1 . ASP A 1 100 ? -5.104  -9.968  2.654   1.00 52.09 ? 142 ASP A OD1 1 
ATOM   706  O OD2 . ASP A 1 100 ? -5.871  -11.693 3.782   1.00 52.43 ? 142 ASP A OD2 1 
ATOM   707  N N   . ASN A 1 101 ? -7.518  -7.602  6.623   1.00 41.70 ? 143 ASN A N   1 
ATOM   708  C CA  . ASN A 1 101 ? -8.517  -6.775  7.279   1.00 41.31 ? 143 ASN A CA  1 
ATOM   709  C C   . ASN A 1 101 ? -8.029  -5.339  7.472   1.00 37.73 ? 143 ASN A C   1 
ATOM   710  O O   . ASN A 1 101 ? -8.771  -4.381  7.250   1.00 37.50 ? 143 ASN A O   1 
ATOM   711  C CB  . ASN A 1 101 ? -8.887  -7.402  8.627   1.00 45.84 ? 143 ASN A CB  1 
ATOM   712  C CG  . ASN A 1 101 ? -9.986  -6.644  9.339   1.00 50.49 ? 143 ASN A CG  1 
ATOM   713  O OD1 . ASN A 1 101 ? -9.754  -5.574  9.907   1.00 54.31 ? 143 ASN A OD1 1 
ATOM   714  N ND2 . ASN A 1 101 ? -11.198 -7.189  9.304   1.00 52.75 ? 143 ASN A ND2 1 
ATOM   715  N N   . ILE A 1 102 ? -6.776  -5.193  7.883   1.00 34.44 ? 144 ILE A N   1 
ATOM   716  C CA  . ILE A 1 102 ? -6.208  -3.869  8.096   1.00 31.41 ? 144 ILE A CA  1 
ATOM   717  C C   . ILE A 1 102 ? -6.008  -3.122  6.778   1.00 30.30 ? 144 ILE A C   1 
ATOM   718  O O   . ILE A 1 102 ? -6.247  -1.920  6.700   1.00 29.64 ? 144 ILE A O   1 
ATOM   719  C CB  . ILE A 1 102 ? -4.881  -3.971  8.863   1.00 30.58 ? 144 ILE A CB  1 
ATOM   720  C CG1 . ILE A 1 102 ? -5.180  -4.387  10.307  1.00 31.11 ? 144 ILE A CG1 1 
ATOM   721  C CG2 . ILE A 1 102 ? -4.129  -2.644  8.806   1.00 28.16 ? 144 ILE A CG2 1 
ATOM   722  C CD1 . ILE A 1 102 ? -3.956  -4.566  11.169  1.00 31.59 ? 144 ILE A CD1 1 
ATOM   723  N N   . ALA A 1 103 ? -5.575  -3.840  5.745   1.00 29.50 ? 145 ALA A N   1 
ATOM   724  C CA  . ALA A 1 103 ? -5.372  -3.241  4.430   1.00 30.24 ? 145 ALA A CA  1 
ATOM   725  C C   . ALA A 1 103 ? -6.714  -2.733  3.887   1.00 30.06 ? 145 ALA A C   1 
ATOM   726  O O   . ALA A 1 103 ? -6.824  -1.602  3.406   1.00 27.05 ? 145 ALA A O   1 
ATOM   727  C CB  . ALA A 1 103 ? -4.774  -4.278  3.472   1.00 28.07 ? 145 ALA A CB  1 
ATOM   728  N N   . GLU A 1 104 ? -7.733  -3.580  3.979   1.00 32.65 ? 146 GLU A N   1 
ATOM   729  C CA  . GLU A 1 104 ? -9.068  -3.245  3.500   1.00 34.70 ? 146 GLU A CA  1 
ATOM   730  C C   . GLU A 1 104 ? -9.648  -2.014  4.191   1.00 34.19 ? 146 GLU A C   1 
ATOM   731  O O   . GLU A 1 104 ? -10.260 -1.168  3.545   1.00 35.02 ? 146 GLU A O   1 
ATOM   732  C CB  . GLU A 1 104 ? -9.978  -4.463  3.668   1.00 38.59 ? 146 GLU A CB  1 
ATOM   733  C CG  . GLU A 1 104 ? -9.652  -5.560  2.662   1.00 44.31 ? 146 GLU A CG  1 
ATOM   734  C CD  . GLU A 1 104 ? -10.314 -6.892  2.976   1.00 49.55 ? 146 GLU A CD  1 
ATOM   735  O OE1 . GLU A 1 104 ? -11.537 -6.910  3.248   1.00 51.30 ? 146 GLU A OE1 1 
ATOM   736  O OE2 . GLU A 1 104 ? -9.606  -7.927  2.931   1.00 50.63 ? 146 GLU A OE2 1 
ATOM   737  N N   . ASP A 1 105 ? -9.453  -1.905  5.500   1.00 33.16 ? 147 ASP A N   1 
ATOM   738  C CA  . ASP A 1 105 ? -9.940  -0.737  6.225   1.00 31.73 ? 147 ASP A CA  1 
ATOM   739  C C   . ASP A 1 105 ? -9.228  0.503   5.709   1.00 29.66 ? 147 ASP A C   1 
ATOM   740  O O   . ASP A 1 105 ? -9.842  1.539   5.463   1.00 29.12 ? 147 ASP A O   1 
ATOM   741  C CB  . ASP A 1 105 ? -9.657  -0.858  7.721   1.00 34.77 ? 147 ASP A CB  1 
ATOM   742  C CG  . ASP A 1 105 ? -10.640 -1.760  8.431   1.00 39.77 ? 147 ASP A CG  1 
ATOM   743  O OD1 . ASP A 1 105 ? -11.698 -2.086  7.842   1.00 41.63 ? 147 ASP A OD1 1 
ATOM   744  O OD2 . ASP A 1 105 ? -10.355 -2.130  9.590   1.00 43.45 ? 147 ASP A OD2 1 
ATOM   745  N N   . ALA A 1 106 ? -7.917  0.387   5.554   1.00 26.39 ? 148 ALA A N   1 
ATOM   746  C CA  . ALA A 1 106 ? -7.114  1.494   5.090   1.00 24.65 ? 148 ALA A CA  1 
ATOM   747  C C   . ALA A 1 106 ? -7.468  1.946   3.679   1.00 23.50 ? 148 ALA A C   1 
ATOM   748  O O   . ALA A 1 106 ? -7.476  3.149   3.385   1.00 22.58 ? 148 ALA A O   1 
ATOM   749  C CB  . ALA A 1 106 ? -5.639  1.124   5.177   1.00 24.77 ? 148 ALA A CB  1 
ATOM   750  N N   . LEU A 1 107 ? -7.770  0.991   2.806   1.00 23.86 ? 149 LEU A N   1 
ATOM   751  C CA  . LEU A 1 107 ? -8.093  1.313   1.420   1.00 24.35 ? 149 LEU A CA  1 
ATOM   752  C C   . LEU A 1 107 ? -9.377  2.099   1.268   1.00 26.09 ? 149 LEU A C   1 
ATOM   753  O O   . LEU A 1 107 ? -9.643  2.687   0.220   1.00 27.26 ? 149 LEU A O   1 
ATOM   754  C CB  . LEU A 1 107 ? -8.110  0.030   0.576   1.00 24.63 ? 149 LEU A CB  1 
ATOM   755  C CG  . LEU A 1 107 ? -6.684  -0.347  0.135   1.00 24.87 ? 149 LEU A CG  1 
ATOM   756  C CD1 . LEU A 1 107 ? -6.609  -1.795  -0.361  1.00 26.70 ? 149 LEU A CD1 1 
ATOM   757  C CD2 . LEU A 1 107 ? -6.253  0.643   -0.958  1.00 22.51 ? 149 LEU A CD2 1 
ATOM   758  N N   . ILE A 1 108 ? -10.164 2.133   2.333   1.00 27.51 ? 150 ILE A N   1 
ATOM   759  C CA  . ILE A 1 108 ? -11.400 2.890   2.322   1.00 27.99 ? 150 ILE A CA  1 
ATOM   760  C C   . ILE A 1 108 ? -11.093 4.360   2.037   1.00 26.72 ? 150 ILE A C   1 
ATOM   761  O O   . ILE A 1 108 ? -11.951 5.097   1.554   1.00 25.62 ? 150 ILE A O   1 
ATOM   762  C CB  . ILE A 1 108 ? -12.120 2.787   3.678   1.00 30.52 ? 150 ILE A CB  1 
ATOM   763  C CG1 . ILE A 1 108 ? -12.496 1.326   3.956   1.00 32.24 ? 150 ILE A CG1 1 
ATOM   764  C CG2 . ILE A 1 108 ? -13.334 3.687   3.684   1.00 30.29 ? 150 ILE A CG2 1 
ATOM   765  C CD1 . ILE A 1 108 ? -13.370 0.698   2.895   1.00 35.07 ? 150 ILE A CD1 1 
ATOM   766  N N   . LEU A 1 109 ? -9.866  4.787   2.332   1.00 25.95 ? 151 LEU A N   1 
ATOM   767  C CA  . LEU A 1 109 ? -9.480  6.177   2.089   1.00 26.17 ? 151 LEU A CA  1 
ATOM   768  C C   . LEU A 1 109 ? -9.373  6.483   0.600   1.00 25.45 ? 151 LEU A C   1 
ATOM   769  O O   . LEU A 1 109 ? -9.490  7.638   0.191   1.00 25.43 ? 151 LEU A O   1 
ATOM   770  C CB  . LEU A 1 109 ? -8.146  6.501   2.775   1.00 27.14 ? 151 LEU A CB  1 
ATOM   771  C CG  . LEU A 1 109 ? -8.112  6.419   4.304   1.00 30.66 ? 151 LEU A CG  1 
ATOM   772  C CD1 . LEU A 1 109 ? -6.662  6.504   4.788   1.00 29.35 ? 151 LEU A CD1 1 
ATOM   773  C CD2 . LEU A 1 109 ? -8.968  7.544   4.909   1.00 31.10 ? 151 LEU A CD2 1 
ATOM   774  N N   . TYR A 1 110 ? -9.152  5.455   -0.215  1.00 24.71 ? 152 TYR A N   1 
ATOM   775  C CA  . TYR A 1 110 ? -9.042  5.678   -1.655  1.00 22.96 ? 152 TYR A CA  1 
ATOM   776  C C   . TYR A 1 110 ? -10.445 5.603   -2.244  1.00 22.73 ? 152 TYR A C   1 
ATOM   777  O O   . TYR A 1 110 ? -10.827 4.607   -2.849  1.00 22.24 ? 152 TYR A O   1 
ATOM   778  C CB  . TYR A 1 110 ? -8.129  4.627   -2.307  1.00 22.36 ? 152 TYR A CB  1 
ATOM   779  C CG  . TYR A 1 110 ? -7.461  5.118   -3.572  1.00 20.61 ? 152 TYR A CG  1 
ATOM   780  C CD1 . TYR A 1 110 ? -7.847  6.322   -4.154  1.00 18.14 ? 152 TYR A CD1 1 
ATOM   781  C CD2 . TYR A 1 110 ? -6.435  4.397   -4.169  1.00 20.72 ? 152 TYR A CD2 1 
ATOM   782  C CE1 . TYR A 1 110 ? -7.234  6.799   -5.280  1.00 20.54 ? 152 TYR A CE1 1 
ATOM   783  C CE2 . TYR A 1 110 ? -5.811  4.866   -5.311  1.00 23.49 ? 152 TYR A CE2 1 
ATOM   784  C CZ  . TYR A 1 110 ? -6.212  6.072   -5.865  1.00 23.42 ? 152 TYR A CZ  1 
ATOM   785  O OH  . TYR A 1 110 ? -5.594  6.561   -6.999  1.00 21.49 ? 152 TYR A OH  1 
ATOM   786  N N   . THR A 1 111 ? -11.205 6.678   -2.042  1.00 24.44 ? 153 THR A N   1 
ATOM   787  C CA  . THR A 1 111 ? -12.580 6.788   -2.507  1.00 25.12 ? 153 THR A CA  1 
ATOM   788  C C   . THR A 1 111 ? -12.701 6.623   -4.018  1.00 26.09 ? 153 THR A C   1 
ATOM   789  O O   . THR A 1 111 ? -11.727 6.810   -4.761  1.00 23.94 ? 153 THR A O   1 
ATOM   790  C CB  . THR A 1 111 ? -13.197 8.153   -2.090  1.00 26.19 ? 153 THR A CB  1 
ATOM   791  O OG1 . THR A 1 111 ? -12.493 9.220   -2.737  1.00 27.68 ? 153 THR A OG1 1 
ATOM   792  C CG2 . THR A 1 111 ? -13.099 8.344   -0.573  1.00 24.31 ? 153 THR A CG2 1 
ATOM   793  N N   . ASP A 1 112 ? -13.905 6.277   -4.469  1.00 25.13 ? 154 ASP A N   1 
ATOM   794  C CA  . ASP A 1 112 ? -14.157 6.081   -5.893  1.00 26.00 ? 154 ASP A CA  1 
ATOM   795  C C   . ASP A 1 112 ? -13.848 7.325   -6.702  1.00 26.26 ? 154 ASP A C   1 
ATOM   796  O O   . ASP A 1 112 ? -13.178 7.248   -7.734  1.00 26.20 ? 154 ASP A O   1 
ATOM   797  C CB  . ASP A 1 112 ? -15.607 5.668   -6.136  1.00 28.30 ? 154 ASP A CB  1 
ATOM   798  C CG  . ASP A 1 112 ? -15.879 4.232   -5.712  1.00 30.20 ? 154 ASP A CG  1 
ATOM   799  O OD1 . ASP A 1 112 ? -14.958 3.574   -5.184  1.00 32.55 ? 154 ASP A OD1 1 
ATOM   800  O OD2 . ASP A 1 112 ? -17.012 3.763   -5.909  1.00 35.80 ? 154 ASP A OD2 1 
ATOM   801  N N   . LYS A 1 113 ? -14.326 8.473   -6.241  1.00 26.61 ? 155 LYS A N   1 
ATOM   802  C CA  . LYS A 1 113 ? -14.077 9.706   -6.972  1.00 27.97 ? 155 LYS A CA  1 
ATOM   803  C C   . LYS A 1 113 ? -12.592 10.036  -7.068  1.00 26.12 ? 155 LYS A C   1 
ATOM   804  O O   . LYS A 1 113 ? -12.149 10.598  -8.062  1.00 27.30 ? 155 LYS A O   1 
ATOM   805  C CB  . LYS A 1 113 ? -14.865 10.886  -6.374  1.00 32.44 ? 155 LYS A CB  1 
ATOM   806  C CG  . LYS A 1 113 ? -14.689 11.142  -4.890  1.00 37.64 ? 155 LYS A CG  1 
ATOM   807  C CD  . LYS A 1 113 ? -15.154 9.952   -4.037  1.00 40.83 ? 155 LYS A CD  1 
ATOM   808  C CE  . LYS A 1 113 ? -16.545 9.465   -4.402  1.00 38.61 ? 155 LYS A CE  1 
ATOM   809  N NZ  . LYS A 1 113 ? -16.803 8.162   -3.746  1.00 36.62 ? 155 LYS A NZ  1 
ATOM   810  N N   . LEU A 1 114 ? -11.813 9.682   -6.054  1.00 26.54 ? 156 LEU A N   1 
ATOM   811  C CA  . LEU A 1 114 ? -10.378 9.949   -6.115  1.00 25.84 ? 156 LEU A CA  1 
ATOM   812  C C   . LEU A 1 114 ? -9.687  8.999   -7.094  1.00 23.51 ? 156 LEU A C   1 
ATOM   813  O O   . LEU A 1 114 ? -8.756  9.396   -7.802  1.00 23.21 ? 156 LEU A O   1 
ATOM   814  C CB  . LEU A 1 114 ? -9.745  9.818   -4.729  1.00 27.60 ? 156 LEU A CB  1 
ATOM   815  C CG  . LEU A 1 114 ? -10.114 10.982  -3.803  1.00 30.40 ? 156 LEU A CG  1 
ATOM   816  C CD1 . LEU A 1 114 ? -9.674  10.691  -2.378  1.00 29.80 ? 156 LEU A CD1 1 
ATOM   817  C CD2 . LEU A 1 114 ? -9.464  12.259  -4.328  1.00 29.26 ? 156 LEU A CD2 1 
ATOM   818  N N   . GLN A 1 115 ? -10.144 7.747   -7.128  1.00 20.70 ? 157 GLN A N   1 
ATOM   819  C CA  . GLN A 1 115 ? -9.584  6.746   -8.035  1.00 21.43 ? 157 GLN A CA  1 
ATOM   820  C C   . GLN A 1 115 ? -9.886  7.134   -9.467  1.00 20.46 ? 157 GLN A C   1 
ATOM   821  O O   . GLN A 1 115 ? -9.021  7.085   -10.334 1.00 22.78 ? 157 GLN A O   1 
ATOM   822  C CB  . GLN A 1 115 ? -10.187 5.364   -7.766  1.00 22.76 ? 157 GLN A CB  1 
ATOM   823  C CG  . GLN A 1 115 ? -9.815  4.762   -6.428  1.00 23.14 ? 157 GLN A CG  1 
ATOM   824  C CD  . GLN A 1 115 ? -10.399 3.379   -6.245  1.00 25.08 ? 157 GLN A CD  1 
ATOM   825  O OE1 . GLN A 1 115 ? -10.818 3.017   -5.146  1.00 28.39 ? 157 GLN A OE1 1 
ATOM   826  N NE2 . GLN A 1 115 ? -10.425 2.593   -7.317  1.00 22.52 ? 157 GLN A NE2 1 
ATOM   827  N N   . VAL A 1 116 ? -11.135 7.515   -9.711  1.00 23.50 ? 158 VAL A N   1 
ATOM   828  C CA  . VAL A 1 116 ? -11.567 7.910   -11.045 1.00 24.65 ? 158 VAL A CA  1 
ATOM   829  C C   . VAL A 1 116 ? -10.761 9.091   -11.547 1.00 26.89 ? 158 VAL A C   1 
ATOM   830  O O   . VAL A 1 116 ? -10.348 9.121   -12.710 1.00 26.26 ? 158 VAL A O   1 
ATOM   831  C CB  . VAL A 1 116 ? -13.064 8.285   -11.054 1.00 23.71 ? 158 VAL A CB  1 
ATOM   832  C CG1 . VAL A 1 116 ? -13.456 8.896   -12.394 1.00 21.39 ? 158 VAL A CG1 1 
ATOM   833  C CG2 . VAL A 1 116 ? -13.885 7.052   -10.780 1.00 22.81 ? 158 VAL A CG2 1 
ATOM   834  N N   . GLU A 1 117 ? -10.526 10.058  -10.664 1.00 28.30 ? 159 GLU A N   1 
ATOM   835  C CA  . GLU A 1 117 ? -9.781  11.250  -11.043 1.00 30.09 ? 159 GLU A CA  1 
ATOM   836  C C   . GLU A 1 117 ? -8.337  10.925  -11.401 1.00 29.26 ? 159 GLU A C   1 
ATOM   837  O O   . GLU A 1 117 ? -7.772  11.532  -12.306 1.00 27.39 ? 159 GLU A O   1 
ATOM   838  C CB  . GLU A 1 117 ? -9.822  12.286  -9.918  1.00 36.04 ? 159 GLU A CB  1 
ATOM   839  C CG  . GLU A 1 117 ? -9.611  13.715  -10.404 1.00 42.89 ? 159 GLU A CG  1 
ATOM   840  C CD  . GLU A 1 117 ? -9.848  14.742  -9.316  1.00 47.49 ? 159 GLU A CD  1 
ATOM   841  O OE1 . GLU A 1 117 ? -10.918 14.680  -8.669  1.00 51.09 ? 159 GLU A OE1 1 
ATOM   842  O OE2 . GLU A 1 117 ? -8.968  15.611  -9.113  1.00 51.03 ? 159 GLU A OE2 1 
ATOM   843  N N   . LYS A 1 118 ? -7.732  9.965   -10.708 1.00 28.68 ? 160 LYS A N   1 
ATOM   844  C CA  . LYS A 1 118 ? -6.359  9.600   -11.030 1.00 29.17 ? 160 LYS A CA  1 
ATOM   845  C C   . LYS A 1 118 ? -6.355  8.761   -12.305 1.00 28.36 ? 160 LYS A C   1 
ATOM   846  O O   . LYS A 1 118 ? -5.441  8.863   -13.128 1.00 26.56 ? 160 LYS A O   1 
ATOM   847  C CB  . LYS A 1 118 ? -5.714  8.814   -9.887  1.00 31.34 ? 160 LYS A CB  1 
ATOM   848  C CG  . LYS A 1 118 ? -4.264  8.431   -10.171 1.00 34.19 ? 160 LYS A CG  1 
ATOM   849  C CD  . LYS A 1 118 ? -3.437  8.397   -8.895  1.00 40.30 ? 160 LYS A CD  1 
ATOM   850  C CE  . LYS A 1 118 ? -3.138  9.799   -8.357  1.00 40.75 ? 160 LYS A CE  1 
ATOM   851  N NZ  . LYS A 1 118 ? -2.125  10.529  -9.168  1.00 43.91 ? 160 LYS A NZ  1 
ATOM   852  N N   . GLY A 1 119 ? -7.398  7.950   -12.456 1.00 26.10 ? 161 GLY A N   1 
ATOM   853  C CA  . GLY A 1 119 ? -7.538  7.104   -13.624 1.00 25.33 ? 161 GLY A CA  1 
ATOM   854  C C   . GLY A 1 119 ? -7.784  7.897   -14.892 1.00 24.00 ? 161 GLY A C   1 
ATOM   855  O O   . GLY A 1 119 ? -7.319  7.501   -15.964 1.00 23.11 ? 161 GLY A O   1 
ATOM   856  N N   . VAL A 1 120 ? -8.517  9.004   -14.782 1.00 24.67 ? 162 VAL A N   1 
ATOM   857  C CA  . VAL A 1 120 ? -8.805  9.858   -15.943 1.00 25.39 ? 162 VAL A CA  1 
ATOM   858  C C   . VAL A 1 120 ? -7.516  10.509  -16.426 1.00 25.74 ? 162 VAL A C   1 
ATOM   859  O O   . VAL A 1 120 ? -7.298  10.663  -17.629 1.00 25.76 ? 162 VAL A O   1 
ATOM   860  C CB  . VAL A 1 120 ? -9.826  10.972  -15.592 1.00 26.70 ? 162 VAL A CB  1 
ATOM   861  C CG1 . VAL A 1 120 ? -9.859  12.025  -16.695 1.00 27.11 ? 162 VAL A CG1 1 
ATOM   862  C CG2 . VAL A 1 120 ? -11.212 10.365  -15.428 1.00 25.65 ? 162 VAL A CG2 1 
ATOM   863  N N   . THR A 1 121 ? -6.669  10.892  -15.472 1.00 26.22 ? 163 THR A N   1 
ATOM   864  C CA  . THR A 1 121 ? -5.389  11.518  -15.766 1.00 28.54 ? 163 THR A CA  1 
ATOM   865  C C   . THR A 1 121 ? -4.499  10.558  -16.544 1.00 28.29 ? 163 THR A C   1 
ATOM   866  O O   . THR A 1 121 ? -3.857  10.945  -17.519 1.00 28.64 ? 163 THR A O   1 
ATOM   867  C CB  . THR A 1 121 ? -4.674  11.920  -14.466 1.00 30.36 ? 163 THR A CB  1 
ATOM   868  O OG1 . THR A 1 121 ? -5.468  12.894  -13.781 1.00 33.47 ? 163 THR A OG1 1 
ATOM   869  C CG2 . THR A 1 121 ? -3.302  12.502  -14.757 1.00 30.35 ? 163 THR A CG2 1 
ATOM   870  N N   . LEU A 1 122 ? -4.462  9.302   -16.114 1.00 28.39 ? 164 LEU A N   1 
ATOM   871  C CA  . LEU A 1 122 ? -3.641  8.304   -16.789 1.00 27.65 ? 164 LEU A CA  1 
ATOM   872  C C   . LEU A 1 122 ? -4.260  7.992   -18.142 1.00 25.95 ? 164 LEU A C   1 
ATOM   873  O O   . LEU A 1 122 ? -3.562  7.920   -19.153 1.00 23.94 ? 164 LEU A O   1 
ATOM   874  C CB  . LEU A 1 122 ? -3.558  7.028   -15.942 1.00 30.05 ? 164 LEU A CB  1 
ATOM   875  C CG  . LEU A 1 122 ? -3.243  7.293   -14.458 1.00 32.47 ? 164 LEU A CG  1 
ATOM   876  C CD1 . LEU A 1 122 ? -3.373  6.008   -13.646 1.00 33.02 ? 164 LEU A CD1 1 
ATOM   877  C CD2 . LEU A 1 122 ? -1.839  7.885   -14.320 1.00 34.46 ? 164 LEU A CD2 1 
ATOM   878  N N   . ALA A 1 123 ? -5.578  7.812   -18.154 1.00 24.56 ? 165 ALA A N   1 
ATOM   879  C CA  . ALA A 1 123 ? -6.299  7.514   -19.384 1.00 24.53 ? 165 ALA A CA  1 
ATOM   880  C C   . ALA A 1 123 ? -6.107  8.611   -20.438 1.00 25.07 ? 165 ALA A C   1 
ATOM   881  O O   . ALA A 1 123 ? -5.978  8.322   -21.626 1.00 24.54 ? 165 ALA A O   1 
ATOM   882  C CB  . ALA A 1 123 ? -7.785  7.323   -19.085 1.00 22.65 ? 165 ALA A CB  1 
ATOM   883  N N   . GLU A 1 124 ? -6.096  9.869   -20.013 1.00 25.04 ? 166 GLU A N   1 
ATOM   884  C CA  . GLU A 1 124 ? -5.903  10.955  -20.960 1.00 29.89 ? 166 GLU A CA  1 
ATOM   885  C C   . GLU A 1 124 ? -4.536  10.864  -21.643 1.00 29.85 ? 166 GLU A C   1 
ATOM   886  O O   . GLU A 1 124 ? -4.433  11.065  -22.853 1.00 31.48 ? 166 GLU A O   1 
ATOM   887  C CB  . GLU A 1 124 ? -6.048  12.311  -20.265 1.00 33.02 ? 166 GLU A CB  1 
ATOM   888  C CG  . GLU A 1 124 ? -7.473  12.639  -19.840 1.00 40.45 ? 166 GLU A CG  1 
ATOM   889  C CD  . GLU A 1 124 ? -7.594  14.012  -19.196 1.00 43.22 ? 166 GLU A CD  1 
ATOM   890  O OE1 . GLU A 1 124 ? -7.312  15.019  -19.879 1.00 46.39 ? 166 GLU A OE1 1 
ATOM   891  O OE2 . GLU A 1 124 ? -7.967  14.085  -18.005 1.00 47.09 ? 166 GLU A OE2 1 
ATOM   892  N N   . LYS A 1 125 ? -3.493  10.559  -20.874 1.00 30.70 ? 167 LYS A N   1 
ATOM   893  C CA  . LYS A 1 125 ? -2.144  10.443  -21.432 1.00 31.71 ? 167 LYS A CA  1 
ATOM   894  C C   . LYS A 1 125 ? -2.079  9.311   -22.439 1.00 30.65 ? 167 LYS A C   1 
ATOM   895  O O   . LYS A 1 125 ? -1.514  9.458   -23.519 1.00 31.06 ? 167 LYS A O   1 
ATOM   896  C CB  . LYS A 1 125 ? -1.121  10.178  -20.329 1.00 35.10 ? 167 LYS A CB  1 
ATOM   897  C CG  . LYS A 1 125 ? -0.892  11.338  -19.387 1.00 41.38 ? 167 LYS A CG  1 
ATOM   898  C CD  . LYS A 1 125 ? 0.048   10.949  -18.249 1.00 44.19 ? 167 LYS A CD  1 
ATOM   899  C CE  . LYS A 1 125 ? 0.220   12.107  -17.281 1.00 46.84 ? 167 LYS A CE  1 
ATOM   900  N NZ  . LYS A 1 125 ? 1.019   11.723  -16.087 1.00 50.30 ? 167 LYS A NZ  1 
ATOM   901  N N   . LEU A 1 126 ? -2.656  8.172   -22.074 1.00 29.70 ? 168 LEU A N   1 
ATOM   902  C CA  . LEU A 1 126 ? -2.658  7.008   -22.949 1.00 28.95 ? 168 LEU A CA  1 
ATOM   903  C C   . LEU A 1 126 ? -3.484  7.225   -24.216 1.00 29.16 ? 168 LEU A C   1 
ATOM   904  O O   . LEU A 1 126 ? -3.178  6.655   -25.266 1.00 29.47 ? 168 LEU A O   1 
ATOM   905  C CB  . LEU A 1 126 ? -3.189  5.788   -22.190 1.00 28.38 ? 168 LEU A CB  1 
ATOM   906  C CG  . LEU A 1 126 ? -2.314  5.343   -21.021 1.00 28.96 ? 168 LEU A CG  1 
ATOM   907  C CD1 . LEU A 1 126 ? -3.010  4.258   -20.232 1.00 27.67 ? 168 LEU A CD1 1 
ATOM   908  C CD2 . LEU A 1 126 ? -0.976  4.855   -21.564 1.00 30.11 ? 168 LEU A CD2 1 
ATOM   909  N N   . ALA A 1 127 ? -4.534  8.037   -24.118 1.00 27.93 ? 169 ALA A N   1 
ATOM   910  C CA  . ALA A 1 127 ? -5.383  8.314   -25.273 1.00 28.17 ? 169 ALA A CA  1 
ATOM   911  C C   . ALA A 1 127 ? -4.543  9.032   -26.325 1.00 28.79 ? 169 ALA A C   1 
ATOM   912  O O   . ALA A 1 127 ? -4.627  8.730   -27.515 1.00 29.99 ? 169 ALA A O   1 
ATOM   913  C CB  . ALA A 1 127 ? -6.580  9.176   -24.860 1.00 23.80 ? 169 ALA A CB  1 
ATOM   914  N N   . ASN A 1 128 ? -3.726  9.978   -25.873 1.00 29.46 ? 170 ASN A N   1 
ATOM   915  C CA  . ASN A 1 128 ? -2.845  10.728  -26.764 1.00 30.84 ? 170 ASN A CA  1 
ATOM   916  C C   . ASN A 1 128 ? -1.772  9.805   -27.331 1.00 30.09 ? 170 ASN A C   1 
ATOM   917  O O   . ASN A 1 128 ? -1.385  9.923   -28.493 1.00 29.98 ? 170 ASN A O   1 
ATOM   918  C CB  . ASN A 1 128 ? -2.180  11.875  -25.999 1.00 32.30 ? 170 ASN A CB  1 
ATOM   919  C CG  . ASN A 1 128 ? -3.184  12.894  -25.501 1.00 35.00 ? 170 ASN A CG  1 
ATOM   920  O OD1 . ASN A 1 128 ? -2.933  13.614  -24.538 1.00 38.32 ? 170 ASN A OD1 1 
ATOM   921  N ND2 . ASN A 1 128 ? -4.329  12.967  -26.168 1.00 37.86 ? 170 ASN A ND2 1 
ATOM   922  N N   . ARG A 1 129 ? -1.293  8.884   -26.503 1.00 29.21 ? 171 ARG A N   1 
ATOM   923  C CA  . ARG A 1 129 ? -0.266  7.956   -26.941 1.00 28.67 ? 171 ARG A CA  1 
ATOM   924  C C   . ARG A 1 129 ? -0.780  7.032   -28.036 1.00 27.39 ? 171 ARG A C   1 
ATOM   925  O O   . ARG A 1 129 ? -0.064  6.716   -28.982 1.00 26.69 ? 171 ARG A O   1 
ATOM   926  C CB  . ARG A 1 129 ? 0.235   7.110   -25.771 1.00 28.77 ? 171 ARG A CB  1 
ATOM   927  C CG  . ARG A 1 129 ? 1.345   6.131   -26.168 1.00 28.89 ? 171 ARG A CG  1 
ATOM   928  C CD  . ARG A 1 129 ? 1.821   5.298   -24.988 1.00 30.16 ? 171 ARG A CD  1 
ATOM   929  N NE  . ARG A 1 129 ? 2.282   6.123   -23.877 1.00 27.77 ? 171 ARG A NE  1 
ATOM   930  C CZ  . ARG A 1 129 ? 2.726   5.636   -22.723 1.00 29.95 ? 171 ARG A CZ  1 
ATOM   931  N NH1 . ARG A 1 129 ? 2.774   4.325   -22.527 1.00 28.54 ? 171 ARG A NH1 1 
ATOM   932  N NH2 . ARG A 1 129 ? 3.116   6.460   -21.759 1.00 30.72 ? 171 ARG A NH2 1 
ATOM   933  N N   . TYR A 1 130 ? -2.023  6.596   -27.907 1.00 26.66 ? 172 TYR A N   1 
ATOM   934  C CA  . TYR A 1 130 ? -2.602  5.703   -28.901 1.00 29.14 ? 172 TYR A CA  1 
ATOM   935  C C   . TYR A 1 130 ? -3.558  6.443   -29.834 1.00 29.57 ? 172 TYR A C   1 
ATOM   936  O O   . TYR A 1 130 ? -4.460  5.833   -30.413 1.00 28.84 ? 172 TYR A O   1 
ATOM   937  C CB  . TYR A 1 130 ? -3.339  4.562   -28.196 1.00 30.11 ? 172 TYR A CB  1 
ATOM   938  C CG  . TYR A 1 130 ? -2.487  3.838   -27.179 1.00 31.94 ? 172 TYR A CG  1 
ATOM   939  C CD1 . TYR A 1 130 ? -1.223  3.356   -27.517 1.00 32.66 ? 172 TYR A CD1 1 
ATOM   940  C CD2 . TYR A 1 130 ? -2.944  3.635   -25.876 1.00 33.97 ? 172 TYR A CD2 1 
ATOM   941  C CE1 . TYR A 1 130 ? -0.434  2.690   -26.581 1.00 33.52 ? 172 TYR A CE1 1 
ATOM   942  C CE2 . TYR A 1 130 ? -2.167  2.972   -24.940 1.00 33.82 ? 172 TYR A CE2 1 
ATOM   943  C CZ  . TYR A 1 130 ? -0.915  2.504   -25.297 1.00 33.99 ? 172 TYR A CZ  1 
ATOM   944  O OH  . TYR A 1 130 ? -0.143  1.860   -24.355 1.00 36.94 ? 172 TYR A OH  1 
ATOM   945  N N   . SER A 1 131 ? -3.342  7.750   -29.985 1.00 30.38 ? 173 SER A N   1 
ATOM   946  C CA  . SER A 1 131 ? -4.199  8.593   -30.825 1.00 32.02 ? 173 SER A CA  1 
ATOM   947  C C   . SER A 1 131 ? -4.446  8.073   -32.243 1.00 33.24 ? 173 SER A C   1 
ATOM   948  O O   . SER A 1 131 ? -5.456  8.418   -32.861 1.00 32.85 ? 173 SER A O   1 
ATOM   949  C CB  . SER A 1 131 ? -3.630  10.011  -30.905 1.00 34.36 ? 173 SER A CB  1 
ATOM   950  O OG  . SER A 1 131 ? -2.432  10.042  -31.656 1.00 38.36 ? 173 SER A OG  1 
ATOM   951  N N   . HIS A 1 132 ? -3.534  7.254   -32.763 1.00 32.49 ? 174 HIS A N   1 
ATOM   952  C CA  . HIS A 1 132 ? -3.692  6.709   -34.104 1.00 32.68 ? 174 HIS A CA  1 
ATOM   953  C C   . HIS A 1 132 ? -4.563  5.465   -34.151 1.00 32.36 ? 174 HIS A C   1 
ATOM   954  O O   . HIS A 1 132 ? -5.016  5.073   -35.222 1.00 31.44 ? 174 HIS A O   1 
ATOM   955  C CB  . HIS A 1 132 ? -2.330  6.397   -34.723 1.00 33.02 ? 174 HIS A CB  1 
ATOM   956  C CG  . HIS A 1 132 ? -1.592  7.610   -35.188 1.00 34.17 ? 174 HIS A CG  1 
ATOM   957  N ND1 . HIS A 1 132 ? -1.532  8.773   -34.451 1.00 36.51 ? 174 HIS A ND1 1 
ATOM   958  C CD2 . HIS A 1 132 ? -0.855  7.830   -36.304 1.00 32.82 ? 174 HIS A CD2 1 
ATOM   959  C CE1 . HIS A 1 132 ? -0.789  9.658   -35.092 1.00 34.80 ? 174 HIS A CE1 1 
ATOM   960  N NE2 . HIS A 1 132 ? -0.366  9.109   -36.218 1.00 34.38 ? 174 HIS A NE2 1 
ATOM   961  N N   . ASP A 1 133 ? -4.800  4.839   -33.001 1.00 32.04 ? 175 ASP A N   1 
ATOM   962  C CA  . ASP A 1 133 ? -5.639  3.645   -32.972 1.00 30.90 ? 175 ASP A CA  1 
ATOM   963  C C   . ASP A 1 133 ? -7.108  4.004   -33.137 1.00 30.19 ? 175 ASP A C   1 
ATOM   964  O O   . ASP A 1 133 ? -7.496  5.169   -33.020 1.00 24.46 ? 175 ASP A O   1 
ATOM   965  C CB  . ASP A 1 133 ? -5.495  2.892   -31.648 1.00 33.17 ? 175 ASP A CB  1 
ATOM   966  C CG  . ASP A 1 133 ? -4.106  2.357   -31.426 1.00 35.83 ? 175 ASP A CG  1 
ATOM   967  O OD1 . ASP A 1 133 ? -3.525  1.786   -32.374 1.00 36.66 ? 175 ASP A OD1 1 
ATOM   968  O OD2 . ASP A 1 133 ? -3.601  2.500   -30.293 1.00 39.06 ? 175 ASP A OD2 1 
ATOM   969  N N   . SER A 1 134 ? -7.923  2.991   -33.408 1.00 29.00 ? 176 SER A N   1 
ATOM   970  C CA  . SER A 1 134 ? -9.353  3.208   -33.533 1.00 31.02 ? 176 SER A CA  1 
ATOM   971  C C   . SER A 1 134 ? -9.845  3.423   -32.105 1.00 32.33 ? 176 SER A C   1 
ATOM   972  O O   . SER A 1 134 ? -9.156  3.066   -31.153 1.00 32.14 ? 176 SER A O   1 
ATOM   973  C CB  . SER A 1 134 ? -10.033 1.976   -34.130 1.00 30.62 ? 176 SER A CB  1 
ATOM   974  O OG  . SER A 1 134 ? -9.946  0.871   -33.244 1.00 31.64 ? 176 SER A OG  1 
ATOM   975  N N   . TYR A 1 135 ? -11.021 4.013   -31.954 1.00 34.29 ? 177 TYR A N   1 
ATOM   976  C CA  . TYR A 1 135 ? -11.592 4.261   -30.634 1.00 35.56 ? 177 TYR A CA  1 
ATOM   977  C C   . TYR A 1 135 ? -11.604 2.971   -29.800 1.00 35.79 ? 177 TYR A C   1 
ATOM   978  O O   . TYR A 1 135 ? -11.253 2.966   -28.619 1.00 33.79 ? 177 TYR A O   1 
ATOM   979  C CB  . TYR A 1 135 ? -13.011 4.793   -30.805 1.00 39.17 ? 177 TYR A CB  1 
ATOM   980  C CG  . TYR A 1 135 ? -13.750 5.079   -29.521 1.00 42.00 ? 177 TYR A CG  1 
ATOM   981  C CD1 . TYR A 1 135 ? -13.510 6.246   -28.796 1.00 43.13 ? 177 TYR A CD1 1 
ATOM   982  C CD2 . TYR A 1 135 ? -14.720 4.193   -29.050 1.00 44.23 ? 177 TYR A CD2 1 
ATOM   983  C CE1 . TYR A 1 135 ? -14.224 6.529   -27.635 1.00 45.08 ? 177 TYR A CE1 1 
ATOM   984  C CE2 . TYR A 1 135 ? -15.437 4.462   -27.892 1.00 46.79 ? 177 TYR A CE2 1 
ATOM   985  C CZ  . TYR A 1 135 ? -15.188 5.633   -27.188 1.00 46.92 ? 177 TYR A CZ  1 
ATOM   986  O OH  . TYR A 1 135 ? -15.917 5.908   -26.047 1.00 49.56 ? 177 TYR A OH  1 
ATOM   987  N N   . ARG A 1 136 ? -12.000 1.879   -30.438 1.00 36.90 ? 178 ARG A N   1 
ATOM   988  C CA  . ARG A 1 136 ? -12.073 0.570   -29.798 1.00 38.60 ? 178 ARG A CA  1 
ATOM   989  C C   . ARG A 1 136 ? -10.717 0.061   -29.302 1.00 39.05 ? 178 ARG A C   1 
ATOM   990  O O   . ARG A 1 136 ? -10.565 -0.274  -28.122 1.00 37.56 ? 178 ARG A O   1 
ATOM   991  C CB  . ARG A 1 136 ? -12.672 -0.428  -30.787 1.00 41.84 ? 178 ARG A CB  1 
ATOM   992  C CG  . ARG A 1 136 ? -12.863 -1.833  -30.264 1.00 46.70 ? 178 ARG A CG  1 
ATOM   993  C CD  . ARG A 1 136 ? -13.441 -2.707  -31.370 1.00 51.99 ? 178 ARG A CD  1 
ATOM   994  N NE  . ARG A 1 136 ? -12.526 -2.822  -32.507 1.00 56.03 ? 178 ARG A NE  1 
ATOM   995  C CZ  . ARG A 1 136 ? -11.428 -3.574  -32.510 1.00 58.23 ? 178 ARG A CZ  1 
ATOM   996  N NH1 . ARG A 1 136 ? -11.109 -4.284  -31.434 1.00 60.19 ? 178 ARG A NH1 1 
ATOM   997  N NH2 . ARG A 1 136 ? -10.648 -3.618  -33.581 1.00 59.36 ? 178 ARG A NH2 1 
ATOM   998  N N   . ASN A 1 137 ? -9.734  -0.004  -30.199 1.00 38.48 ? 179 ASN A N   1 
ATOM   999  C CA  . ASN A 1 137 ? -8.400  -0.477  -29.828 1.00 38.29 ? 179 ASN A CA  1 
ATOM   1000 C C   . ASN A 1 137 ? -7.781  0.439   -28.785 1.00 36.85 ? 179 ASN A C   1 
ATOM   1001 O O   . ASN A 1 137 ? -7.011  0.001   -27.937 1.00 37.02 ? 179 ASN A O   1 
ATOM   1002 C CB  . ASN A 1 137 ? -7.490  -0.531  -31.059 1.00 41.47 ? 179 ASN A CB  1 
ATOM   1003 C CG  . ASN A 1 137 ? -7.847  -1.661  -32.003 1.00 42.72 ? 179 ASN A CG  1 
ATOM   1004 O OD1 . ASN A 1 137 ? -7.314  -1.754  -33.107 1.00 45.31 ? 179 ASN A OD1 1 
ATOM   1005 N ND2 . ASN A 1 137 ? -8.748  -2.531  -31.570 1.00 43.52 ? 179 ASN A ND2 1 
ATOM   1006 N N   . LYS A 1 138 ? -8.128  1.715   -28.858 1.00 34.19 ? 180 LYS A N   1 
ATOM   1007 C CA  . LYS A 1 138 ? -7.612  2.701   -27.930 1.00 33.43 ? 180 LYS A CA  1 
ATOM   1008 C C   . LYS A 1 138 ? -8.106  2.407   -26.514 1.00 31.84 ? 180 LYS A C   1 
ATOM   1009 O O   . LYS A 1 138 ? -7.310  2.303   -25.584 1.00 30.05 ? 180 LYS A O   1 
ATOM   1010 C CB  . LYS A 1 138 ? -8.055  4.095   -28.365 1.00 33.36 ? 180 LYS A CB  1 
ATOM   1011 C CG  . LYS A 1 138 ? -7.386  5.228   -27.617 1.00 34.66 ? 180 LYS A CG  1 
ATOM   1012 C CD  . LYS A 1 138 ? -8.053  6.563   -27.926 1.00 38.16 ? 180 LYS A CD  1 
ATOM   1013 C CE  . LYS A 1 138 ? -7.966  6.936   -29.400 1.00 41.70 ? 180 LYS A CE  1 
ATOM   1014 N NZ  . LYS A 1 138 ? -8.695  8.209   -29.696 1.00 43.07 ? 180 LYS A NZ  1 
ATOM   1015 N N   . GLN A 1 139 ? -9.421  2.269   -26.354 1.00 32.50 ? 181 GLN A N   1 
ATOM   1016 C CA  . GLN A 1 139 ? -10.008 1.987   -25.045 1.00 31.64 ? 181 GLN A CA  1 
ATOM   1017 C C   . GLN A 1 139 ? -9.566  0.649   -24.464 1.00 30.14 ? 181 GLN A C   1 
ATOM   1018 O O   . GLN A 1 139 ? -9.411  0.516   -23.246 1.00 29.80 ? 181 GLN A O   1 
ATOM   1019 C CB  . GLN A 1 139 ? -11.535 2.033   -25.117 1.00 34.34 ? 181 GLN A CB  1 
ATOM   1020 C CG  . GLN A 1 139 ? -12.072 3.393   -25.522 1.00 39.38 ? 181 GLN A CG  1 
ATOM   1021 C CD  . GLN A 1 139 ? -13.489 3.621   -25.042 1.00 42.99 ? 181 GLN A CD  1 
ATOM   1022 O OE1 . GLN A 1 139 ? -14.334 2.720   -25.087 1.00 43.46 ? 181 GLN A OE1 1 
ATOM   1023 N NE2 . GLN A 1 139 ? -13.763 4.836   -24.585 1.00 45.73 ? 181 GLN A NE2 1 
ATOM   1024 N N   . ASN A 1 140 ? -9.369  -0.343  -25.327 1.00 28.83 ? 182 ASN A N   1 
ATOM   1025 C CA  . ASN A 1 140 ? -8.918  -1.657  -24.873 1.00 28.75 ? 182 ASN A CA  1 
ATOM   1026 C C   . ASN A 1 140 ? -7.555  -1.519  -24.196 1.00 27.86 ? 182 ASN A C   1 
ATOM   1027 O O   . ASN A 1 140 ? -7.336  -2.060  -23.110 1.00 26.28 ? 182 ASN A O   1 
ATOM   1028 C CB  . ASN A 1 140 ? -8.795  -2.635  -26.045 1.00 29.04 ? 182 ASN A CB  1 
ATOM   1029 C CG  . ASN A 1 140 ? -10.139 -3.046  -26.610 1.00 33.28 ? 182 ASN A CG  1 
ATOM   1030 O OD1 . ASN A 1 140 ? -11.055 -3.398  -25.865 1.00 35.38 ? 182 ASN A OD1 1 
ATOM   1031 N ND2 . ASN A 1 140 ? -10.262 -3.017  -27.931 1.00 37.39 ? 182 ASN A ND2 1 
ATOM   1032 N N   . LYS A 1 141 ? -6.640  -0.802  -24.845 1.00 25.72 ? 183 LYS A N   1 
ATOM   1033 C CA  . LYS A 1 141 ? -5.307  -0.602  -24.285 1.00 26.97 ? 183 LYS A CA  1 
ATOM   1034 C C   . LYS A 1 141 ? -5.393  0.161   -22.965 1.00 25.10 ? 183 LYS A C   1 
ATOM   1035 O O   . LYS A 1 141 ? -4.692  -0.160  -22.018 1.00 25.63 ? 183 LYS A O   1 
ATOM   1036 C CB  . LYS A 1 141 ? -4.416  0.176   -25.260 1.00 29.00 ? 183 LYS A CB  1 
ATOM   1037 C CG  . LYS A 1 141 ? -3.980  -0.588  -26.506 1.00 30.05 ? 183 LYS A CG  1 
ATOM   1038 C CD  . LYS A 1 141 ? -3.145  0.323   -27.409 1.00 33.79 ? 183 LYS A CD  1 
ATOM   1039 C CE  . LYS A 1 141 ? -2.556  -0.404  -28.614 1.00 33.46 ? 183 LYS A CE  1 
ATOM   1040 N NZ  . LYS A 1 141 ? -3.626  -1.045  -29.417 1.00 37.84 ? 183 LYS A NZ  1 
ATOM   1041 N N   . ILE A 1 142 ? -6.250  1.171   -22.905 1.00 22.95 ? 184 ILE A N   1 
ATOM   1042 C CA  . ILE A 1 142 ? -6.388  1.956   -21.679 1.00 23.93 ? 184 ILE A CA  1 
ATOM   1043 C C   . ILE A 1 142 ? -6.972  1.114   -20.536 1.00 24.90 ? 184 ILE A C   1 
ATOM   1044 O O   . ILE A 1 142 ? -6.456  1.141   -19.418 1.00 23.43 ? 184 ILE A O   1 
ATOM   1045 C CB  . ILE A 1 142 ? -7.246  3.237   -21.928 1.00 22.52 ? 184 ILE A CB  1 
ATOM   1046 C CG1 . ILE A 1 142 ? -6.494  4.184   -22.883 1.00 22.31 ? 184 ILE A CG1 1 
ATOM   1047 C CG2 . ILE A 1 142 ? -7.498  3.966   -20.623 1.00 22.61 ? 184 ILE A CG2 1 
ATOM   1048 C CD1 . ILE A 1 142 ? -7.328  5.354   -23.400 1.00 22.79 ? 184 ILE A CD1 1 
ATOM   1049 N N   . LYS A 1 143 ? -8.032  0.360   -20.821 1.00 25.03 ? 185 LYS A N   1 
ATOM   1050 C CA  . LYS A 1 143 ? -8.647  -0.498  -19.807 1.00 26.03 ? 185 LYS A CA  1 
ATOM   1051 C C   . LYS A 1 143 ? -7.622  -1.492  -19.268 1.00 23.80 ? 185 LYS A C   1 
ATOM   1052 O O   . LYS A 1 143 ? -7.549  -1.754  -18.069 1.00 23.68 ? 185 LYS A O   1 
ATOM   1053 C CB  . LYS A 1 143 ? -9.815  -1.280  -20.410 1.00 26.75 ? 185 LYS A CB  1 
ATOM   1054 C CG  . LYS A 1 143 ? -11.056 -0.448  -20.668 1.00 33.76 ? 185 LYS A CG  1 
ATOM   1055 C CD  . LYS A 1 143 ? -11.862 -1.014  -21.832 1.00 38.02 ? 185 LYS A CD  1 
ATOM   1056 C CE  . LYS A 1 143 ? -13.192 -0.302  -21.984 1.00 41.38 ? 185 LYS A CE  1 
ATOM   1057 N NZ  . LYS A 1 143 ? -14.063 -0.564  -20.803 1.00 46.83 ? 185 LYS A NZ  1 
ATOM   1058 N N   . GLN A 1 144 ? -6.840  -2.045  -20.184 1.00 22.99 ? 186 GLN A N   1 
ATOM   1059 C CA  . GLN A 1 144 ? -5.813  -3.028  -19.876 1.00 24.32 ? 186 GLN A CA  1 
ATOM   1060 C C   . GLN A 1 144 ? -4.761  -2.434  -18.942 1.00 24.13 ? 186 GLN A C   1 
ATOM   1061 O O   . GLN A 1 144 ? -4.374  -3.038  -17.936 1.00 23.59 ? 186 GLN A O   1 
ATOM   1062 C CB  . GLN A 1 144 ? -5.170  -3.483  -21.189 1.00 26.17 ? 186 GLN A CB  1 
ATOM   1063 C CG  . GLN A 1 144 ? -4.214  -4.653  -21.088 1.00 32.50 ? 186 GLN A CG  1 
ATOM   1064 C CD  . GLN A 1 144 ? -3.647  -5.036  -22.448 1.00 35.58 ? 186 GLN A CD  1 
ATOM   1065 O OE1 . GLN A 1 144 ? -4.402  -5.289  -23.396 1.00 37.03 ? 186 GLN A OE1 1 
ATOM   1066 N NE2 . GLN A 1 144 ? -2.316  -5.069  -22.555 1.00 33.14 ? 186 GLN A NE2 1 
ATOM   1067 N N   . SER A 1 145 ? -4.292  -1.242  -19.282 1.00 22.15 ? 187 SER A N   1 
ATOM   1068 C CA  . SER A 1 145 ? -3.289  -0.570  -18.469 1.00 24.43 ? 187 SER A CA  1 
ATOM   1069 C C   . SER A 1 145 ? -3.824  -0.321  -17.047 1.00 23.05 ? 187 SER A C   1 
ATOM   1070 O O   . SER A 1 145 ? -3.139  -0.589  -16.055 1.00 21.47 ? 187 SER A O   1 
ATOM   1071 C CB  . SER A 1 145 ? -2.889  0.758   -19.134 1.00 23.81 ? 187 SER A CB  1 
ATOM   1072 O OG  . SER A 1 145 ? -1.897  1.424   -18.367 1.00 29.96 ? 187 SER A OG  1 
ATOM   1073 N N   . LEU A 1 146 ? -5.050  0.186   -16.955 1.00 22.28 ? 188 LEU A N   1 
ATOM   1074 C CA  . LEU A 1 146 ? -5.667  0.460   -15.656 1.00 21.79 ? 188 LEU A CA  1 
ATOM   1075 C C   . LEU A 1 146 ? -5.890  -0.822  -14.834 1.00 20.57 ? 188 LEU A C   1 
ATOM   1076 O O   . LEU A 1 146 ? -5.787  -0.799  -13.605 1.00 19.06 ? 188 LEU A O   1 
ATOM   1077 C CB  . LEU A 1 146 ? -7.000  1.200   -15.851 1.00 21.15 ? 188 LEU A CB  1 
ATOM   1078 C CG  . LEU A 1 146 ? -6.885  2.622   -16.391 1.00 22.08 ? 188 LEU A CG  1 
ATOM   1079 C CD1 . LEU A 1 146 ? -8.248  3.157   -16.811 1.00 24.00 ? 188 LEU A CD1 1 
ATOM   1080 C CD2 . LEU A 1 146 ? -6.268  3.493   -15.329 1.00 25.96 ? 188 LEU A CD2 1 
ATOM   1081 N N   . LEU A 1 147 ? -6.212  -1.924  -15.510 1.00 18.93 ? 189 LEU A N   1 
ATOM   1082 C CA  . LEU A 1 147 ? -6.405  -3.200  -14.831 1.00 20.39 ? 189 LEU A CA  1 
ATOM   1083 C C   . LEU A 1 147 ? -5.105  -3.683  -14.204 1.00 19.35 ? 189 LEU A C   1 
ATOM   1084 O O   . LEU A 1 147 ? -5.087  -4.080  -13.043 1.00 21.27 ? 189 LEU A O   1 
ATOM   1085 C CB  . LEU A 1 147 ? -6.912  -4.289  -15.787 1.00 18.94 ? 189 LEU A CB  1 
ATOM   1086 C CG  . LEU A 1 147 ? -8.395  -4.349  -16.139 1.00 18.39 ? 189 LEU A CG  1 
ATOM   1087 C CD1 . LEU A 1 147 ? -8.612  -5.452  -17.151 1.00 18.47 ? 189 LEU A CD1 1 
ATOM   1088 C CD2 . LEU A 1 147 ? -9.239  -4.606  -14.882 1.00 18.83 ? 189 LEU A CD2 1 
ATOM   1089 N N   . THR A 1 148 ? -4.015  -3.642  -14.963 1.00 20.25 ? 190 THR A N   1 
ATOM   1090 C CA  . THR A 1 148 ? -2.733  -4.098  -14.437 1.00 19.75 ? 190 THR A CA  1 
ATOM   1091 C C   . THR A 1 148 ? -2.230  -3.207  -13.294 1.00 20.70 ? 190 THR A C   1 
ATOM   1092 O O   . THR A 1 148 ? -1.384  -3.624  -12.494 1.00 19.73 ? 190 THR A O   1 
ATOM   1093 C CB  . THR A 1 148 ? -1.660  -4.189  -15.554 1.00 21.42 ? 190 THR A CB  1 
ATOM   1094 O OG1 . THR A 1 148 ? -1.449  -2.900  -16.139 1.00 24.99 ? 190 THR A OG1 1 
ATOM   1095 C CG2 . THR A 1 148 ? -2.112  -5.150  -16.635 1.00 18.69 ? 190 THR A CG2 1 
ATOM   1096 N N   . LYS A 1 149 ? -2.768  -1.990  -13.215 1.00 19.48 ? 191 LYS A N   1 
ATOM   1097 C CA  . LYS A 1 149 ? -2.404  -1.056  -12.161 1.00 19.79 ? 191 LYS A CA  1 
ATOM   1098 C C   . LYS A 1 149 ? -3.249  -1.238  -10.896 1.00 19.79 ? 191 LYS A C   1 
ATOM   1099 O O   . LYS A 1 149 ? -3.017  -0.573  -9.892  1.00 18.97 ? 191 LYS A O   1 
ATOM   1100 C CB  . LYS A 1 149 ? -2.525  0.388   -12.660 1.00 18.69 ? 191 LYS A CB  1 
ATOM   1101 C CG  . LYS A 1 149 ? -1.313  0.842   -13.456 1.00 22.89 ? 191 LYS A CG  1 
ATOM   1102 C CD  . LYS A 1 149 ? -1.481  2.260   -13.969 1.00 21.59 ? 191 LYS A CD  1 
ATOM   1103 C CE  . LYS A 1 149 ? -0.460  2.559   -15.050 1.00 25.36 ? 191 LYS A CE  1 
ATOM   1104 N NZ  . LYS A 1 149 ? 0.928   2.276   -14.590 1.00 28.53 ? 191 LYS A NZ  1 
ATOM   1105 N N   . GLY A 1 150 ? -4.248  -2.112  -10.944 1.00 20.89 ? 192 GLY A N   1 
ATOM   1106 C CA  . GLY A 1 150 ? -5.042  -2.340  -9.749  1.00 21.97 ? 192 GLY A CA  1 
ATOM   1107 C C   . GLY A 1 150 ? -6.441  -1.764  -9.656  1.00 21.29 ? 192 GLY A C   1 
ATOM   1108 O O   . GLY A 1 150 ? -7.100  -1.960  -8.641  1.00 23.10 ? 192 GLY A O   1 
ATOM   1109 N N   . PHE A 1 151 ? -6.906  -1.057  -10.678 1.00 20.10 ? 193 PHE A N   1 
ATOM   1110 C CA  . PHE A 1 151 ? -8.260  -0.498  -10.636 1.00 20.47 ? 193 PHE A CA  1 
ATOM   1111 C C   . PHE A 1 151 ? -9.299  -1.536  -11.038 1.00 20.75 ? 193 PHE A C   1 
ATOM   1112 O O   . PHE A 1 151 ? -9.042  -2.383  -11.890 1.00 21.17 ? 193 PHE A O   1 
ATOM   1113 C CB  . PHE A 1 151 ? -8.347  0.737   -11.540 1.00 21.04 ? 193 PHE A CB  1 
ATOM   1114 C CG  . PHE A 1 151 ? -7.527  1.899   -11.038 1.00 19.29 ? 193 PHE A CG  1 
ATOM   1115 C CD1 . PHE A 1 151 ? -8.004  2.702   -10.003 1.00 21.00 ? 193 PHE A CD1 1 
ATOM   1116 C CD2 . PHE A 1 151 ? -6.271  2.176   -11.582 1.00 20.86 ? 193 PHE A CD2 1 
ATOM   1117 C CE1 . PHE A 1 151 ? -7.241  3.775   -9.514  1.00 21.82 ? 193 PHE A CE1 1 
ATOM   1118 C CE2 . PHE A 1 151 ? -5.494  3.239   -11.109 1.00 22.15 ? 193 PHE A CE2 1 
ATOM   1119 C CZ  . PHE A 1 151 ? -5.977  4.046   -10.071 1.00 21.36 ? 193 PHE A CZ  1 
ATOM   1120 N N   . SER A 1 152 ? -10.469 -1.480  -10.410 1.00 21.21 ? 194 SER A N   1 
ATOM   1121 C CA  . SER A 1 152 ? -11.533 -2.442  -10.706 1.00 23.22 ? 194 SER A CA  1 
ATOM   1122 C C   . SER A 1 152 ? -12.292 -2.092  -11.989 1.00 23.96 ? 194 SER A C   1 
ATOM   1123 O O   . SER A 1 152 ? -12.279 -0.944  -12.450 1.00 21.72 ? 194 SER A O   1 
ATOM   1124 C CB  . SER A 1 152 ? -12.542 -2.495  -9.555  1.00 22.80 ? 194 SER A CB  1 
ATOM   1125 O OG  . SER A 1 152 ? -13.367 -1.344  -9.587  1.00 25.91 ? 194 SER A OG  1 
ATOM   1126 N N   . TYR A 1 153 ? -12.952 -3.096  -12.559 1.00 26.09 ? 195 TYR A N   1 
ATOM   1127 C CA  . TYR A 1 153 ? -13.746 -2.924  -13.771 1.00 29.24 ? 195 TYR A CA  1 
ATOM   1128 C C   . TYR A 1 153 ? -14.699 -1.744  -13.673 1.00 29.01 ? 195 TYR A C   1 
ATOM   1129 O O   . TYR A 1 153 ? -14.727 -0.891  -14.555 1.00 31.68 ? 195 TYR A O   1 
ATOM   1130 C CB  . TYR A 1 153 ? -14.591 -4.168  -14.049 1.00 31.81 ? 195 TYR A CB  1 
ATOM   1131 C CG  . TYR A 1 153 ? -13.943 -5.235  -14.890 1.00 35.67 ? 195 TYR A CG  1 
ATOM   1132 C CD1 . TYR A 1 153 ? -13.266 -4.917  -16.068 1.00 37.23 ? 195 TYR A CD1 1 
ATOM   1133 C CD2 . TYR A 1 153 ? -14.069 -6.580  -14.540 1.00 38.64 ? 195 TYR A CD2 1 
ATOM   1134 C CE1 . TYR A 1 153 ? -12.732 -5.913  -16.876 1.00 39.28 ? 195 TYR A CE1 1 
ATOM   1135 C CE2 . TYR A 1 153 ? -13.542 -7.581  -15.338 1.00 40.88 ? 195 TYR A CE2 1 
ATOM   1136 C CZ  . TYR A 1 153 ? -12.875 -7.242  -16.504 1.00 41.74 ? 195 TYR A CZ  1 
ATOM   1137 O OH  . TYR A 1 153 ? -12.353 -8.241  -17.294 1.00 47.01 ? 195 TYR A OH  1 
ATOM   1138 N N   . ASP A 1 154 ? -15.504 -1.709  -12.616 1.00 28.90 ? 196 ASP A N   1 
ATOM   1139 C CA  . ASP A 1 154 ? -16.478 -0.625  -12.455 1.00 29.02 ? 196 ASP A CA  1 
ATOM   1140 C C   . ASP A 1 154 ? -15.822 0.743   -12.465 1.00 27.91 ? 196 ASP A C   1 
ATOM   1141 O O   . ASP A 1 154 ? -16.305 1.663   -13.111 1.00 28.13 ? 196 ASP A O   1 
ATOM   1142 C CB  . ASP A 1 154 ? -17.285 -0.789  -11.160 1.00 31.31 ? 196 ASP A CB  1 
ATOM   1143 C CG  . ASP A 1 154 ? -18.153 -2.044  -11.158 1.00 31.47 ? 196 ASP A CG  1 
ATOM   1144 O OD1 . ASP A 1 154 ? -18.439 -2.591  -12.243 1.00 31.38 ? 196 ASP A OD1 1 
ATOM   1145 O OD2 . ASP A 1 154 ? -18.562 -2.478  -10.064 1.00 35.10 ? 196 ASP A OD2 1 
ATOM   1146 N N   . ILE A 1 155 ? -14.719 0.877   -11.738 1.00 27.79 ? 197 ILE A N   1 
ATOM   1147 C CA  . ILE A 1 155 ? -13.993 2.144   -11.681 1.00 25.12 ? 197 ILE A CA  1 
ATOM   1148 C C   . ILE A 1 155 ? -13.493 2.522   -13.075 1.00 22.15 ? 197 ILE A C   1 
ATOM   1149 O O   . ILE A 1 155 ? -13.542 3.688   -13.471 1.00 21.13 ? 197 ILE A O   1 
ATOM   1150 C CB  . ILE A 1 155 ? -12.800 2.042   -10.683 1.00 24.75 ? 197 ILE A CB  1 
ATOM   1151 C CG1 . ILE A 1 155 ? -13.348 1.940   -9.256  1.00 24.88 ? 197 ILE A CG1 1 
ATOM   1152 C CG2 . ILE A 1 155 ? -11.888 3.267   -10.782 1.00 21.76 ? 197 ILE A CG2 1 
ATOM   1153 C CD1 . ILE A 1 155 ? -14.074 3.199   -8.798  1.00 23.22 ? 197 ILE A CD1 1 
ATOM   1154 N N   . ILE A 1 156 ? -13.018 1.522   -13.814 1.00 22.77 ? 198 ILE A N   1 
ATOM   1155 C CA  . ILE A 1 156 ? -12.504 1.719   -15.169 1.00 20.73 ? 198 ILE A CA  1 
ATOM   1156 C C   . ILE A 1 156 ? -13.629 2.157   -16.126 1.00 21.74 ? 198 ILE A C   1 
ATOM   1157 O O   . ILE A 1 156 ? -13.437 3.039   -16.970 1.00 21.13 ? 198 ILE A O   1 
ATOM   1158 C CB  . ILE A 1 156 ? -11.792 0.418   -15.668 1.00 20.14 ? 198 ILE A CB  1 
ATOM   1159 C CG1 . ILE A 1 156 ? -10.540 0.163   -14.811 1.00 18.32 ? 198 ILE A CG1 1 
ATOM   1160 C CG2 . ILE A 1 156 ? -11.386 0.545   -17.127 1.00 20.12 ? 198 ILE A CG2 1 
ATOM   1161 C CD1 . ILE A 1 156 ? -9.805  -1.115  -15.141 1.00 20.79 ? 198 ILE A CD1 1 
ATOM   1162 N N   . ASP A 1 157 ? -14.807 1.560   -15.985 1.00 22.50 ? 199 ASP A N   1 
ATOM   1163 C CA  . ASP A 1 157 ? -15.948 1.927   -16.829 1.00 23.83 ? 199 ASP A CA  1 
ATOM   1164 C C   . ASP A 1 157 ? -16.326 3.388   -16.586 1.00 23.04 ? 199 ASP A C   1 
ATOM   1165 O O   . ASP A 1 157 ? -16.686 4.116   -17.505 1.00 23.89 ? 199 ASP A O   1 
ATOM   1166 C CB  . ASP A 1 157 ? -17.160 1.043   -16.522 1.00 23.65 ? 199 ASP A CB  1 
ATOM   1167 C CG  . ASP A 1 157 ? -17.012 -0.356  -17.063 1.00 28.11 ? 199 ASP A CG  1 
ATOM   1168 O OD1 . ASP A 1 157 ? -16.229 -0.541  -18.015 1.00 29.62 ? 199 ASP A OD1 1 
ATOM   1169 O OD2 . ASP A 1 157 ? -17.688 -1.272  -16.541 1.00 31.12 ? 199 ASP A OD2 1 
ATOM   1170 N N   . THR A 1 158 ? -16.257 3.809   -15.336 1.00 22.22 ? 200 THR A N   1 
ATOM   1171 C CA  . THR A 1 158 ? -16.578 5.185   -14.989 1.00 23.78 ? 200 THR A CA  1 
ATOM   1172 C C   . THR A 1 158 ? -15.496 6.115   -15.551 1.00 23.54 ? 200 THR A C   1 
ATOM   1173 O O   . THR A 1 158 ? -15.789 7.225   -16.003 1.00 23.06 ? 200 THR A O   1 
ATOM   1174 C CB  . THR A 1 158 ? -16.681 5.329   -13.458 1.00 24.16 ? 200 THR A CB  1 
ATOM   1175 O OG1 . THR A 1 158 ? -17.686 4.424   -12.987 1.00 24.03 ? 200 THR A OG1 1 
ATOM   1176 C CG2 . THR A 1 158 ? -17.062 6.771   -13.051 1.00 18.94 ? 200 THR A CG2 1 
ATOM   1177 N N   . ILE A 1 159 ? -14.247 5.657   -15.532 1.00 22.57 ? 201 ILE A N   1 
ATOM   1178 C CA  . ILE A 1 159 ? -13.142 6.453   -16.070 1.00 23.36 ? 201 ILE A CA  1 
ATOM   1179 C C   . ILE A 1 159 ? -13.338 6.632   -17.581 1.00 25.47 ? 201 ILE A C   1 
ATOM   1180 O O   . ILE A 1 159 ? -13.166 7.733   -18.112 1.00 24.62 ? 201 ILE A O   1 
ATOM   1181 C CB  . ILE A 1 159 ? -11.786 5.766   -15.815 1.00 22.39 ? 201 ILE A CB  1 
ATOM   1182 C CG1 . ILE A 1 159 ? -11.424 5.872   -14.325 1.00 22.21 ? 201 ILE A CG1 1 
ATOM   1183 C CG2 . ILE A 1 159 ? -10.709 6.380   -16.704 1.00 21.68 ? 201 ILE A CG2 1 
ATOM   1184 C CD1 . ILE A 1 159 ? -10.290 4.927   -13.889 1.00 19.90 ? 201 ILE A CD1 1 
ATOM   1185 N N   . ILE A 1 160 ? -13.699 5.541   -18.257 1.00 25.80 ? 202 ILE A N   1 
ATOM   1186 C CA  . ILE A 1 160 ? -13.937 5.554   -19.699 1.00 26.97 ? 202 ILE A CA  1 
ATOM   1187 C C   . ILE A 1 160 ? -15.085 6.500   -20.062 1.00 27.55 ? 202 ILE A C   1 
ATOM   1188 O O   . ILE A 1 160 ? -15.017 7.208   -21.072 1.00 27.30 ? 202 ILE A O   1 
ATOM   1189 C CB  . ILE A 1 160 ? -14.276 4.133   -20.225 1.00 26.78 ? 202 ILE A CB  1 
ATOM   1190 C CG1 . ILE A 1 160 ? -13.084 3.199   -20.019 1.00 27.61 ? 202 ILE A CG1 1 
ATOM   1191 C CG2 . ILE A 1 160 ? -14.649 4.190   -21.703 1.00 26.77 ? 202 ILE A CG2 1 
ATOM   1192 C CD1 . ILE A 1 160 ? -11.821 3.657   -20.713 1.00 24.40 ? 202 ILE A CD1 1 
ATOM   1193 N N   . GLN A 1 161 ? -16.140 6.512   -19.248 1.00 27.56 ? 203 GLN A N   1 
ATOM   1194 C CA  . GLN A 1 161 ? -17.282 7.391   -19.504 1.00 29.72 ? 203 GLN A CA  1 
ATOM   1195 C C   . GLN A 1 161 ? -16.809 8.834   -19.350 1.00 32.12 ? 203 GLN A C   1 
ATOM   1196 O O   . GLN A 1 161 ? -17.198 9.718   -20.114 1.00 32.42 ? 203 GLN A O   1 
ATOM   1197 C CB  . GLN A 1 161 ? -18.424 7.090   -18.516 1.00 31.13 ? 203 GLN A CB  1 
ATOM   1198 C CG  . GLN A 1 161 ? -19.596 8.076   -18.542 1.00 32.10 ? 203 GLN A CG  1 
ATOM   1199 C CD  . GLN A 1 161 ? -20.733 7.670   -17.597 1.00 35.15 ? 203 GLN A CD  1 
ATOM   1200 O OE1 . GLN A 1 161 ? -20.526 6.918   -16.636 1.00 37.68 ? 203 GLN A OE1 1 
ATOM   1201 N NE2 . GLN A 1 161 ? -21.937 8.177   -17.862 1.00 35.83 ? 203 GLN A NE2 1 
ATOM   1202 N N   . GLU A 1 162 ? -15.944 9.053   -18.365 1.00 33.87 ? 204 GLU A N   1 
ATOM   1203 C CA  . GLU A 1 162 ? -15.401 10.373  -18.078 1.00 35.66 ? 204 GLU A CA  1 
ATOM   1204 C C   . GLU A 1 162 ? -14.511 10.861  -19.215 1.00 36.23 ? 204 GLU A C   1 
ATOM   1205 O O   . GLU A 1 162 ? -14.610 12.011  -19.645 1.00 34.15 ? 204 GLU A O   1 
ATOM   1206 C CB  . GLU A 1 162 ? -14.593 10.328  -16.783 1.00 39.56 ? 204 GLU A CB  1 
ATOM   1207 C CG  . GLU A 1 162 ? -14.692 11.586  -15.945 1.00 44.80 ? 204 GLU A CG  1 
ATOM   1208 C CD  . GLU A 1 162 ? -16.117 11.864  -15.520 1.00 47.25 ? 204 GLU A CD  1 
ATOM   1209 O OE1 . GLU A 1 162 ? -16.754 10.940  -14.962 1.00 49.42 ? 204 GLU A OE1 1 
ATOM   1210 O OE2 . GLU A 1 162 ? -16.599 12.999  -15.744 1.00 47.55 ? 204 GLU A OE2 1 
ATOM   1211 N N   . LEU A 1 163 ? -13.642 9.975   -19.692 1.00 36.92 ? 205 LEU A N   1 
ATOM   1212 C CA  . LEU A 1 163 ? -12.716 10.286  -20.778 1.00 38.19 ? 205 LEU A CA  1 
ATOM   1213 C C   . LEU A 1 163 ? -13.435 10.678  -22.061 1.00 39.30 ? 205 LEU A C   1 
ATOM   1214 O O   . LEU A 1 163 ? -13.005 11.599  -22.753 1.00 39.86 ? 205 LEU A O   1 
ATOM   1215 C CB  . LEU A 1 163 ? -11.811 9.085   -21.064 1.00 36.66 ? 205 LEU A CB  1 
ATOM   1216 C CG  . LEU A 1 163 ? -10.713 9.288   -22.114 1.00 37.96 ? 205 LEU A CG  1 
ATOM   1217 C CD1 . LEU A 1 163 ? -9.560  10.082  -21.507 1.00 35.67 ? 205 LEU A CD1 1 
ATOM   1218 C CD2 . LEU A 1 163 ? -10.216 7.924   -22.610 1.00 36.41 ? 205 LEU A CD2 1 
ATOM   1219 N N   . ASP A 1 164 ? -14.521 9.980   -22.386 1.00 40.99 ? 206 ASP A N   1 
ATOM   1220 C CA  . ASP A 1 164 ? -15.267 10.295  -23.602 1.00 43.67 ? 206 ASP A CA  1 
ATOM   1221 C C   . ASP A 1 164 ? -15.865 11.691  -23.516 1.00 44.72 ? 206 ASP A C   1 
ATOM   1222 O O   . ASP A 1 164 ? -16.023 12.371  -24.528 1.00 46.39 ? 206 ASP A O   1 
ATOM   1223 C CB  . ASP A 1 164 ? -16.390 9.281   -23.842 1.00 44.10 ? 206 ASP A CB  1 
ATOM   1224 C CG  . ASP A 1 164 ? -15.877 7.868   -24.002 1.00 47.46 ? 206 ASP A CG  1 
ATOM   1225 O OD1 . ASP A 1 164 ? -14.782 7.685   -24.581 1.00 47.74 ? 206 ASP A OD1 1 
ATOM   1226 O OD2 . ASP A 1 164 ? -16.579 6.933   -23.561 1.00 49.60 ? 206 ASP A OD2 1 
ATOM   1227 N N   . LEU A 1 165 ? -16.208 12.114  -22.305 1.00 45.93 ? 207 LEU A N   1 
ATOM   1228 C CA  . LEU A 1 165 ? -16.780 13.435  -22.120 1.00 47.74 ? 207 LEU A CA  1 
ATOM   1229 C C   . LEU A 1 165 ? -15.728 14.424  -22.612 1.00 49.35 ? 207 LEU A C   1 
ATOM   1230 O O   . LEU A 1 165 ? -16.048 15.461  -23.193 1.00 50.81 ? 207 LEU A O   1 
ATOM   1231 C CB  . LEU A 1 165 ? -17.086 13.675  -20.645 1.00 47.20 ? 207 LEU A CB  1 
ATOM   1232 C CG  . LEU A 1 165 ? -18.295 14.556  -20.328 1.00 48.57 ? 207 LEU A CG  1 
ATOM   1233 C CD1 . LEU A 1 165 ? -19.570 13.941  -20.931 1.00 48.28 ? 207 LEU A CD1 1 
ATOM   1234 C CD2 . LEU A 1 165 ? -18.420 14.694  -18.812 1.00 48.34 ? 207 LEU A CD2 1 
ATOM   1235 N N   . ILE A 1 166 ? -14.465 14.080  -22.378 1.00 49.42 ? 208 ILE A N   1 
ATOM   1236 C CA  . ILE A 1 166 ? -13.345 14.908  -22.796 1.00 49.51 ? 208 ILE A CA  1 
ATOM   1237 C C   . ILE A 1 166 ? -13.115 14.758  -24.299 1.00 49.12 ? 208 ILE A C   1 
ATOM   1238 O O   . ILE A 1 166 ? -12.956 15.794  -24.973 1.00 49.87 ? 208 ILE A O   1 
ATOM   1239 C CB  . ILE A 1 166 ? -12.087 14.511  -22.023 1.00 49.14 ? 208 ILE A CB  1 
HETATM 1240 O O   . HOH B 2 .   ? 0.645   -1.123  -15.604 1.00 29.36 ? 220 HOH A O   1 
HETATM 1241 O O   . HOH B 2 .   ? -10.859 0.062   -7.949  1.00 19.99 ? 221 HOH A O   1 
HETATM 1242 O O   . HOH B 2 .   ? 4.003   3.680   -20.079 1.00 28.79 ? 222 HOH A O   1 
HETATM 1243 O O   . HOH B 2 .   ? 5.290   -4.158  -0.613  1.00 24.71 ? 223 HOH A O   1 
HETATM 1244 O O   . HOH B 2 .   ? 5.649   -6.692  26.786  1.00 29.21 ? 224 HOH A O   1 
HETATM 1245 O O   . HOH B 2 .   ? -7.188  -4.651  -11.527 1.00 21.47 ? 225 HOH A O   1 
HETATM 1246 O O   . HOH B 2 .   ? 0.958   -2.367  -11.511 1.00 21.97 ? 226 HOH A O   1 
HETATM 1247 O O   . HOH B 2 .   ? -10.546 17.683  -8.998  1.00 40.20 ? 227 HOH A O   1 
HETATM 1248 O O   . HOH B 2 .   ? -3.773  0.649   16.379  1.00 47.32 ? 228 HOH A O   1 
HETATM 1249 O O   . HOH B 2 .   ? -6.564  -0.154  8.686   1.00 24.47 ? 229 HOH A O   1 
HETATM 1250 O O   . HOH B 2 .   ? -3.023  6.051   -7.198  1.00 24.96 ? 230 HOH A O   1 
HETATM 1251 O O   . HOH B 2 .   ? 10.713  -1.140  29.867  1.00 35.16 ? 231 HOH A O   1 
HETATM 1252 O O   . HOH B 2 .   ? 3.101   2.400   11.971  1.00 28.25 ? 232 HOH A O   1 
HETATM 1253 O O   . HOH B 2 .   ? -7.144  11.293  -7.408  1.00 28.08 ? 233 HOH A O   1 
HETATM 1254 O O   . HOH B 2 .   ? -14.146 4.449   0.161   1.00 26.60 ? 234 HOH A O   1 
HETATM 1255 O O   . HOH B 2 .   ? 21.802  2.977   21.258  1.00 28.70 ? 235 HOH A O   1 
HETATM 1256 O O   . HOH B 2 .   ? -15.428 -0.872  -8.032  1.00 34.93 ? 236 HOH A O   1 
HETATM 1257 O O   . HOH B 2 .   ? -7.524  17.579  -20.634 1.00 51.48 ? 237 HOH A O   1 
HETATM 1258 O O   . HOH B 2 .   ? -1.109  6.337   -31.917 1.00 33.54 ? 238 HOH A O   1 
HETATM 1259 O O   . HOH B 2 .   ? -1.227  -6.261  10.050  1.00 34.93 ? 239 HOH A O   1 
HETATM 1260 O O   . HOH B 2 .   ? -7.952  2.108   8.562   1.00 29.06 ? 240 HOH A O   1 
HETATM 1261 O O   . HOH B 2 .   ? -15.654 -3.733  -10.389 1.00 25.99 ? 241 HOH A O   1 
HETATM 1262 O O   . HOH B 2 .   ? 4.470   1.850   -7.778  1.00 28.65 ? 242 HOH A O   1 
HETATM 1263 O O   . HOH B 2 .   ? -17.715 3.166   -19.701 1.00 24.09 ? 243 HOH A O   1 
HETATM 1264 O O   . HOH B 2 .   ? 21.107  -4.023  19.916  1.00 51.23 ? 244 HOH A O   1 
HETATM 1265 O O   . HOH B 2 .   ? -7.908  -1.257  10.747  1.00 29.27 ? 245 HOH A O   1 
HETATM 1266 O O   . HOH B 2 .   ? -11.704 -2.131  1.673   1.00 47.11 ? 246 HOH A O   1 
HETATM 1267 O O   . HOH B 2 .   ? -12.942 12.394  -2.734  1.00 47.12 ? 247 HOH A O   1 
HETATM 1268 O O   . HOH B 2 .   ? 8.506   4.858   13.118  1.00 27.86 ? 248 HOH A O   1 
HETATM 1269 O O   . HOH B 2 .   ? -4.981  12.231  -3.214  1.00 44.42 ? 249 HOH A O   1 
HETATM 1270 O O   . HOH B 2 .   ? 2.023   6.109   -15.493 1.00 50.93 ? 250 HOH A O   1 
HETATM 1271 O O   . HOH B 2 .   ? 2.538   -6.563  10.497  1.00 33.03 ? 251 HOH A O   1 
HETATM 1272 O O   . HOH B 2 .   ? 2.384   -11.213 0.452   1.00 41.05 ? 252 HOH A O   1 
HETATM 1273 O O   . HOH B 2 .   ? -0.515  -7.011  -22.567 1.00 34.01 ? 253 HOH A O   1 
HETATM 1274 O O   . HOH B 2 .   ? 3.496   -4.109  -7.148  1.00 45.51 ? 254 HOH A O   1 
HETATM 1275 O O   . HOH B 2 .   ? -4.825  -1.829  -31.621 1.00 53.20 ? 255 HOH A O   1 
HETATM 1276 O O   . HOH B 2 .   ? -6.824  0.599   -34.085 1.00 35.57 ? 256 HOH A O   1 
HETATM 1277 O O   . HOH B 2 .   ? -0.028  -11.283 16.100  1.00 48.51 ? 257 HOH A O   1 
HETATM 1278 O O   . HOH B 2 .   ? 3.272   -0.735  12.381  1.00 27.57 ? 258 HOH A O   1 
HETATM 1279 O O   . HOH B 2 .   ? 8.472   0.626   5.498   1.00 46.89 ? 259 HOH A O   1 
HETATM 1280 O O   . HOH B 2 .   ? 0.216   -4.232  23.640  1.00 29.80 ? 260 HOH A O   1 
HETATM 1281 O O   . HOH B 2 .   ? 2.589   5.068   14.156  1.00 49.78 ? 261 HOH A O   1 
HETATM 1282 O O   . HOH B 2 .   ? 3.069   -2.952  -10.065 1.00 34.02 ? 262 HOH A O   1 
HETATM 1283 O O   . HOH B 2 .   ? 2.137   -0.417  -13.726 1.00 26.18 ? 263 HOH A O   1 
HETATM 1284 O O   . HOH B 2 .   ? -2.158  -0.709  17.886  1.00 37.84 ? 264 HOH A O   1 
HETATM 1285 O O   . HOH B 2 .   ? -15.796 -4.004  -7.948  1.00 36.53 ? 265 HOH A O   1 
HETATM 1286 O O   . HOH B 2 .   ? 8.220   7.228   11.839  1.00 29.89 ? 266 HOH A O   1 
HETATM 1287 O O   . HOH B 2 .   ? -17.408 1.545   -8.713  1.00 32.75 ? 267 HOH A O   1 
HETATM 1288 O O   . HOH B 2 .   ? 14.105  7.375   7.689   1.00 68.86 ? 268 HOH A O   1 
HETATM 1289 O O   . HOH B 2 .   ? -5.942  -0.753  16.298  1.00 34.51 ? 269 HOH A O   1 
# 
